data_1Q2C
# 
_entry.id   1Q2C 
# 
_audit_conform.dict_name       mmcif_pdbx.dic 
_audit_conform.dict_version    5.386 
_audit_conform.dict_location   http://mmcif.pdb.org/dictionaries/ascii/mmcif_pdbx.dic 
# 
loop_
_database_2.database_id 
_database_2.database_code 
_database_2.pdbx_database_accession 
_database_2.pdbx_DOI 
PDB   1Q2C         pdb_00001q2c 10.2210/pdb1q2c/pdb 
RCSB  RCSB019827   ?            ?                   
WWPDB D_1000019827 ?            ?                   
# 
loop_
_pdbx_audit_revision_history.ordinal 
_pdbx_audit_revision_history.data_content_type 
_pdbx_audit_revision_history.major_revision 
_pdbx_audit_revision_history.minor_revision 
_pdbx_audit_revision_history.revision_date 
1 'Structure model' 1 0 2004-08-03 
2 'Structure model' 1 1 2008-04-29 
3 'Structure model' 1 2 2011-07-13 
4 'Structure model' 1 3 2024-02-14 
# 
_pdbx_audit_revision_details.ordinal             1 
_pdbx_audit_revision_details.revision_ordinal    1 
_pdbx_audit_revision_details.data_content_type   'Structure model' 
_pdbx_audit_revision_details.provider            repository 
_pdbx_audit_revision_details.type                'Initial release' 
_pdbx_audit_revision_details.description         ? 
_pdbx_audit_revision_details.details             ? 
# 
loop_
_pdbx_audit_revision_group.ordinal 
_pdbx_audit_revision_group.revision_ordinal 
_pdbx_audit_revision_group.data_content_type 
_pdbx_audit_revision_group.group 
1 2 'Structure model' 'Version format compliance' 
2 3 'Structure model' 'Version format compliance' 
3 4 'Structure model' 'Data collection'           
4 4 'Structure model' 'Database references'       
5 4 'Structure model' 'Derived calculations'      
# 
loop_
_pdbx_audit_revision_category.ordinal 
_pdbx_audit_revision_category.revision_ordinal 
_pdbx_audit_revision_category.data_content_type 
_pdbx_audit_revision_category.category 
1 4 'Structure model' chem_comp_atom     
2 4 'Structure model' chem_comp_bond     
3 4 'Structure model' database_2         
4 4 'Structure model' struct_ref_seq_dif 
5 4 'Structure model' struct_site        
# 
loop_
_pdbx_audit_revision_item.ordinal 
_pdbx_audit_revision_item.revision_ordinal 
_pdbx_audit_revision_item.data_content_type 
_pdbx_audit_revision_item.item 
1 4 'Structure model' '_database_2.pdbx_DOI'                
2 4 'Structure model' '_database_2.pdbx_database_accession' 
3 4 'Structure model' '_struct_ref_seq_dif.details'         
4 4 'Structure model' '_struct_site.pdbx_auth_asym_id'      
5 4 'Structure model' '_struct_site.pdbx_auth_comp_id'      
6 4 'Structure model' '_struct_site.pdbx_auth_seq_id'       
# 
_pdbx_database_status.status_code                     REL 
_pdbx_database_status.entry_id                        1Q2C 
_pdbx_database_status.recvd_initial_deposition_date   2003-07-24 
_pdbx_database_status.deposit_site                    RCSB 
_pdbx_database_status.process_site                    RCSB 
_pdbx_database_status.SG_entry                        . 
_pdbx_database_status.status_code_sf                  ? 
_pdbx_database_status.status_code_mr                  ? 
_pdbx_database_status.pdb_format_compatible           Y 
_pdbx_database_status.status_code_cs                  ? 
_pdbx_database_status.status_code_nmr_data            ? 
_pdbx_database_status.methods_development_category    ? 
# 
loop_
_pdbx_database_related.db_name 
_pdbx_database_related.db_id 
_pdbx_database_related.details 
_pdbx_database_related.content_type 
PDB 1QSN . unspecified 
PDB 1QSR . unspecified 
PDB 1QST . unspecified 
PDB 1M1D . unspecified 
PDB 1PU9 . unspecified 
PDB 1PUA . unspecified 
PDB 1Q2D . unspecified 
# 
loop_
_audit_author.name 
_audit_author.pdbx_ordinal 
'Poux, A.N.'      1 
'Marmorstein, R.' 2 
# 
_citation.id                        primary 
_citation.title                     'Structural basis for histone and phosphohistone binding by the GCN5 histone acetyltransferase' 
_citation.journal_abbrev            Mol.Cell 
_citation.journal_volume            12 
_citation.page_first                461 
_citation.page_last                 473 
_citation.year                      2003 
_citation.journal_id_ASTM           MOCEFL 
_citation.country                   US 
_citation.journal_id_ISSN           1097-2765 
_citation.journal_id_CSD            2168 
_citation.book_publisher            ? 
_citation.pdbx_database_id_PubMed   14536085 
_citation.pdbx_database_id_DOI      '10.1016/S1097-2765(03)00288-0' 
# 
loop_
_citation_author.citation_id 
_citation_author.name 
_citation_author.ordinal 
_citation_author.identifier_ORCID 
primary 'Clements, A.'    1 ? 
primary 'Poux, A.N.'      2 ? 
primary 'Lo, S.'          3 ? 
primary 'Pillus, L.'      4 ? 
primary 'Berger, S.L.'    5 ? 
primary 'Marmorstein, R.' 6 ? 
# 
loop_
_entity.id 
_entity.type 
_entity.src_method 
_entity.pdbx_description 
_entity.formula_weight 
_entity.pdbx_number_of_molecules 
_entity.pdbx_ec 
_entity.pdbx_mutation 
_entity.pdbx_fragment 
_entity.details 
1 polymer     man 'histone acetyltransferase GCN5' 19344.500 1  2.3.1.- ? 'Residues 49-209, catalytic domain' ? 
2 polymer     syn 'Histone H4 peptide'             1872.191  1  ?       ? 'Residues 1-19'                     ? 
3 non-polymer syn 'COENZYME A'                     767.534   1  ?       ? ?                                   ? 
4 water       nat water                            18.015    47 ?       ? ?                                   ? 
# 
_entity_name_com.entity_id   1 
_entity_name_com.name        'HAT A1' 
# 
_entity_name_sys.entity_id   1 
_entity_name_sys.name        E.C.2.3.1.- 
# 
loop_
_entity_poly.entity_id 
_entity_poly.type 
_entity_poly.nstd_linkage 
_entity_poly.nstd_monomer 
_entity_poly.pdbx_seq_one_letter_code 
_entity_poly.pdbx_seq_one_letter_code_can 
_entity_poly.pdbx_strand_id 
_entity_poly.pdbx_target_identifier 
1 'polypeptide(L)' no no 
;LDFDILTNDGTHRNMKLLIDLKNIFSRQLPKMPKEYIVKLVFDRHHESMVILKNKQKVIGGICFRQYKPQRFAEVAFLAV
TANEQVRGYGTRLMNKFKDHMQKQNIEYLLTYADNFAIGYFKKQGFTKEHRMPQEKWKGYIKDYDGGTLMECYIHPYVDY
GR
;
;LDFDILTNDGTHRNMKLLIDLKNIFSRQLPKMPKEYIVKLVFDRHHESMVILKNKQKVIGGICFRQYKPQRFAEVAFLAV
TANEQVRGYGTRLMNKFKDHMQKQNIEYLLTYADNFAIGYFKKQGFTKEHRMPQEKWKGYIKDYDGGTLMECYIHPYVDY
GR
;
A ? 
2 'polypeptide(L)' no no SGRGKGGKGLGKGGAKRHR SGRGKGGKGLGKGGAKRHR B ? 
# 
loop_
_pdbx_entity_nonpoly.entity_id 
_pdbx_entity_nonpoly.name 
_pdbx_entity_nonpoly.comp_id 
3 'COENZYME A' COA 
4 water        HOH 
# 
loop_
_entity_poly_seq.entity_id 
_entity_poly_seq.num 
_entity_poly_seq.mon_id 
_entity_poly_seq.hetero 
1 1   LEU n 
1 2   ASP n 
1 3   PHE n 
1 4   ASP n 
1 5   ILE n 
1 6   LEU n 
1 7   THR n 
1 8   ASN n 
1 9   ASP n 
1 10  GLY n 
1 11  THR n 
1 12  HIS n 
1 13  ARG n 
1 14  ASN n 
1 15  MET n 
1 16  LYS n 
1 17  LEU n 
1 18  LEU n 
1 19  ILE n 
1 20  ASP n 
1 21  LEU n 
1 22  LYS n 
1 23  ASN n 
1 24  ILE n 
1 25  PHE n 
1 26  SER n 
1 27  ARG n 
1 28  GLN n 
1 29  LEU n 
1 30  PRO n 
1 31  LYS n 
1 32  MET n 
1 33  PRO n 
1 34  LYS n 
1 35  GLU n 
1 36  TYR n 
1 37  ILE n 
1 38  VAL n 
1 39  LYS n 
1 40  LEU n 
1 41  VAL n 
1 42  PHE n 
1 43  ASP n 
1 44  ARG n 
1 45  HIS n 
1 46  HIS n 
1 47  GLU n 
1 48  SER n 
1 49  MET n 
1 50  VAL n 
1 51  ILE n 
1 52  LEU n 
1 53  LYS n 
1 54  ASN n 
1 55  LYS n 
1 56  GLN n 
1 57  LYS n 
1 58  VAL n 
1 59  ILE n 
1 60  GLY n 
1 61  GLY n 
1 62  ILE n 
1 63  CYS n 
1 64  PHE n 
1 65  ARG n 
1 66  GLN n 
1 67  TYR n 
1 68  LYS n 
1 69  PRO n 
1 70  GLN n 
1 71  ARG n 
1 72  PHE n 
1 73  ALA n 
1 74  GLU n 
1 75  VAL n 
1 76  ALA n 
1 77  PHE n 
1 78  LEU n 
1 79  ALA n 
1 80  VAL n 
1 81  THR n 
1 82  ALA n 
1 83  ASN n 
1 84  GLU n 
1 85  GLN n 
1 86  VAL n 
1 87  ARG n 
1 88  GLY n 
1 89  TYR n 
1 90  GLY n 
1 91  THR n 
1 92  ARG n 
1 93  LEU n 
1 94  MET n 
1 95  ASN n 
1 96  LYS n 
1 97  PHE n 
1 98  LYS n 
1 99  ASP n 
1 100 HIS n 
1 101 MET n 
1 102 GLN n 
1 103 LYS n 
1 104 GLN n 
1 105 ASN n 
1 106 ILE n 
1 107 GLU n 
1 108 TYR n 
1 109 LEU n 
1 110 LEU n 
1 111 THR n 
1 112 TYR n 
1 113 ALA n 
1 114 ASP n 
1 115 ASN n 
1 116 PHE n 
1 117 ALA n 
1 118 ILE n 
1 119 GLY n 
1 120 TYR n 
1 121 PHE n 
1 122 LYS n 
1 123 LYS n 
1 124 GLN n 
1 125 GLY n 
1 126 PHE n 
1 127 THR n 
1 128 LYS n 
1 129 GLU n 
1 130 HIS n 
1 131 ARG n 
1 132 MET n 
1 133 PRO n 
1 134 GLN n 
1 135 GLU n 
1 136 LYS n 
1 137 TRP n 
1 138 LYS n 
1 139 GLY n 
1 140 TYR n 
1 141 ILE n 
1 142 LYS n 
1 143 ASP n 
1 144 TYR n 
1 145 ASP n 
1 146 GLY n 
1 147 GLY n 
1 148 THR n 
1 149 LEU n 
1 150 MET n 
1 151 GLU n 
1 152 CYS n 
1 153 TYR n 
1 154 ILE n 
1 155 HIS n 
1 156 PRO n 
1 157 TYR n 
1 158 VAL n 
1 159 ASP n 
1 160 TYR n 
1 161 GLY n 
1 162 ARG n 
2 1   SER n 
2 2   GLY n 
2 3   ARG n 
2 4   GLY n 
2 5   LYS n 
2 6   GLY n 
2 7   GLY n 
2 8   LYS n 
2 9   GLY n 
2 10  LEU n 
2 11  GLY n 
2 12  LYS n 
2 13  GLY n 
2 14  GLY n 
2 15  ALA n 
2 16  LYS n 
2 17  ARG n 
2 18  HIS n 
2 19  ARG n 
# 
_entity_src_gen.entity_id                          1 
_entity_src_gen.pdbx_src_id                        1 
_entity_src_gen.pdbx_alt_source_flag               sample 
_entity_src_gen.pdbx_seq_type                      ? 
_entity_src_gen.pdbx_beg_seq_num                   ? 
_entity_src_gen.pdbx_end_seq_num                   ? 
_entity_src_gen.gene_src_common_name               ? 
_entity_src_gen.gene_src_genus                     Tetrahymena 
_entity_src_gen.pdbx_gene_src_gene                 ? 
_entity_src_gen.gene_src_species                   ? 
_entity_src_gen.gene_src_strain                    ? 
_entity_src_gen.gene_src_tissue                    ? 
_entity_src_gen.gene_src_tissue_fraction           ? 
_entity_src_gen.gene_src_details                   ? 
_entity_src_gen.pdbx_gene_src_fragment             ? 
_entity_src_gen.pdbx_gene_src_scientific_name      'Tetrahymena thermophila' 
_entity_src_gen.pdbx_gene_src_ncbi_taxonomy_id     5911 
_entity_src_gen.pdbx_gene_src_variant              ? 
_entity_src_gen.pdbx_gene_src_cell_line            ? 
_entity_src_gen.pdbx_gene_src_atcc                 ? 
_entity_src_gen.pdbx_gene_src_organ                ? 
_entity_src_gen.pdbx_gene_src_organelle            ? 
_entity_src_gen.pdbx_gene_src_cell                 ? 
_entity_src_gen.pdbx_gene_src_cellular_location    ? 
_entity_src_gen.host_org_common_name               ? 
_entity_src_gen.pdbx_host_org_scientific_name      'Escherichia coli BL21' 
_entity_src_gen.pdbx_host_org_ncbi_taxonomy_id     511693 
_entity_src_gen.host_org_genus                     Escherichia 
_entity_src_gen.pdbx_host_org_gene                 ? 
_entity_src_gen.pdbx_host_org_organ                ? 
_entity_src_gen.host_org_species                   'Escherichia coli' 
_entity_src_gen.pdbx_host_org_tissue               ? 
_entity_src_gen.pdbx_host_org_tissue_fraction      ? 
_entity_src_gen.pdbx_host_org_strain               BL-21 
_entity_src_gen.pdbx_host_org_variant              ? 
_entity_src_gen.pdbx_host_org_cell_line            ? 
_entity_src_gen.pdbx_host_org_atcc                 ? 
_entity_src_gen.pdbx_host_org_culture_collection   ? 
_entity_src_gen.pdbx_host_org_cell                 ? 
_entity_src_gen.pdbx_host_org_organelle            ? 
_entity_src_gen.pdbx_host_org_cellular_location    ? 
_entity_src_gen.pdbx_host_org_vector_type          plasmid 
_entity_src_gen.pdbx_host_org_vector               ? 
_entity_src_gen.host_org_details                   ? 
_entity_src_gen.expression_system_id               ? 
_entity_src_gen.plasmid_name                       PRSETA 
_entity_src_gen.plasmid_details                    ? 
_entity_src_gen.pdbx_description                   ? 
# 
loop_
_chem_comp.id 
_chem_comp.type 
_chem_comp.mon_nstd_flag 
_chem_comp.name 
_chem_comp.pdbx_synonyms 
_chem_comp.formula 
_chem_comp.formula_weight 
ALA 'L-peptide linking' y ALANINE         ? 'C3 H7 N O2'          89.093  
ARG 'L-peptide linking' y ARGININE        ? 'C6 H15 N4 O2 1'      175.209 
ASN 'L-peptide linking' y ASPARAGINE      ? 'C4 H8 N2 O3'         132.118 
ASP 'L-peptide linking' y 'ASPARTIC ACID' ? 'C4 H7 N O4'          133.103 
COA non-polymer         . 'COENZYME A'    ? 'C21 H36 N7 O16 P3 S' 767.534 
CYS 'L-peptide linking' y CYSTEINE        ? 'C3 H7 N O2 S'        121.158 
GLN 'L-peptide linking' y GLUTAMINE       ? 'C5 H10 N2 O3'        146.144 
GLU 'L-peptide linking' y 'GLUTAMIC ACID' ? 'C5 H9 N O4'          147.129 
GLY 'peptide linking'   y GLYCINE         ? 'C2 H5 N O2'          75.067  
HIS 'L-peptide linking' y HISTIDINE       ? 'C6 H10 N3 O2 1'      156.162 
HOH non-polymer         . WATER           ? 'H2 O'                18.015  
ILE 'L-peptide linking' y ISOLEUCINE      ? 'C6 H13 N O2'         131.173 
LEU 'L-peptide linking' y LEUCINE         ? 'C6 H13 N O2'         131.173 
LYS 'L-peptide linking' y LYSINE          ? 'C6 H15 N2 O2 1'      147.195 
MET 'L-peptide linking' y METHIONINE      ? 'C5 H11 N O2 S'       149.211 
PHE 'L-peptide linking' y PHENYLALANINE   ? 'C9 H11 N O2'         165.189 
PRO 'L-peptide linking' y PROLINE         ? 'C5 H9 N O2'          115.130 
SER 'L-peptide linking' y SERINE          ? 'C3 H7 N O3'          105.093 
THR 'L-peptide linking' y THREONINE       ? 'C4 H9 N O3'          119.119 
TRP 'L-peptide linking' y TRYPTOPHAN      ? 'C11 H12 N2 O2'       204.225 
TYR 'L-peptide linking' y TYROSINE        ? 'C9 H11 N O3'         181.189 
VAL 'L-peptide linking' y VALINE          ? 'C5 H11 N O2'         117.146 
# 
loop_
_pdbx_poly_seq_scheme.asym_id 
_pdbx_poly_seq_scheme.entity_id 
_pdbx_poly_seq_scheme.seq_id 
_pdbx_poly_seq_scheme.mon_id 
_pdbx_poly_seq_scheme.ndb_seq_num 
_pdbx_poly_seq_scheme.pdb_seq_num 
_pdbx_poly_seq_scheme.auth_seq_num 
_pdbx_poly_seq_scheme.pdb_mon_id 
_pdbx_poly_seq_scheme.auth_mon_id 
_pdbx_poly_seq_scheme.pdb_strand_id 
_pdbx_poly_seq_scheme.pdb_ins_code 
_pdbx_poly_seq_scheme.hetero 
A 1 1   LEU 1   49  49  LEU LEU A . n 
A 1 2   ASP 2   50  50  ASP ASP A . n 
A 1 3   PHE 3   51  51  PHE PHE A . n 
A 1 4   ASP 4   52  52  ASP ASP A . n 
A 1 5   ILE 5   53  53  ILE ILE A . n 
A 1 6   LEU 6   54  54  LEU LEU A . n 
A 1 7   THR 7   55  55  THR THR A . n 
A 1 8   ASN 8   56  56  ASN ASN A . n 
A 1 9   ASP 9   57  57  ASP ASP A . n 
A 1 10  GLY 10  58  58  GLY GLY A . n 
A 1 11  THR 11  59  59  THR THR A . n 
A 1 12  HIS 12  60  60  HIS HIS A . n 
A 1 13  ARG 13  61  61  ARG ARG A . n 
A 1 14  ASN 14  62  62  ASN ASN A . n 
A 1 15  MET 15  63  63  MET MET A . n 
A 1 16  LYS 16  64  64  LYS LYS A . n 
A 1 17  LEU 17  65  65  LEU LEU A . n 
A 1 18  LEU 18  66  66  LEU LEU A . n 
A 1 19  ILE 19  67  67  ILE ILE A . n 
A 1 20  ASP 20  68  68  ASP ASP A . n 
A 1 21  LEU 21  69  69  LEU LEU A . n 
A 1 22  LYS 22  70  70  LYS LYS A . n 
A 1 23  ASN 23  71  71  ASN ASN A . n 
A 1 24  ILE 24  72  72  ILE ILE A . n 
A 1 25  PHE 25  73  73  PHE PHE A . n 
A 1 26  SER 26  74  74  SER SER A . n 
A 1 27  ARG 27  75  75  ARG ARG A . n 
A 1 28  GLN 28  76  76  GLN GLN A . n 
A 1 29  LEU 29  77  77  LEU LEU A . n 
A 1 30  PRO 30  78  78  PRO PRO A . n 
A 1 31  LYS 31  79  79  LYS LYS A . n 
A 1 32  MET 32  80  80  MET MET A . n 
A 1 33  PRO 33  81  81  PRO PRO A . n 
A 1 34  LYS 34  82  82  LYS LYS A . n 
A 1 35  GLU 35  83  83  GLU GLU A . n 
A 1 36  TYR 36  84  84  TYR TYR A . n 
A 1 37  ILE 37  85  85  ILE ILE A . n 
A 1 38  VAL 38  86  86  VAL VAL A . n 
A 1 39  LYS 39  87  87  LYS LYS A . n 
A 1 40  LEU 40  88  88  LEU LEU A . n 
A 1 41  VAL 41  89  89  VAL VAL A . n 
A 1 42  PHE 42  90  90  PHE PHE A . n 
A 1 43  ASP 43  91  91  ASP ASP A . n 
A 1 44  ARG 44  92  92  ARG ARG A . n 
A 1 45  HIS 45  93  93  HIS HIS A . n 
A 1 46  HIS 46  94  94  HIS HIS A . n 
A 1 47  GLU 47  95  95  GLU GLU A . n 
A 1 48  SER 48  96  96  SER SER A . n 
A 1 49  MET 49  97  97  MET MET A . n 
A 1 50  VAL 50  98  98  VAL VAL A . n 
A 1 51  ILE 51  99  99  ILE ILE A . n 
A 1 52  LEU 52  100 100 LEU LEU A . n 
A 1 53  LYS 53  101 101 LYS LYS A . n 
A 1 54  ASN 54  102 102 ASN ASN A . n 
A 1 55  LYS 55  103 103 LYS LYS A . n 
A 1 56  GLN 56  104 104 GLN GLN A . n 
A 1 57  LYS 57  105 105 LYS LYS A . n 
A 1 58  VAL 58  106 106 VAL VAL A . n 
A 1 59  ILE 59  107 107 ILE ILE A . n 
A 1 60  GLY 60  108 108 GLY GLY A . n 
A 1 61  GLY 61  109 109 GLY GLY A . n 
A 1 62  ILE 62  110 110 ILE ILE A . n 
A 1 63  CYS 63  111 111 CYS CYS A . n 
A 1 64  PHE 64  112 112 PHE PHE A . n 
A 1 65  ARG 65  113 113 ARG ARG A . n 
A 1 66  GLN 66  114 114 GLN GLN A . n 
A 1 67  TYR 67  115 115 TYR TYR A . n 
A 1 68  LYS 68  116 116 LYS LYS A . n 
A 1 69  PRO 69  117 117 PRO PRO A . n 
A 1 70  GLN 70  118 118 GLN GLN A . n 
A 1 71  ARG 71  119 119 ARG ARG A . n 
A 1 72  PHE 72  120 120 PHE PHE A . n 
A 1 73  ALA 73  121 121 ALA ALA A . n 
A 1 74  GLU 74  122 122 GLU GLU A . n 
A 1 75  VAL 75  123 123 VAL VAL A . n 
A 1 76  ALA 76  124 124 ALA ALA A . n 
A 1 77  PHE 77  125 125 PHE PHE A . n 
A 1 78  LEU 78  126 126 LEU LEU A . n 
A 1 79  ALA 79  127 127 ALA ALA A . n 
A 1 80  VAL 80  128 128 VAL VAL A . n 
A 1 81  THR 81  129 129 THR THR A . n 
A 1 82  ALA 82  130 130 ALA ALA A . n 
A 1 83  ASN 83  131 131 ASN ASN A . n 
A 1 84  GLU 84  132 132 GLU GLU A . n 
A 1 85  GLN 85  133 133 GLN GLN A . n 
A 1 86  VAL 86  134 134 VAL VAL A . n 
A 1 87  ARG 87  135 135 ARG ARG A . n 
A 1 88  GLY 88  136 136 GLY GLY A . n 
A 1 89  TYR 89  137 137 TYR TYR A . n 
A 1 90  GLY 90  138 138 GLY GLY A . n 
A 1 91  THR 91  139 139 THR THR A . n 
A 1 92  ARG 92  140 140 ARG ARG A . n 
A 1 93  LEU 93  141 141 LEU LEU A . n 
A 1 94  MET 94  142 142 MET MET A . n 
A 1 95  ASN 95  143 143 ASN ASN A . n 
A 1 96  LYS 96  144 144 LYS LYS A . n 
A 1 97  PHE 97  145 145 PHE PHE A . n 
A 1 98  LYS 98  146 146 LYS LYS A . n 
A 1 99  ASP 99  147 147 ASP ASP A . n 
A 1 100 HIS 100 148 148 HIS HIS A . n 
A 1 101 MET 101 149 149 MET MET A . n 
A 1 102 GLN 102 150 150 GLN GLN A . n 
A 1 103 LYS 103 151 151 LYS LYS A . n 
A 1 104 GLN 104 152 152 GLN GLN A . n 
A 1 105 ASN 105 153 153 ASN ASN A . n 
A 1 106 ILE 106 154 154 ILE ILE A . n 
A 1 107 GLU 107 155 155 GLU GLU A . n 
A 1 108 TYR 108 156 156 TYR TYR A . n 
A 1 109 LEU 109 157 157 LEU LEU A . n 
A 1 110 LEU 110 158 158 LEU LEU A . n 
A 1 111 THR 111 159 159 THR THR A . n 
A 1 112 TYR 112 160 160 TYR TYR A . n 
A 1 113 ALA 113 161 161 ALA ALA A . n 
A 1 114 ASP 114 162 162 ASP ASP A . n 
A 1 115 ASN 115 163 163 ASN ASN A . n 
A 1 116 PHE 116 164 164 PHE PHE A . n 
A 1 117 ALA 117 165 165 ALA ALA A . n 
A 1 118 ILE 118 166 166 ILE ILE A . n 
A 1 119 GLY 119 167 167 GLY GLY A . n 
A 1 120 TYR 120 168 168 TYR TYR A . n 
A 1 121 PHE 121 169 169 PHE PHE A . n 
A 1 122 LYS 122 170 170 LYS LYS A . n 
A 1 123 LYS 123 171 171 LYS LYS A . n 
A 1 124 GLN 124 172 172 GLN GLN A . n 
A 1 125 GLY 125 173 173 GLY GLY A . n 
A 1 126 PHE 126 174 174 PHE PHE A . n 
A 1 127 THR 127 175 175 THR THR A . n 
A 1 128 LYS 128 176 176 LYS LYS A . n 
A 1 129 GLU 129 177 177 GLU GLU A . n 
A 1 130 HIS 130 178 178 HIS HIS A . n 
A 1 131 ARG 131 179 179 ARG ARG A . n 
A 1 132 MET 132 180 180 MET MET A . n 
A 1 133 PRO 133 181 181 PRO PRO A . n 
A 1 134 GLN 134 182 182 GLN GLN A . n 
A 1 135 GLU 135 183 183 GLU GLU A . n 
A 1 136 LYS 136 184 184 LYS LYS A . n 
A 1 137 TRP 137 185 185 TRP TRP A . n 
A 1 138 LYS 138 186 186 LYS LYS A . n 
A 1 139 GLY 139 187 187 GLY GLY A . n 
A 1 140 TYR 140 188 188 TYR TYR A . n 
A 1 141 ILE 141 189 189 ILE ILE A . n 
A 1 142 LYS 142 190 190 LYS LYS A . n 
A 1 143 ASP 143 191 191 ASP ASP A . n 
A 1 144 TYR 144 192 192 TYR TYR A . n 
A 1 145 ASP 145 193 193 ASP ASP A . n 
A 1 146 GLY 146 194 194 GLY GLY A . n 
A 1 147 GLY 147 195 195 GLY GLY A . n 
A 1 148 THR 148 196 196 THR THR A . n 
A 1 149 LEU 149 197 197 LEU LEU A . n 
A 1 150 MET 150 198 198 MET MET A . n 
A 1 151 GLU 151 199 199 GLU GLU A . n 
A 1 152 CYS 152 200 200 CYS CYS A . n 
A 1 153 TYR 153 201 201 TYR TYR A . n 
A 1 154 ILE 154 202 202 ILE ILE A . n 
A 1 155 HIS 155 203 203 HIS HIS A . n 
A 1 156 PRO 156 204 204 PRO PRO A . n 
A 1 157 TYR 157 205 205 TYR TYR A . n 
A 1 158 VAL 158 206 206 VAL VAL A . n 
A 1 159 ASP 159 207 207 ASP ASP A . n 
A 1 160 TYR 160 208 208 TYR TYR A . n 
A 1 161 GLY 161 209 209 GLY GLY A . n 
A 1 162 ARG 162 210 210 ARG ARG A . n 
B 2 1   SER 1   301 ?   ?   ?   B . n 
B 2 2   GLY 2   302 ?   ?   ?   B . n 
B 2 3   ARG 3   303 ?   ?   ?   B . n 
B 2 4   GLY 4   304 ?   ?   ?   B . n 
B 2 5   LYS 5   305 ?   ?   ?   B . n 
B 2 6   GLY 6   306 ?   ?   ?   B . n 
B 2 7   GLY 7   307 ?   ?   ?   B . n 
B 2 8   LYS 8   308 308 LYS LYS B . n 
B 2 9   GLY 9   309 309 GLY GLY B . n 
B 2 10  LEU 10  310 310 LEU LEU B . n 
B 2 11  GLY 11  311 311 GLY GLY B . n 
B 2 12  LYS 12  312 312 LYS LYS B . n 
B 2 13  GLY 13  313 313 GLY GLY B . n 
B 2 14  GLY 14  314 314 GLY GLY B . n 
B 2 15  ALA 15  315 315 ALA ALA B . n 
B 2 16  LYS 16  316 ?   ?   ?   B . n 
B 2 17  ARG 17  317 ?   ?   ?   B . n 
B 2 18  HIS 18  318 ?   ?   ?   B . n 
B 2 19  ARG 19  319 ?   ?   ?   B . n 
# 
loop_
_pdbx_nonpoly_scheme.asym_id 
_pdbx_nonpoly_scheme.entity_id 
_pdbx_nonpoly_scheme.mon_id 
_pdbx_nonpoly_scheme.ndb_seq_num 
_pdbx_nonpoly_scheme.pdb_seq_num 
_pdbx_nonpoly_scheme.auth_seq_num 
_pdbx_nonpoly_scheme.pdb_mon_id 
_pdbx_nonpoly_scheme.auth_mon_id 
_pdbx_nonpoly_scheme.pdb_strand_id 
_pdbx_nonpoly_scheme.pdb_ins_code 
C 3 COA 1  401 401 COA COA A . 
D 4 HOH 1  501 501 HOH HOH A . 
D 4 HOH 2  502 502 HOH HOH A . 
D 4 HOH 3  503 503 HOH HOH A . 
D 4 HOH 4  504 504 HOH HOH A . 
D 4 HOH 5  505 505 HOH HOH A . 
D 4 HOH 6  506 506 HOH HOH A . 
D 4 HOH 7  507 507 HOH HOH A . 
D 4 HOH 8  508 508 HOH HOH A . 
D 4 HOH 9  509 509 HOH HOH A . 
D 4 HOH 10 510 510 HOH HOH A . 
D 4 HOH 11 511 511 HOH HOH A . 
D 4 HOH 12 512 512 HOH HOH A . 
D 4 HOH 13 513 513 HOH HOH A . 
D 4 HOH 14 514 514 HOH HOH A . 
D 4 HOH 15 515 515 HOH HOH A . 
D 4 HOH 16 516 516 HOH HOH A . 
D 4 HOH 17 517 517 HOH HOH A . 
D 4 HOH 18 518 518 HOH HOH A . 
D 4 HOH 19 519 519 HOH HOH A . 
D 4 HOH 20 520 520 HOH HOH A . 
D 4 HOH 21 521 521 HOH HOH A . 
D 4 HOH 22 522 522 HOH HOH A . 
D 4 HOH 23 523 523 HOH HOH A . 
D 4 HOH 24 524 524 HOH HOH A . 
D 4 HOH 25 525 525 HOH HOH A . 
D 4 HOH 26 526 526 HOH HOH A . 
D 4 HOH 27 527 527 HOH HOH A . 
D 4 HOH 28 528 528 HOH HOH A . 
D 4 HOH 29 529 529 HOH HOH A . 
D 4 HOH 30 530 530 HOH HOH A . 
D 4 HOH 31 531 531 HOH HOH A . 
D 4 HOH 32 532 532 HOH HOH A . 
D 4 HOH 33 533 533 HOH HOH A . 
D 4 HOH 34 534 534 HOH HOH A . 
D 4 HOH 35 535 535 HOH HOH A . 
D 4 HOH 36 536 536 HOH HOH A . 
D 4 HOH 37 537 537 HOH HOH A . 
D 4 HOH 38 538 538 HOH HOH A . 
D 4 HOH 39 539 539 HOH HOH A . 
D 4 HOH 40 540 540 HOH HOH A . 
D 4 HOH 41 541 541 HOH HOH A . 
D 4 HOH 42 542 542 HOH HOH A . 
D 4 HOH 43 543 543 HOH HOH A . 
D 4 HOH 44 544 544 HOH HOH A . 
D 4 HOH 45 545 545 HOH HOH A . 
D 4 HOH 46 546 546 HOH HOH A . 
D 4 HOH 47 547 547 HOH HOH A . 
# 
loop_
_software.name 
_software.classification 
_software.version 
_software.citation_id 
_software.pdbx_ordinal 
MOSFLM 'data reduction' .         ? 1 
SCALA  'data scaling'   .         ? 2 
AMoRE  phasing          .         ? 3 
CNS    refinement       1.1       ? 4 
CCP4   'data scaling'   '(SCALA)' ? 5 
# 
_cell.entry_id           1Q2C 
_cell.length_a           65.132 
_cell.length_b           65.132 
_cell.length_c           96.568 
_cell.angle_alpha        90.00 
_cell.angle_beta         90.00 
_cell.angle_gamma        120.00 
_cell.Z_PDB              6 
_cell.pdbx_unique_axis   ? 
_cell.length_a_esd       ? 
_cell.length_b_esd       ? 
_cell.length_c_esd       ? 
_cell.angle_alpha_esd    ? 
_cell.angle_beta_esd     ? 
_cell.angle_gamma_esd    ? 
# 
_symmetry.entry_id                         1Q2C 
_symmetry.space_group_name_H-M             'P 32 2 1' 
_symmetry.cell_setting                     trigonal 
_symmetry.pdbx_full_space_group_name_H-M   ? 
_symmetry.Int_Tables_number                154 
_symmetry.space_group_name_Hall            ? 
# 
_exptl.entry_id          1Q2C 
_exptl.method            'X-RAY DIFFRACTION' 
_exptl.crystals_number   1 
# 
_exptl_crystal.id                    1 
_exptl_crystal.density_meas          ? 
_exptl_crystal.density_percent_sol   55.85 
_exptl_crystal.density_Matthews      2.79 
_exptl_crystal.description           ? 
_exptl_crystal.F_000                 ? 
_exptl_crystal.preparation           ? 
# 
_exptl_crystal_grow.crystal_id      1 
_exptl_crystal_grow.method          'VAPOR DIFFUSION, HANGING DROP' 
_exptl_crystal_grow.temp            298 
_exptl_crystal_grow.pH              8.5 
_exptl_crystal_grow.pdbx_details    
'Ammonium sulfate, Tris-HCl, Magnesium Chloride, pH 8.5, VAPOR DIFFUSION, HANGING DROP, temperature 298K' 
_exptl_crystal_grow.temp_details    ? 
_exptl_crystal_grow.pdbx_pH_range   . 
# 
_diffrn.id                     1 
_diffrn.ambient_temp           ? 
_diffrn.ambient_temp_details   ? 
_diffrn.crystal_id             1 
# 
_diffrn_detector.diffrn_id              1 
_diffrn_detector.detector               CCD 
_diffrn_detector.type                   'ADSC QUANTUM 210' 
_diffrn_detector.pdbx_collection_date   2000-06-08 
_diffrn_detector.details                ? 
# 
_diffrn_radiation.diffrn_id                        1 
_diffrn_radiation.wavelength_id                    1 
_diffrn_radiation.pdbx_monochromatic_or_laue_m_l   M 
_diffrn_radiation.monochromator                    ? 
_diffrn_radiation.pdbx_diffrn_protocol             'SINGLE WAVELENGTH' 
_diffrn_radiation.pdbx_scattering_type             x-ray 
# 
_diffrn_radiation_wavelength.id           1 
_diffrn_radiation_wavelength.wavelength   0.9213 
_diffrn_radiation_wavelength.wt           1.0 
# 
_diffrn_source.diffrn_id                   1 
_diffrn_source.source                      SYNCHROTRON 
_diffrn_source.type                        'CHESS BEAMLINE A1' 
_diffrn_source.pdbx_synchrotron_site       CHESS 
_diffrn_source.pdbx_synchrotron_beamline   A1 
_diffrn_source.pdbx_wavelength             ? 
_diffrn_source.pdbx_wavelength_list        0.9213 
# 
_reflns.entry_id                     1Q2C 
_reflns.observed_criterion_sigma_I   0.0 
_reflns.observed_criterion_sigma_F   ? 
_reflns.d_resolution_low             27.0 
_reflns.d_resolution_high            2.00 
_reflns.number_obs                   23766 
_reflns.number_all                   28910 
_reflns.percent_possible_obs         93.5 
_reflns.pdbx_Rmerge_I_obs            ? 
_reflns.pdbx_Rsym_value              ? 
_reflns.pdbx_netI_over_sigmaI        ? 
_reflns.B_iso_Wilson_estimate        20.2 
_reflns.pdbx_redundancy              ? 
_reflns.R_free_details               ? 
_reflns.limit_h_max                  ? 
_reflns.limit_h_min                  ? 
_reflns.limit_k_max                  ? 
_reflns.limit_k_min                  ? 
_reflns.limit_l_max                  ? 
_reflns.limit_l_min                  ? 
_reflns.observed_criterion_F_max     ? 
_reflns.observed_criterion_F_min     ? 
_reflns.pdbx_chi_squared             ? 
_reflns.pdbx_scaling_rejects         ? 
_reflns.pdbx_diffrn_id               1 
_reflns.pdbx_ordinal                 1 
# 
_reflns_shell.d_res_high             2.00 
_reflns_shell.d_res_low              2.25 
_reflns_shell.percent_possible_all   94.4 
_reflns_shell.Rmerge_I_obs           ? 
_reflns_shell.pdbx_Rsym_value        ? 
_reflns_shell.meanI_over_sigI_obs    ? 
_reflns_shell.pdbx_redundancy        ? 
_reflns_shell.percent_possible_obs   ? 
_reflns_shell.number_unique_all      ? 
_reflns_shell.number_measured_all    ? 
_reflns_shell.number_measured_obs    ? 
_reflns_shell.number_unique_obs      ? 
_reflns_shell.pdbx_chi_squared       ? 
_reflns_shell.pdbx_diffrn_id         ? 
_reflns_shell.pdbx_ordinal           1 
# 
_refine.entry_id                                 1Q2C 
_refine.ls_number_reflns_obs                     10916 
_refine.ls_number_reflns_all                     ? 
_refine.pdbx_ls_sigma_I                          ? 
_refine.pdbx_ls_sigma_F                          0.0 
_refine.pdbx_data_cutoff_high_absF               ? 
_refine.pdbx_data_cutoff_low_absF                ? 
_refine.pdbx_data_cutoff_high_rms_absF           ? 
_refine.ls_d_res_low                             27.07 
_refine.ls_d_res_high                            2.25 
_refine.ls_percent_reflns_obs                    93.5 
_refine.ls_R_factor_obs                          0.2521 
_refine.ls_R_factor_all                          ? 
_refine.ls_R_factor_R_work                       0.252 
_refine.ls_R_factor_R_free                       0.279 
_refine.ls_R_factor_R_free_error                 0.008 
_refine.ls_R_factor_R_free_error_details         ? 
_refine.ls_percent_reflns_R_free                 10.0 
_refine.ls_number_reflns_R_free                  1094 
_refine.ls_number_parameters                     ? 
_refine.ls_number_restraints                     ? 
_refine.occupancy_min                            ? 
_refine.occupancy_max                            ? 
_refine.correlation_coeff_Fo_to_Fc               ? 
_refine.correlation_coeff_Fo_to_Fc_free          ? 
_refine.B_iso_mean                               29.9 
_refine.aniso_B[1][1]                            4.83 
_refine.aniso_B[2][2]                            4.83 
_refine.aniso_B[3][3]                            -9.66 
_refine.aniso_B[1][2]                            4.19 
_refine.aniso_B[1][3]                            0.00 
_refine.aniso_B[2][3]                            0.00 
_refine.solvent_model_details                    'FLAT MODEL' 
_refine.solvent_model_param_ksol                 0.425026 
_refine.solvent_model_param_bsol                 45.1872 
_refine.pdbx_solvent_vdw_probe_radii             ? 
_refine.pdbx_solvent_ion_probe_radii             ? 
_refine.pdbx_solvent_shrinkage_radii             ? 
_refine.pdbx_ls_cross_valid_method               THROUGHOUT 
_refine.details                                  ? 
_refine.pdbx_starting_model                      ? 
_refine.pdbx_method_to_determine_struct          'MOLECULAR REPLACEMENT' 
_refine.pdbx_isotropic_thermal_model             RESTRAINED 
_refine.pdbx_stereochemistry_target_values       ? 
_refine.pdbx_stereochem_target_val_spec_case     ? 
_refine.pdbx_R_Free_selection_details            RANDOM 
_refine.pdbx_overall_ESU_R_Free                  ? 
_refine.overall_SU_ML                            ? 
_refine.overall_SU_B                             ? 
_refine.ls_redundancy_reflns_obs                 ? 
_refine.B_iso_min                                ? 
_refine.B_iso_max                                ? 
_refine.overall_SU_R_Cruickshank_DPI             ? 
_refine.overall_SU_R_free                        ? 
_refine.pdbx_refine_id                           'X-RAY DIFFRACTION' 
_refine.pdbx_overall_ESU_R                       ? 
_refine.pdbx_overall_phase_error                 ? 
_refine.ls_wR_factor_R_free                      ? 
_refine.ls_wR_factor_R_work                      ? 
_refine.overall_FOM_free_R_set                   ? 
_refine.overall_FOM_work_R_set                   ? 
_refine.pdbx_diffrn_id                           1 
_refine.pdbx_TLS_residual_ADP_flag               ? 
_refine.pdbx_overall_SU_R_free_Cruickshank_DPI   ? 
_refine.pdbx_overall_SU_R_Blow_DPI               ? 
_refine.pdbx_overall_SU_R_free_Blow_DPI          ? 
# 
_refine_analyze.entry_id                        1Q2C 
_refine_analyze.Luzzati_coordinate_error_obs    ? 
_refine_analyze.Luzzati_sigma_a_obs             ? 
_refine_analyze.Luzzati_d_res_low_obs           ? 
_refine_analyze.Luzzati_coordinate_error_free   0.37 
_refine_analyze.Luzzati_sigma_a_free            0.27 
_refine_analyze.Luzzati_d_res_low_free          ? 
_refine_analyze.number_disordered_residues      ? 
_refine_analyze.occupancy_sum_hydrogen          ? 
_refine_analyze.occupancy_sum_non_hydrogen      ? 
_refine_analyze.pdbx_Luzzati_d_res_high_obs     ? 
_refine_analyze.pdbx_refine_id                  'X-RAY DIFFRACTION' 
# 
_refine_hist.pdbx_refine_id                   'X-RAY DIFFRACTION' 
_refine_hist.cycle_id                         LAST 
_refine_hist.pdbx_number_atoms_protein        1408 
_refine_hist.pdbx_number_atoms_nucleic_acid   0 
_refine_hist.pdbx_number_atoms_ligand         48 
_refine_hist.number_atoms_solvent             47 
_refine_hist.number_atoms_total               1503 
_refine_hist.d_res_high                       2.25 
_refine_hist.d_res_low                        27.07 
# 
loop_
_refine_ls_restr.type 
_refine_ls_restr.dev_ideal 
_refine_ls_restr.dev_ideal_target 
_refine_ls_restr.weight 
_refine_ls_restr.number 
_refine_ls_restr.pdbx_refine_id 
_refine_ls_restr.pdbx_restraint_function 
c_bond_d           0.238 ? ? ? 'X-RAY DIFFRACTION' ? 
c_angle_deg        5.7   ? ? ? 'X-RAY DIFFRACTION' ? 
c_dihedral_angle_d 23.3  ? ? ? 'X-RAY DIFFRACTION' ? 
c_improper_angle_d 1.97  ? ? ? 'X-RAY DIFFRACTION' ? 
c_mcbond_it        ?     ? ? ? 'X-RAY DIFFRACTION' ? 
c_mcangle_it       ?     ? ? ? 'X-RAY DIFFRACTION' ? 
c_scbond_it        ?     ? ? ? 'X-RAY DIFFRACTION' ? 
c_scangle_it       ?     ? ? ? 'X-RAY DIFFRACTION' ? 
# 
_refine_ls_shell.pdbx_total_number_of_bins_used   6 
_refine_ls_shell.d_res_high                       2.25 
_refine_ls_shell.d_res_low                        2.39 
_refine_ls_shell.number_reflns_R_work             1634 
_refine_ls_shell.R_factor_R_work                  0.257 
_refine_ls_shell.percent_reflns_obs               95.8 
_refine_ls_shell.R_factor_R_free                  0.282 
_refine_ls_shell.R_factor_R_free_error            0.022 
_refine_ls_shell.percent_reflns_R_free            9.5 
_refine_ls_shell.number_reflns_R_free             171 
_refine_ls_shell.number_reflns_obs                ? 
_refine_ls_shell.redundancy_reflns_obs            ? 
_refine_ls_shell.number_reflns_all                ? 
_refine_ls_shell.pdbx_refine_id                   'X-RAY DIFFRACTION' 
_refine_ls_shell.R_factor_all                     ? 
# 
loop_
_pdbx_xplor_file.serial_no 
_pdbx_xplor_file.param_file 
_pdbx_xplor_file.topol_file 
_pdbx_xplor_file.pdbx_refine_id 
1 PROTEIN_REP.PARAM PROTEIN.TOP 'X-RAY DIFFRACTION' 
2 COA_OLD.PAR       COA_OLD.TOP 'X-RAY DIFFRACTION' 
3 WATER_REP.PARAM   WATER.TOP   'X-RAY DIFFRACTION' 
# 
_struct.entry_id                  1Q2C 
_struct.title                     'Crystal Structure of Tetrahymena GCN5 With Bound Coenzyme A and a 19-residue Histone H4 Peptide' 
_struct.pdbx_model_details        ? 
_struct.pdbx_CASP_flag            ? 
_struct.pdbx_model_type_details   ? 
# 
_struct_keywords.entry_id        1Q2C 
_struct_keywords.pdbx_keywords   'TRANSFERASE/STRUCTURAL PROTEIN' 
_struct_keywords.text            'Tetrahymena; GCN5; Histone H4; X-ray structure, TRANSFERASE-STRUCTURAL PROTEIN COMPLEX' 
# 
loop_
_struct_asym.id 
_struct_asym.pdbx_blank_PDB_chainid_flag 
_struct_asym.pdbx_modified 
_struct_asym.entity_id 
_struct_asym.details 
A N N 1 ? 
B N N 2 ? 
C N N 3 ? 
D N N 4 ? 
# 
loop_
_struct_ref.id 
_struct_ref.entity_id 
_struct_ref.db_name 
_struct_ref.db_code 
_struct_ref.pdbx_db_accession 
_struct_ref.pdbx_align_begin 
_struct_ref.pdbx_seq_one_letter_code 
_struct_ref.pdbx_db_isoform 
1 1 UNP Q27198_TETTH Q27198 49 
;LDFDILTNDGTHRNMKLLIDLKNIFSRQLPKMPKEYIVKLVLDRHHESMVILKNKQKVIGGICFRQYKPQRFAEVAFLAV
TANEQVRGYGTRLMNKFKDHMQKQNIEYLLTYADNFAIGYFKKQGFTKEHRMPQEKWKGYIKDYDGGTLMECYIHPYVDY
GN
;
? 
2 2 PDB 1Q2C         1Q2C   ?  ? ? 
# 
loop_
_struct_ref_seq.align_id 
_struct_ref_seq.ref_id 
_struct_ref_seq.pdbx_PDB_id_code 
_struct_ref_seq.pdbx_strand_id 
_struct_ref_seq.seq_align_beg 
_struct_ref_seq.pdbx_seq_align_beg_ins_code 
_struct_ref_seq.seq_align_end 
_struct_ref_seq.pdbx_seq_align_end_ins_code 
_struct_ref_seq.pdbx_db_accession 
_struct_ref_seq.db_align_beg 
_struct_ref_seq.pdbx_db_align_beg_ins_code 
_struct_ref_seq.db_align_end 
_struct_ref_seq.pdbx_db_align_end_ins_code 
_struct_ref_seq.pdbx_auth_seq_align_beg 
_struct_ref_seq.pdbx_auth_seq_align_end 
1 1 1Q2C A 1 ? 162 ? Q27198 49  ? 210 ? 49  210 
2 2 1Q2C B 1 ? 19  ? 1Q2C   301 ? 319 ? 301 319 
# 
loop_
_struct_ref_seq_dif.align_id 
_struct_ref_seq_dif.pdbx_pdb_id_code 
_struct_ref_seq_dif.mon_id 
_struct_ref_seq_dif.pdbx_pdb_strand_id 
_struct_ref_seq_dif.seq_num 
_struct_ref_seq_dif.pdbx_pdb_ins_code 
_struct_ref_seq_dif.pdbx_seq_db_name 
_struct_ref_seq_dif.pdbx_seq_db_accession_code 
_struct_ref_seq_dif.db_mon_id 
_struct_ref_seq_dif.pdbx_seq_db_seq_num 
_struct_ref_seq_dif.details 
_struct_ref_seq_dif.pdbx_auth_seq_num 
_struct_ref_seq_dif.pdbx_ordinal 
1 1Q2C PHE A 42  ? UNP Q27198 LEU 90  'cloning artifact' 90  1 
1 1Q2C ARG A 162 ? UNP Q27198 ASN 210 'cloning artifact' 210 2 
# 
_pdbx_struct_assembly.id                   1 
_pdbx_struct_assembly.details              author_and_software_defined_assembly 
_pdbx_struct_assembly.method_details       PISA 
_pdbx_struct_assembly.oligomeric_details   dimeric 
_pdbx_struct_assembly.oligomeric_count     2 
# 
loop_
_pdbx_struct_assembly_prop.biol_id 
_pdbx_struct_assembly_prop.type 
_pdbx_struct_assembly_prop.value 
_pdbx_struct_assembly_prop.details 
1 'ABSA (A^2)' 970   ? 
1 MORE         -7    ? 
1 'SSA (A^2)'  10320 ? 
# 
_pdbx_struct_assembly_gen.assembly_id       1 
_pdbx_struct_assembly_gen.oper_expression   1 
_pdbx_struct_assembly_gen.asym_id_list      A,B,C,D 
# 
_pdbx_struct_oper_list.id                   1 
_pdbx_struct_oper_list.type                 'identity operation' 
_pdbx_struct_oper_list.name                 1_555 
_pdbx_struct_oper_list.symmetry_operation   x,y,z 
_pdbx_struct_oper_list.matrix[1][1]         1.0000000000 
_pdbx_struct_oper_list.matrix[1][2]         0.0000000000 
_pdbx_struct_oper_list.matrix[1][3]         0.0000000000 
_pdbx_struct_oper_list.vector[1]            0.0000000000 
_pdbx_struct_oper_list.matrix[2][1]         0.0000000000 
_pdbx_struct_oper_list.matrix[2][2]         1.0000000000 
_pdbx_struct_oper_list.matrix[2][3]         0.0000000000 
_pdbx_struct_oper_list.vector[2]            0.0000000000 
_pdbx_struct_oper_list.matrix[3][1]         0.0000000000 
_pdbx_struct_oper_list.matrix[3][2]         0.0000000000 
_pdbx_struct_oper_list.matrix[3][3]         1.0000000000 
_pdbx_struct_oper_list.vector[3]            0.0000000000 
# 
_struct_biol.id                    1 
_struct_biol.pdbx_parent_biol_id   ? 
_struct_biol.details               ? 
# 
loop_
_struct_conf.conf_type_id 
_struct_conf.id 
_struct_conf.pdbx_PDB_helix_id 
_struct_conf.beg_label_comp_id 
_struct_conf.beg_label_asym_id 
_struct_conf.beg_label_seq_id 
_struct_conf.pdbx_beg_PDB_ins_code 
_struct_conf.end_label_comp_id 
_struct_conf.end_label_asym_id 
_struct_conf.end_label_seq_id 
_struct_conf.pdbx_end_PDB_ins_code 
_struct_conf.beg_auth_comp_id 
_struct_conf.beg_auth_asym_id 
_struct_conf.beg_auth_seq_id 
_struct_conf.end_auth_comp_id 
_struct_conf.end_auth_asym_id 
_struct_conf.end_auth_seq_id 
_struct_conf.pdbx_PDB_helix_class 
_struct_conf.details 
_struct_conf.pdbx_PDB_helix_length 
HELX_P HELX_P1 1 THR A 11  ? LEU A 29  ? THR A 59  LEU A 77  1 ? 19 
HELX_P HELX_P2 2 PRO A 33  ? ASP A 43  ? PRO A 81  ASP A 91  1 ? 11 
HELX_P HELX_P3 3 ALA A 82  ? GLN A 85  ? ALA A 130 GLN A 133 5 ? 4  
HELX_P HELX_P4 4 GLY A 88  ? GLN A 104 ? GLY A 136 GLN A 152 1 ? 17 
HELX_P HELX_P5 5 ASN A 115 ? GLN A 124 ? ASN A 163 GLN A 172 1 ? 10 
HELX_P HELX_P6 6 PRO A 133 ? TRP A 137 ? PRO A 181 TRP A 185 5 ? 5  
# 
_struct_conf_type.id          HELX_P 
_struct_conf_type.criteria    ? 
_struct_conf_type.reference   ? 
# 
_struct_sheet.id               A 
_struct_sheet.type             ? 
_struct_sheet.number_strands   6 
_struct_sheet.details          ? 
# 
loop_
_struct_sheet_order.sheet_id 
_struct_sheet_order.range_id_1 
_struct_sheet_order.range_id_2 
_struct_sheet_order.offset 
_struct_sheet_order.sense 
A 1 2 ? anti-parallel 
A 2 3 ? anti-parallel 
A 3 4 ? anti-parallel 
A 4 5 ? parallel      
A 5 6 ? anti-parallel 
# 
loop_
_struct_sheet_range.sheet_id 
_struct_sheet_range.id 
_struct_sheet_range.beg_label_comp_id 
_struct_sheet_range.beg_label_asym_id 
_struct_sheet_range.beg_label_seq_id 
_struct_sheet_range.pdbx_beg_PDB_ins_code 
_struct_sheet_range.end_label_comp_id 
_struct_sheet_range.end_label_asym_id 
_struct_sheet_range.end_label_seq_id 
_struct_sheet_range.pdbx_end_PDB_ins_code 
_struct_sheet_range.beg_auth_comp_id 
_struct_sheet_range.beg_auth_asym_id 
_struct_sheet_range.beg_auth_seq_id 
_struct_sheet_range.end_auth_comp_id 
_struct_sheet_range.end_auth_asym_id 
_struct_sheet_range.end_auth_seq_id 
A 1 ASP A 2   ? LEU A 6   ? ASP A 50  LEU A 54  
A 2 HIS A 46  ? LYS A 53  ? HIS A 94  LYS A 101 
A 3 LYS A 57  ? TYR A 67  ? LYS A 105 TYR A 115 
A 4 PHE A 72  ? VAL A 80  ? PHE A 120 VAL A 128 
A 5 TYR A 108 ? ALA A 113 ? TYR A 156 ALA A 161 
A 6 THR A 148 ? TYR A 153 ? THR A 196 TYR A 201 
# 
loop_
_pdbx_struct_sheet_hbond.sheet_id 
_pdbx_struct_sheet_hbond.range_id_1 
_pdbx_struct_sheet_hbond.range_id_2 
_pdbx_struct_sheet_hbond.range_1_label_atom_id 
_pdbx_struct_sheet_hbond.range_1_label_comp_id 
_pdbx_struct_sheet_hbond.range_1_label_asym_id 
_pdbx_struct_sheet_hbond.range_1_label_seq_id 
_pdbx_struct_sheet_hbond.range_1_PDB_ins_code 
_pdbx_struct_sheet_hbond.range_1_auth_atom_id 
_pdbx_struct_sheet_hbond.range_1_auth_comp_id 
_pdbx_struct_sheet_hbond.range_1_auth_asym_id 
_pdbx_struct_sheet_hbond.range_1_auth_seq_id 
_pdbx_struct_sheet_hbond.range_2_label_atom_id 
_pdbx_struct_sheet_hbond.range_2_label_comp_id 
_pdbx_struct_sheet_hbond.range_2_label_asym_id 
_pdbx_struct_sheet_hbond.range_2_label_seq_id 
_pdbx_struct_sheet_hbond.range_2_PDB_ins_code 
_pdbx_struct_sheet_hbond.range_2_auth_atom_id 
_pdbx_struct_sheet_hbond.range_2_auth_comp_id 
_pdbx_struct_sheet_hbond.range_2_auth_asym_id 
_pdbx_struct_sheet_hbond.range_2_auth_seq_id 
A 1 2 N LEU A 6   ? N LEU A 54  O SER A 48  ? O SER A 96  
A 2 3 N LYS A 53  ? N LYS A 101 O LYS A 57  ? O LYS A 105 
A 3 4 N CYS A 63  ? N CYS A 111 O PHE A 77  ? O PHE A 125 
A 4 5 N ALA A 73  ? N ALA A 121 O LEU A 110 ? O LEU A 158 
A 5 6 N THR A 111 ? N THR A 159 O MET A 150 ? O MET A 198 
# 
_struct_site.id                   AC1 
_struct_site.pdbx_evidence_code   Software 
_struct_site.pdbx_auth_asym_id    A 
_struct_site.pdbx_auth_comp_id    COA 
_struct_site.pdbx_auth_seq_id     401 
_struct_site.pdbx_auth_ins_code   ? 
_struct_site.pdbx_num_residues    19 
_struct_site.details              'BINDING SITE FOR RESIDUE COA A 401' 
# 
loop_
_struct_site_gen.id 
_struct_site_gen.site_id 
_struct_site_gen.pdbx_num_res 
_struct_site_gen.label_comp_id 
_struct_site_gen.label_asym_id 
_struct_site_gen.label_seq_id 
_struct_site_gen.pdbx_auth_ins_code 
_struct_site_gen.auth_comp_id 
_struct_site_gen.auth_asym_id 
_struct_site_gen.auth_seq_id 
_struct_site_gen.label_atom_id 
_struct_site_gen.label_alt_id 
_struct_site_gen.symmetry 
_struct_site_gen.details 
1  AC1 19 GLN A 28  ? GLN A 76  . ? 1_555 ? 
2  AC1 19 LEU A 29  ? LEU A 77  . ? 1_555 ? 
3  AC1 19 LEU A 78  ? LEU A 126 . ? 1_555 ? 
4  AC1 19 ALA A 79  ? ALA A 127 . ? 1_555 ? 
5  AC1 19 VAL A 80  ? VAL A 128 . ? 1_555 ? 
6  AC1 19 GLN A 85  ? GLN A 133 . ? 1_555 ? 
7  AC1 19 VAL A 86  ? VAL A 134 . ? 1_555 ? 
8  AC1 19 GLY A 90  ? GLY A 138 . ? 1_555 ? 
9  AC1 19 THR A 91  ? THR A 139 . ? 1_555 ? 
10 AC1 19 GLN A 104 ? GLN A 152 . ? 6_665 ? 
11 AC1 19 PHE A 116 ? PHE A 164 . ? 1_555 ? 
12 AC1 19 ALA A 117 ? ALA A 165 . ? 1_555 ? 
13 AC1 19 GLY A 119 ? GLY A 167 . ? 1_555 ? 
14 AC1 19 TYR A 120 ? TYR A 168 . ? 1_555 ? 
15 AC1 19 LYS A 123 ? LYS A 171 . ? 1_555 ? 
16 AC1 19 LYS B 8   ? LYS B 308 . ? 1_555 ? 
17 AC1 19 LEU B 10  ? LEU B 310 . ? 1_555 ? 
18 AC1 19 GLY B 14  ? GLY B 314 . ? 1_555 ? 
19 AC1 19 ALA B 15  ? ALA B 315 . ? 1_555 ? 
# 
loop_
_pdbx_validate_torsion.id 
_pdbx_validate_torsion.PDB_model_num 
_pdbx_validate_torsion.auth_comp_id 
_pdbx_validate_torsion.auth_asym_id 
_pdbx_validate_torsion.auth_seq_id 
_pdbx_validate_torsion.PDB_ins_code 
_pdbx_validate_torsion.label_alt_id 
_pdbx_validate_torsion.phi 
_pdbx_validate_torsion.psi 
1 1 LYS A 103 ? ? 45.45   27.68   
2 1 GLN A 104 ? ? -153.51 -26.93  
3 1 ASN A 131 ? ? -68.50  7.97    
4 1 ASN A 163 ? ? 46.61   -123.39 
5 1 LYS B 312 ? ? 43.28   -151.87 
# 
_pdbx_validate_chiral.id              1 
_pdbx_validate_chiral.PDB_model_num   1 
_pdbx_validate_chiral.auth_atom_id    CAP 
_pdbx_validate_chiral.label_alt_id    ? 
_pdbx_validate_chiral.auth_asym_id    A 
_pdbx_validate_chiral.auth_comp_id    COA 
_pdbx_validate_chiral.auth_seq_id     401 
_pdbx_validate_chiral.PDB_ins_code    ? 
_pdbx_validate_chiral.details         PLANAR 
_pdbx_validate_chiral.omega           . 
# 
loop_
_pdbx_unobs_or_zero_occ_residues.id 
_pdbx_unobs_or_zero_occ_residues.PDB_model_num 
_pdbx_unobs_or_zero_occ_residues.polymer_flag 
_pdbx_unobs_or_zero_occ_residues.occupancy_flag 
_pdbx_unobs_or_zero_occ_residues.auth_asym_id 
_pdbx_unobs_or_zero_occ_residues.auth_comp_id 
_pdbx_unobs_or_zero_occ_residues.auth_seq_id 
_pdbx_unobs_or_zero_occ_residues.PDB_ins_code 
_pdbx_unobs_or_zero_occ_residues.label_asym_id 
_pdbx_unobs_or_zero_occ_residues.label_comp_id 
_pdbx_unobs_or_zero_occ_residues.label_seq_id 
1  1 Y 1 B SER 301 ? B SER 1  
2  1 Y 1 B GLY 302 ? B GLY 2  
3  1 Y 1 B ARG 303 ? B ARG 3  
4  1 Y 1 B GLY 304 ? B GLY 4  
5  1 Y 1 B LYS 305 ? B LYS 5  
6  1 Y 1 B GLY 306 ? B GLY 6  
7  1 Y 1 B GLY 307 ? B GLY 7  
8  1 Y 1 B LYS 316 ? B LYS 16 
9  1 Y 1 B ARG 317 ? B ARG 17 
10 1 Y 1 B HIS 318 ? B HIS 18 
11 1 Y 1 B ARG 319 ? B ARG 19 
# 
loop_
_chem_comp_atom.comp_id 
_chem_comp_atom.atom_id 
_chem_comp_atom.type_symbol 
_chem_comp_atom.pdbx_aromatic_flag 
_chem_comp_atom.pdbx_stereo_config 
_chem_comp_atom.pdbx_ordinal 
ALA N    N N N 1   
ALA CA   C N S 2   
ALA C    C N N 3   
ALA O    O N N 4   
ALA CB   C N N 5   
ALA OXT  O N N 6   
ALA H    H N N 7   
ALA H2   H N N 8   
ALA HA   H N N 9   
ALA HB1  H N N 10  
ALA HB2  H N N 11  
ALA HB3  H N N 12  
ALA HXT  H N N 13  
ARG N    N N N 14  
ARG CA   C N S 15  
ARG C    C N N 16  
ARG O    O N N 17  
ARG CB   C N N 18  
ARG CG   C N N 19  
ARG CD   C N N 20  
ARG NE   N N N 21  
ARG CZ   C N N 22  
ARG NH1  N N N 23  
ARG NH2  N N N 24  
ARG OXT  O N N 25  
ARG H    H N N 26  
ARG H2   H N N 27  
ARG HA   H N N 28  
ARG HB2  H N N 29  
ARG HB3  H N N 30  
ARG HG2  H N N 31  
ARG HG3  H N N 32  
ARG HD2  H N N 33  
ARG HD3  H N N 34  
ARG HE   H N N 35  
ARG HH11 H N N 36  
ARG HH12 H N N 37  
ARG HH21 H N N 38  
ARG HH22 H N N 39  
ARG HXT  H N N 40  
ASN N    N N N 41  
ASN CA   C N S 42  
ASN C    C N N 43  
ASN O    O N N 44  
ASN CB   C N N 45  
ASN CG   C N N 46  
ASN OD1  O N N 47  
ASN ND2  N N N 48  
ASN OXT  O N N 49  
ASN H    H N N 50  
ASN H2   H N N 51  
ASN HA   H N N 52  
ASN HB2  H N N 53  
ASN HB3  H N N 54  
ASN HD21 H N N 55  
ASN HD22 H N N 56  
ASN HXT  H N N 57  
ASP N    N N N 58  
ASP CA   C N S 59  
ASP C    C N N 60  
ASP O    O N N 61  
ASP CB   C N N 62  
ASP CG   C N N 63  
ASP OD1  O N N 64  
ASP OD2  O N N 65  
ASP OXT  O N N 66  
ASP H    H N N 67  
ASP H2   H N N 68  
ASP HA   H N N 69  
ASP HB2  H N N 70  
ASP HB3  H N N 71  
ASP HD2  H N N 72  
ASP HXT  H N N 73  
COA N1A  N Y N 74  
COA C2A  C Y N 75  
COA N3A  N Y N 76  
COA C4A  C Y N 77  
COA C5A  C Y N 78  
COA C6A  C Y N 79  
COA N6A  N N N 80  
COA N7A  N Y N 81  
COA C8A  C Y N 82  
COA N9A  N Y N 83  
COA C1B  C N R 84  
COA C2B  C N R 85  
COA O2B  O N N 86  
COA C3B  C N S 87  
COA O3B  O N N 88  
COA P3B  P N N 89  
COA O7A  O N N 90  
COA O8A  O N N 91  
COA O9A  O N N 92  
COA C4B  C N R 93  
COA O4B  O N N 94  
COA C5B  C N N 95  
COA O5B  O N N 96  
COA P1A  P N S 97  
COA O1A  O N N 98  
COA O2A  O N N 99  
COA O3A  O N N 100 
COA P2A  P N S 101 
COA O4A  O N N 102 
COA O5A  O N N 103 
COA O6A  O N N 104 
COA CBP  C N N 105 
COA CCP  C N N 106 
COA CDP  C N N 107 
COA CEP  C N N 108 
COA CAP  C N R 109 
COA OAP  O N N 110 
COA C9P  C N N 111 
COA O9P  O N N 112 
COA N8P  N N N 113 
COA C7P  C N N 114 
COA C6P  C N N 115 
COA C5P  C N N 116 
COA O5P  O N N 117 
COA N4P  N N N 118 
COA C3P  C N N 119 
COA C2P  C N N 120 
COA S1P  S N N 121 
COA H2A  H N N 122 
COA H61A H N N 123 
COA H62A H N N 124 
COA H8A  H N N 125 
COA H1B  H N N 126 
COA H2B  H N N 127 
COA HO2A H N N 128 
COA H3B  H N N 129 
COA HOA8 H N N 130 
COA HOA9 H N N 131 
COA H4B  H N N 132 
COA H51A H N N 133 
COA H52A H N N 134 
COA HOA2 H N N 135 
COA HOA5 H N N 136 
COA H121 H N N 137 
COA H122 H N N 138 
COA H131 H N N 139 
COA H132 H N N 140 
COA H133 H N N 141 
COA H141 H N N 142 
COA H142 H N N 143 
COA H143 H N N 144 
COA H10  H N N 145 
COA HO1  H N N 146 
COA HN8  H N N 147 
COA H71  H N N 148 
COA H72  H N N 149 
COA H61  H N N 150 
COA H62  H N N 151 
COA HN4  H N N 152 
COA H31  H N N 153 
COA H32  H N N 154 
COA H21  H N N 155 
COA H22  H N N 156 
COA HS1  H N N 157 
CYS N    N N N 158 
CYS CA   C N R 159 
CYS C    C N N 160 
CYS O    O N N 161 
CYS CB   C N N 162 
CYS SG   S N N 163 
CYS OXT  O N N 164 
CYS H    H N N 165 
CYS H2   H N N 166 
CYS HA   H N N 167 
CYS HB2  H N N 168 
CYS HB3  H N N 169 
CYS HG   H N N 170 
CYS HXT  H N N 171 
GLN N    N N N 172 
GLN CA   C N S 173 
GLN C    C N N 174 
GLN O    O N N 175 
GLN CB   C N N 176 
GLN CG   C N N 177 
GLN CD   C N N 178 
GLN OE1  O N N 179 
GLN NE2  N N N 180 
GLN OXT  O N N 181 
GLN H    H N N 182 
GLN H2   H N N 183 
GLN HA   H N N 184 
GLN HB2  H N N 185 
GLN HB3  H N N 186 
GLN HG2  H N N 187 
GLN HG3  H N N 188 
GLN HE21 H N N 189 
GLN HE22 H N N 190 
GLN HXT  H N N 191 
GLU N    N N N 192 
GLU CA   C N S 193 
GLU C    C N N 194 
GLU O    O N N 195 
GLU CB   C N N 196 
GLU CG   C N N 197 
GLU CD   C N N 198 
GLU OE1  O N N 199 
GLU OE2  O N N 200 
GLU OXT  O N N 201 
GLU H    H N N 202 
GLU H2   H N N 203 
GLU HA   H N N 204 
GLU HB2  H N N 205 
GLU HB3  H N N 206 
GLU HG2  H N N 207 
GLU HG3  H N N 208 
GLU HE2  H N N 209 
GLU HXT  H N N 210 
GLY N    N N N 211 
GLY CA   C N N 212 
GLY C    C N N 213 
GLY O    O N N 214 
GLY OXT  O N N 215 
GLY H    H N N 216 
GLY H2   H N N 217 
GLY HA2  H N N 218 
GLY HA3  H N N 219 
GLY HXT  H N N 220 
HIS N    N N N 221 
HIS CA   C N S 222 
HIS C    C N N 223 
HIS O    O N N 224 
HIS CB   C N N 225 
HIS CG   C Y N 226 
HIS ND1  N Y N 227 
HIS CD2  C Y N 228 
HIS CE1  C Y N 229 
HIS NE2  N Y N 230 
HIS OXT  O N N 231 
HIS H    H N N 232 
HIS H2   H N N 233 
HIS HA   H N N 234 
HIS HB2  H N N 235 
HIS HB3  H N N 236 
HIS HD1  H N N 237 
HIS HD2  H N N 238 
HIS HE1  H N N 239 
HIS HE2  H N N 240 
HIS HXT  H N N 241 
HOH O    O N N 242 
HOH H1   H N N 243 
HOH H2   H N N 244 
ILE N    N N N 245 
ILE CA   C N S 246 
ILE C    C N N 247 
ILE O    O N N 248 
ILE CB   C N S 249 
ILE CG1  C N N 250 
ILE CG2  C N N 251 
ILE CD1  C N N 252 
ILE OXT  O N N 253 
ILE H    H N N 254 
ILE H2   H N N 255 
ILE HA   H N N 256 
ILE HB   H N N 257 
ILE HG12 H N N 258 
ILE HG13 H N N 259 
ILE HG21 H N N 260 
ILE HG22 H N N 261 
ILE HG23 H N N 262 
ILE HD11 H N N 263 
ILE HD12 H N N 264 
ILE HD13 H N N 265 
ILE HXT  H N N 266 
LEU N    N N N 267 
LEU CA   C N S 268 
LEU C    C N N 269 
LEU O    O N N 270 
LEU CB   C N N 271 
LEU CG   C N N 272 
LEU CD1  C N N 273 
LEU CD2  C N N 274 
LEU OXT  O N N 275 
LEU H    H N N 276 
LEU H2   H N N 277 
LEU HA   H N N 278 
LEU HB2  H N N 279 
LEU HB3  H N N 280 
LEU HG   H N N 281 
LEU HD11 H N N 282 
LEU HD12 H N N 283 
LEU HD13 H N N 284 
LEU HD21 H N N 285 
LEU HD22 H N N 286 
LEU HD23 H N N 287 
LEU HXT  H N N 288 
LYS N    N N N 289 
LYS CA   C N S 290 
LYS C    C N N 291 
LYS O    O N N 292 
LYS CB   C N N 293 
LYS CG   C N N 294 
LYS CD   C N N 295 
LYS CE   C N N 296 
LYS NZ   N N N 297 
LYS OXT  O N N 298 
LYS H    H N N 299 
LYS H2   H N N 300 
LYS HA   H N N 301 
LYS HB2  H N N 302 
LYS HB3  H N N 303 
LYS HG2  H N N 304 
LYS HG3  H N N 305 
LYS HD2  H N N 306 
LYS HD3  H N N 307 
LYS HE2  H N N 308 
LYS HE3  H N N 309 
LYS HZ1  H N N 310 
LYS HZ2  H N N 311 
LYS HZ3  H N N 312 
LYS HXT  H N N 313 
MET N    N N N 314 
MET CA   C N S 315 
MET C    C N N 316 
MET O    O N N 317 
MET CB   C N N 318 
MET CG   C N N 319 
MET SD   S N N 320 
MET CE   C N N 321 
MET OXT  O N N 322 
MET H    H N N 323 
MET H2   H N N 324 
MET HA   H N N 325 
MET HB2  H N N 326 
MET HB3  H N N 327 
MET HG2  H N N 328 
MET HG3  H N N 329 
MET HE1  H N N 330 
MET HE2  H N N 331 
MET HE3  H N N 332 
MET HXT  H N N 333 
PHE N    N N N 334 
PHE CA   C N S 335 
PHE C    C N N 336 
PHE O    O N N 337 
PHE CB   C N N 338 
PHE CG   C Y N 339 
PHE CD1  C Y N 340 
PHE CD2  C Y N 341 
PHE CE1  C Y N 342 
PHE CE2  C Y N 343 
PHE CZ   C Y N 344 
PHE OXT  O N N 345 
PHE H    H N N 346 
PHE H2   H N N 347 
PHE HA   H N N 348 
PHE HB2  H N N 349 
PHE HB3  H N N 350 
PHE HD1  H N N 351 
PHE HD2  H N N 352 
PHE HE1  H N N 353 
PHE HE2  H N N 354 
PHE HZ   H N N 355 
PHE HXT  H N N 356 
PRO N    N N N 357 
PRO CA   C N S 358 
PRO C    C N N 359 
PRO O    O N N 360 
PRO CB   C N N 361 
PRO CG   C N N 362 
PRO CD   C N N 363 
PRO OXT  O N N 364 
PRO H    H N N 365 
PRO HA   H N N 366 
PRO HB2  H N N 367 
PRO HB3  H N N 368 
PRO HG2  H N N 369 
PRO HG3  H N N 370 
PRO HD2  H N N 371 
PRO HD3  H N N 372 
PRO HXT  H N N 373 
SER N    N N N 374 
SER CA   C N S 375 
SER C    C N N 376 
SER O    O N N 377 
SER CB   C N N 378 
SER OG   O N N 379 
SER OXT  O N N 380 
SER H    H N N 381 
SER H2   H N N 382 
SER HA   H N N 383 
SER HB2  H N N 384 
SER HB3  H N N 385 
SER HG   H N N 386 
SER HXT  H N N 387 
THR N    N N N 388 
THR CA   C N S 389 
THR C    C N N 390 
THR O    O N N 391 
THR CB   C N R 392 
THR OG1  O N N 393 
THR CG2  C N N 394 
THR OXT  O N N 395 
THR H    H N N 396 
THR H2   H N N 397 
THR HA   H N N 398 
THR HB   H N N 399 
THR HG1  H N N 400 
THR HG21 H N N 401 
THR HG22 H N N 402 
THR HG23 H N N 403 
THR HXT  H N N 404 
TRP N    N N N 405 
TRP CA   C N S 406 
TRP C    C N N 407 
TRP O    O N N 408 
TRP CB   C N N 409 
TRP CG   C Y N 410 
TRP CD1  C Y N 411 
TRP CD2  C Y N 412 
TRP NE1  N Y N 413 
TRP CE2  C Y N 414 
TRP CE3  C Y N 415 
TRP CZ2  C Y N 416 
TRP CZ3  C Y N 417 
TRP CH2  C Y N 418 
TRP OXT  O N N 419 
TRP H    H N N 420 
TRP H2   H N N 421 
TRP HA   H N N 422 
TRP HB2  H N N 423 
TRP HB3  H N N 424 
TRP HD1  H N N 425 
TRP HE1  H N N 426 
TRP HE3  H N N 427 
TRP HZ2  H N N 428 
TRP HZ3  H N N 429 
TRP HH2  H N N 430 
TRP HXT  H N N 431 
TYR N    N N N 432 
TYR CA   C N S 433 
TYR C    C N N 434 
TYR O    O N N 435 
TYR CB   C N N 436 
TYR CG   C Y N 437 
TYR CD1  C Y N 438 
TYR CD2  C Y N 439 
TYR CE1  C Y N 440 
TYR CE2  C Y N 441 
TYR CZ   C Y N 442 
TYR OH   O N N 443 
TYR OXT  O N N 444 
TYR H    H N N 445 
TYR H2   H N N 446 
TYR HA   H N N 447 
TYR HB2  H N N 448 
TYR HB3  H N N 449 
TYR HD1  H N N 450 
TYR HD2  H N N 451 
TYR HE1  H N N 452 
TYR HE2  H N N 453 
TYR HH   H N N 454 
TYR HXT  H N N 455 
VAL N    N N N 456 
VAL CA   C N S 457 
VAL C    C N N 458 
VAL O    O N N 459 
VAL CB   C N N 460 
VAL CG1  C N N 461 
VAL CG2  C N N 462 
VAL OXT  O N N 463 
VAL H    H N N 464 
VAL H2   H N N 465 
VAL HA   H N N 466 
VAL HB   H N N 467 
VAL HG11 H N N 468 
VAL HG12 H N N 469 
VAL HG13 H N N 470 
VAL HG21 H N N 471 
VAL HG22 H N N 472 
VAL HG23 H N N 473 
VAL HXT  H N N 474 
# 
loop_
_chem_comp_bond.comp_id 
_chem_comp_bond.atom_id_1 
_chem_comp_bond.atom_id_2 
_chem_comp_bond.value_order 
_chem_comp_bond.pdbx_aromatic_flag 
_chem_comp_bond.pdbx_stereo_config 
_chem_comp_bond.pdbx_ordinal 
ALA N   CA   sing N N 1   
ALA N   H    sing N N 2   
ALA N   H2   sing N N 3   
ALA CA  C    sing N N 4   
ALA CA  CB   sing N N 5   
ALA CA  HA   sing N N 6   
ALA C   O    doub N N 7   
ALA C   OXT  sing N N 8   
ALA CB  HB1  sing N N 9   
ALA CB  HB2  sing N N 10  
ALA CB  HB3  sing N N 11  
ALA OXT HXT  sing N N 12  
ARG N   CA   sing N N 13  
ARG N   H    sing N N 14  
ARG N   H2   sing N N 15  
ARG CA  C    sing N N 16  
ARG CA  CB   sing N N 17  
ARG CA  HA   sing N N 18  
ARG C   O    doub N N 19  
ARG C   OXT  sing N N 20  
ARG CB  CG   sing N N 21  
ARG CB  HB2  sing N N 22  
ARG CB  HB3  sing N N 23  
ARG CG  CD   sing N N 24  
ARG CG  HG2  sing N N 25  
ARG CG  HG3  sing N N 26  
ARG CD  NE   sing N N 27  
ARG CD  HD2  sing N N 28  
ARG CD  HD3  sing N N 29  
ARG NE  CZ   sing N N 30  
ARG NE  HE   sing N N 31  
ARG CZ  NH1  sing N N 32  
ARG CZ  NH2  doub N N 33  
ARG NH1 HH11 sing N N 34  
ARG NH1 HH12 sing N N 35  
ARG NH2 HH21 sing N N 36  
ARG NH2 HH22 sing N N 37  
ARG OXT HXT  sing N N 38  
ASN N   CA   sing N N 39  
ASN N   H    sing N N 40  
ASN N   H2   sing N N 41  
ASN CA  C    sing N N 42  
ASN CA  CB   sing N N 43  
ASN CA  HA   sing N N 44  
ASN C   O    doub N N 45  
ASN C   OXT  sing N N 46  
ASN CB  CG   sing N N 47  
ASN CB  HB2  sing N N 48  
ASN CB  HB3  sing N N 49  
ASN CG  OD1  doub N N 50  
ASN CG  ND2  sing N N 51  
ASN ND2 HD21 sing N N 52  
ASN ND2 HD22 sing N N 53  
ASN OXT HXT  sing N N 54  
ASP N   CA   sing N N 55  
ASP N   H    sing N N 56  
ASP N   H2   sing N N 57  
ASP CA  C    sing N N 58  
ASP CA  CB   sing N N 59  
ASP CA  HA   sing N N 60  
ASP C   O    doub N N 61  
ASP C   OXT  sing N N 62  
ASP CB  CG   sing N N 63  
ASP CB  HB2  sing N N 64  
ASP CB  HB3  sing N N 65  
ASP CG  OD1  doub N N 66  
ASP CG  OD2  sing N N 67  
ASP OD2 HD2  sing N N 68  
ASP OXT HXT  sing N N 69  
COA N1A C2A  sing Y N 70  
COA N1A C6A  doub Y N 71  
COA C2A N3A  doub Y N 72  
COA C2A H2A  sing N N 73  
COA N3A C4A  sing Y N 74  
COA C4A C5A  doub Y N 75  
COA C4A N9A  sing Y N 76  
COA C5A C6A  sing Y N 77  
COA C5A N7A  sing Y N 78  
COA C6A N6A  sing N N 79  
COA N6A H61A sing N N 80  
COA N6A H62A sing N N 81  
COA N7A C8A  doub Y N 82  
COA C8A N9A  sing Y N 83  
COA C8A H8A  sing N N 84  
COA N9A C1B  sing N N 85  
COA C1B C2B  sing N N 86  
COA C1B O4B  sing N N 87  
COA C1B H1B  sing N N 88  
COA C2B O2B  sing N N 89  
COA C2B C3B  sing N N 90  
COA C2B H2B  sing N N 91  
COA O2B HO2A sing N N 92  
COA C3B O3B  sing N N 93  
COA C3B C4B  sing N N 94  
COA C3B H3B  sing N N 95  
COA O3B P3B  sing N N 96  
COA P3B O7A  doub N N 97  
COA P3B O8A  sing N N 98  
COA P3B O9A  sing N N 99  
COA O8A HOA8 sing N N 100 
COA O9A HOA9 sing N N 101 
COA C4B O4B  sing N N 102 
COA C4B C5B  sing N N 103 
COA C4B H4B  sing N N 104 
COA C5B O5B  sing N N 105 
COA C5B H51A sing N N 106 
COA C5B H52A sing N N 107 
COA O5B P1A  sing N N 108 
COA P1A O1A  doub N N 109 
COA P1A O2A  sing N N 110 
COA P1A O3A  sing N N 111 
COA O2A HOA2 sing N N 112 
COA O3A P2A  sing N N 113 
COA P2A O4A  doub N N 114 
COA P2A O5A  sing N N 115 
COA P2A O6A  sing N N 116 
COA O5A HOA5 sing N N 117 
COA O6A CCP  sing N N 118 
COA CBP CCP  sing N N 119 
COA CBP CDP  sing N N 120 
COA CBP CEP  sing N N 121 
COA CBP CAP  sing N N 122 
COA CCP H121 sing N N 123 
COA CCP H122 sing N N 124 
COA CDP H131 sing N N 125 
COA CDP H132 sing N N 126 
COA CDP H133 sing N N 127 
COA CEP H141 sing N N 128 
COA CEP H142 sing N N 129 
COA CEP H143 sing N N 130 
COA CAP OAP  sing N N 131 
COA CAP C9P  sing N N 132 
COA CAP H10  sing N N 133 
COA OAP HO1  sing N N 134 
COA C9P O9P  doub N N 135 
COA C9P N8P  sing N N 136 
COA N8P C7P  sing N N 137 
COA N8P HN8  sing N N 138 
COA C7P C6P  sing N N 139 
COA C7P H71  sing N N 140 
COA C7P H72  sing N N 141 
COA C6P C5P  sing N N 142 
COA C6P H61  sing N N 143 
COA C6P H62  sing N N 144 
COA C5P O5P  doub N N 145 
COA C5P N4P  sing N N 146 
COA N4P C3P  sing N N 147 
COA N4P HN4  sing N N 148 
COA C3P C2P  sing N N 149 
COA C3P H31  sing N N 150 
COA C3P H32  sing N N 151 
COA C2P S1P  sing N N 152 
COA C2P H21  sing N N 153 
COA C2P H22  sing N N 154 
COA S1P HS1  sing N N 155 
CYS N   CA   sing N N 156 
CYS N   H    sing N N 157 
CYS N   H2   sing N N 158 
CYS CA  C    sing N N 159 
CYS CA  CB   sing N N 160 
CYS CA  HA   sing N N 161 
CYS C   O    doub N N 162 
CYS C   OXT  sing N N 163 
CYS CB  SG   sing N N 164 
CYS CB  HB2  sing N N 165 
CYS CB  HB3  sing N N 166 
CYS SG  HG   sing N N 167 
CYS OXT HXT  sing N N 168 
GLN N   CA   sing N N 169 
GLN N   H    sing N N 170 
GLN N   H2   sing N N 171 
GLN CA  C    sing N N 172 
GLN CA  CB   sing N N 173 
GLN CA  HA   sing N N 174 
GLN C   O    doub N N 175 
GLN C   OXT  sing N N 176 
GLN CB  CG   sing N N 177 
GLN CB  HB2  sing N N 178 
GLN CB  HB3  sing N N 179 
GLN CG  CD   sing N N 180 
GLN CG  HG2  sing N N 181 
GLN CG  HG3  sing N N 182 
GLN CD  OE1  doub N N 183 
GLN CD  NE2  sing N N 184 
GLN NE2 HE21 sing N N 185 
GLN NE2 HE22 sing N N 186 
GLN OXT HXT  sing N N 187 
GLU N   CA   sing N N 188 
GLU N   H    sing N N 189 
GLU N   H2   sing N N 190 
GLU CA  C    sing N N 191 
GLU CA  CB   sing N N 192 
GLU CA  HA   sing N N 193 
GLU C   O    doub N N 194 
GLU C   OXT  sing N N 195 
GLU CB  CG   sing N N 196 
GLU CB  HB2  sing N N 197 
GLU CB  HB3  sing N N 198 
GLU CG  CD   sing N N 199 
GLU CG  HG2  sing N N 200 
GLU CG  HG3  sing N N 201 
GLU CD  OE1  doub N N 202 
GLU CD  OE2  sing N N 203 
GLU OE2 HE2  sing N N 204 
GLU OXT HXT  sing N N 205 
GLY N   CA   sing N N 206 
GLY N   H    sing N N 207 
GLY N   H2   sing N N 208 
GLY CA  C    sing N N 209 
GLY CA  HA2  sing N N 210 
GLY CA  HA3  sing N N 211 
GLY C   O    doub N N 212 
GLY C   OXT  sing N N 213 
GLY OXT HXT  sing N N 214 
HIS N   CA   sing N N 215 
HIS N   H    sing N N 216 
HIS N   H2   sing N N 217 
HIS CA  C    sing N N 218 
HIS CA  CB   sing N N 219 
HIS CA  HA   sing N N 220 
HIS C   O    doub N N 221 
HIS C   OXT  sing N N 222 
HIS CB  CG   sing N N 223 
HIS CB  HB2  sing N N 224 
HIS CB  HB3  sing N N 225 
HIS CG  ND1  sing Y N 226 
HIS CG  CD2  doub Y N 227 
HIS ND1 CE1  doub Y N 228 
HIS ND1 HD1  sing N N 229 
HIS CD2 NE2  sing Y N 230 
HIS CD2 HD2  sing N N 231 
HIS CE1 NE2  sing Y N 232 
HIS CE1 HE1  sing N N 233 
HIS NE2 HE2  sing N N 234 
HIS OXT HXT  sing N N 235 
HOH O   H1   sing N N 236 
HOH O   H2   sing N N 237 
ILE N   CA   sing N N 238 
ILE N   H    sing N N 239 
ILE N   H2   sing N N 240 
ILE CA  C    sing N N 241 
ILE CA  CB   sing N N 242 
ILE CA  HA   sing N N 243 
ILE C   O    doub N N 244 
ILE C   OXT  sing N N 245 
ILE CB  CG1  sing N N 246 
ILE CB  CG2  sing N N 247 
ILE CB  HB   sing N N 248 
ILE CG1 CD1  sing N N 249 
ILE CG1 HG12 sing N N 250 
ILE CG1 HG13 sing N N 251 
ILE CG2 HG21 sing N N 252 
ILE CG2 HG22 sing N N 253 
ILE CG2 HG23 sing N N 254 
ILE CD1 HD11 sing N N 255 
ILE CD1 HD12 sing N N 256 
ILE CD1 HD13 sing N N 257 
ILE OXT HXT  sing N N 258 
LEU N   CA   sing N N 259 
LEU N   H    sing N N 260 
LEU N   H2   sing N N 261 
LEU CA  C    sing N N 262 
LEU CA  CB   sing N N 263 
LEU CA  HA   sing N N 264 
LEU C   O    doub N N 265 
LEU C   OXT  sing N N 266 
LEU CB  CG   sing N N 267 
LEU CB  HB2  sing N N 268 
LEU CB  HB3  sing N N 269 
LEU CG  CD1  sing N N 270 
LEU CG  CD2  sing N N 271 
LEU CG  HG   sing N N 272 
LEU CD1 HD11 sing N N 273 
LEU CD1 HD12 sing N N 274 
LEU CD1 HD13 sing N N 275 
LEU CD2 HD21 sing N N 276 
LEU CD2 HD22 sing N N 277 
LEU CD2 HD23 sing N N 278 
LEU OXT HXT  sing N N 279 
LYS N   CA   sing N N 280 
LYS N   H    sing N N 281 
LYS N   H2   sing N N 282 
LYS CA  C    sing N N 283 
LYS CA  CB   sing N N 284 
LYS CA  HA   sing N N 285 
LYS C   O    doub N N 286 
LYS C   OXT  sing N N 287 
LYS CB  CG   sing N N 288 
LYS CB  HB2  sing N N 289 
LYS CB  HB3  sing N N 290 
LYS CG  CD   sing N N 291 
LYS CG  HG2  sing N N 292 
LYS CG  HG3  sing N N 293 
LYS CD  CE   sing N N 294 
LYS CD  HD2  sing N N 295 
LYS CD  HD3  sing N N 296 
LYS CE  NZ   sing N N 297 
LYS CE  HE2  sing N N 298 
LYS CE  HE3  sing N N 299 
LYS NZ  HZ1  sing N N 300 
LYS NZ  HZ2  sing N N 301 
LYS NZ  HZ3  sing N N 302 
LYS OXT HXT  sing N N 303 
MET N   CA   sing N N 304 
MET N   H    sing N N 305 
MET N   H2   sing N N 306 
MET CA  C    sing N N 307 
MET CA  CB   sing N N 308 
MET CA  HA   sing N N 309 
MET C   O    doub N N 310 
MET C   OXT  sing N N 311 
MET CB  CG   sing N N 312 
MET CB  HB2  sing N N 313 
MET CB  HB3  sing N N 314 
MET CG  SD   sing N N 315 
MET CG  HG2  sing N N 316 
MET CG  HG3  sing N N 317 
MET SD  CE   sing N N 318 
MET CE  HE1  sing N N 319 
MET CE  HE2  sing N N 320 
MET CE  HE3  sing N N 321 
MET OXT HXT  sing N N 322 
PHE N   CA   sing N N 323 
PHE N   H    sing N N 324 
PHE N   H2   sing N N 325 
PHE CA  C    sing N N 326 
PHE CA  CB   sing N N 327 
PHE CA  HA   sing N N 328 
PHE C   O    doub N N 329 
PHE C   OXT  sing N N 330 
PHE CB  CG   sing N N 331 
PHE CB  HB2  sing N N 332 
PHE CB  HB3  sing N N 333 
PHE CG  CD1  doub Y N 334 
PHE CG  CD2  sing Y N 335 
PHE CD1 CE1  sing Y N 336 
PHE CD1 HD1  sing N N 337 
PHE CD2 CE2  doub Y N 338 
PHE CD2 HD2  sing N N 339 
PHE CE1 CZ   doub Y N 340 
PHE CE1 HE1  sing N N 341 
PHE CE2 CZ   sing Y N 342 
PHE CE2 HE2  sing N N 343 
PHE CZ  HZ   sing N N 344 
PHE OXT HXT  sing N N 345 
PRO N   CA   sing N N 346 
PRO N   CD   sing N N 347 
PRO N   H    sing N N 348 
PRO CA  C    sing N N 349 
PRO CA  CB   sing N N 350 
PRO CA  HA   sing N N 351 
PRO C   O    doub N N 352 
PRO C   OXT  sing N N 353 
PRO CB  CG   sing N N 354 
PRO CB  HB2  sing N N 355 
PRO CB  HB3  sing N N 356 
PRO CG  CD   sing N N 357 
PRO CG  HG2  sing N N 358 
PRO CG  HG3  sing N N 359 
PRO CD  HD2  sing N N 360 
PRO CD  HD3  sing N N 361 
PRO OXT HXT  sing N N 362 
SER N   CA   sing N N 363 
SER N   H    sing N N 364 
SER N   H2   sing N N 365 
SER CA  C    sing N N 366 
SER CA  CB   sing N N 367 
SER CA  HA   sing N N 368 
SER C   O    doub N N 369 
SER C   OXT  sing N N 370 
SER CB  OG   sing N N 371 
SER CB  HB2  sing N N 372 
SER CB  HB3  sing N N 373 
SER OG  HG   sing N N 374 
SER OXT HXT  sing N N 375 
THR N   CA   sing N N 376 
THR N   H    sing N N 377 
THR N   H2   sing N N 378 
THR CA  C    sing N N 379 
THR CA  CB   sing N N 380 
THR CA  HA   sing N N 381 
THR C   O    doub N N 382 
THR C   OXT  sing N N 383 
THR CB  OG1  sing N N 384 
THR CB  CG2  sing N N 385 
THR CB  HB   sing N N 386 
THR OG1 HG1  sing N N 387 
THR CG2 HG21 sing N N 388 
THR CG2 HG22 sing N N 389 
THR CG2 HG23 sing N N 390 
THR OXT HXT  sing N N 391 
TRP N   CA   sing N N 392 
TRP N   H    sing N N 393 
TRP N   H2   sing N N 394 
TRP CA  C    sing N N 395 
TRP CA  CB   sing N N 396 
TRP CA  HA   sing N N 397 
TRP C   O    doub N N 398 
TRP C   OXT  sing N N 399 
TRP CB  CG   sing N N 400 
TRP CB  HB2  sing N N 401 
TRP CB  HB3  sing N N 402 
TRP CG  CD1  doub Y N 403 
TRP CG  CD2  sing Y N 404 
TRP CD1 NE1  sing Y N 405 
TRP CD1 HD1  sing N N 406 
TRP CD2 CE2  doub Y N 407 
TRP CD2 CE3  sing Y N 408 
TRP NE1 CE2  sing Y N 409 
TRP NE1 HE1  sing N N 410 
TRP CE2 CZ2  sing Y N 411 
TRP CE3 CZ3  doub Y N 412 
TRP CE3 HE3  sing N N 413 
TRP CZ2 CH2  doub Y N 414 
TRP CZ2 HZ2  sing N N 415 
TRP CZ3 CH2  sing Y N 416 
TRP CZ3 HZ3  sing N N 417 
TRP CH2 HH2  sing N N 418 
TRP OXT HXT  sing N N 419 
TYR N   CA   sing N N 420 
TYR N   H    sing N N 421 
TYR N   H2   sing N N 422 
TYR CA  C    sing N N 423 
TYR CA  CB   sing N N 424 
TYR CA  HA   sing N N 425 
TYR C   O    doub N N 426 
TYR C   OXT  sing N N 427 
TYR CB  CG   sing N N 428 
TYR CB  HB2  sing N N 429 
TYR CB  HB3  sing N N 430 
TYR CG  CD1  doub Y N 431 
TYR CG  CD2  sing Y N 432 
TYR CD1 CE1  sing Y N 433 
TYR CD1 HD1  sing N N 434 
TYR CD2 CE2  doub Y N 435 
TYR CD2 HD2  sing N N 436 
TYR CE1 CZ   doub Y N 437 
TYR CE1 HE1  sing N N 438 
TYR CE2 CZ   sing Y N 439 
TYR CE2 HE2  sing N N 440 
TYR CZ  OH   sing N N 441 
TYR OH  HH   sing N N 442 
TYR OXT HXT  sing N N 443 
VAL N   CA   sing N N 444 
VAL N   H    sing N N 445 
VAL N   H2   sing N N 446 
VAL CA  C    sing N N 447 
VAL CA  CB   sing N N 448 
VAL CA  HA   sing N N 449 
VAL C   O    doub N N 450 
VAL C   OXT  sing N N 451 
VAL CB  CG1  sing N N 452 
VAL CB  CG2  sing N N 453 
VAL CB  HB   sing N N 454 
VAL CG1 HG11 sing N N 455 
VAL CG1 HG12 sing N N 456 
VAL CG1 HG13 sing N N 457 
VAL CG2 HG21 sing N N 458 
VAL CG2 HG22 sing N N 459 
VAL CG2 HG23 sing N N 460 
VAL OXT HXT  sing N N 461 
# 
_atom_sites.entry_id                    1Q2C 
_atom_sites.fract_transf_matrix[1][1]   -0.00178559 
_atom_sites.fract_transf_matrix[1][2]   -0.00969018 
_atom_sites.fract_transf_matrix[1][3]   0.01473761 
_atom_sites.fract_transf_matrix[2][1]   -0.01110981 
_atom_sites.fract_transf_matrix[2][2]   0.00526017 
_atom_sites.fract_transf_matrix[2][3]   0.01277576 
_atom_sites.fract_transf_matrix[3][1]   -0.00765884 
_atom_sites.fract_transf_matrix[3][2]   -0.00536099 
_atom_sites.fract_transf_matrix[3][3]   -0.00445286 
_atom_sites.fract_transf_vector[1]      0.537079 
_atom_sites.fract_transf_vector[2]      0.276836 
_atom_sites.fract_transf_vector[3]      0.260324 
# 
loop_
_atom_type.symbol 
C 
N 
O 
P 
S 
# 
loop_
_atom_site.group_PDB 
_atom_site.id 
_atom_site.type_symbol 
_atom_site.label_atom_id 
_atom_site.label_alt_id 
_atom_site.label_comp_id 
_atom_site.label_asym_id 
_atom_site.label_entity_id 
_atom_site.label_seq_id 
_atom_site.pdbx_PDB_ins_code 
_atom_site.Cartn_x 
_atom_site.Cartn_y 
_atom_site.Cartn_z 
_atom_site.occupancy 
_atom_site.B_iso_or_equiv 
_atom_site.pdbx_formal_charge 
_atom_site.auth_seq_id 
_atom_site.auth_comp_id 
_atom_site.auth_asym_id 
_atom_site.auth_atom_id 
_atom_site.pdbx_PDB_model_num 
ATOM   1    N N   . LEU A 1 1   ? -9.163  8.943   -15.007 1.00 32.32 ? 49  LEU A N   1 
ATOM   2    C CA  . LEU A 1 1   ? -8.795  8.351   -13.686 1.00 31.24 ? 49  LEU A CA  1 
ATOM   3    C C   . LEU A 1 1   ? -8.516  6.844   -13.801 1.00 30.50 ? 49  LEU A C   1 
ATOM   4    O O   . LEU A 1 1   ? -9.439  6.043   -13.953 1.00 28.96 ? 49  LEU A O   1 
ATOM   5    C CB  . LEU A 1 1   ? -9.926  8.601   -12.681 1.00 31.41 ? 49  LEU A CB  1 
ATOM   6    C CG  . LEU A 1 1   ? -9.602  8.698   -11.183 1.00 31.83 ? 49  LEU A CG  1 
ATOM   7    C CD1 . LEU A 1 1   ? -9.010  7.401   -10.716 1.00 30.92 ? 49  LEU A CD1 1 
ATOM   8    C CD2 . LEU A 1 1   ? -8.643  9.852   -10.924 1.00 30.03 ? 49  LEU A CD2 1 
ATOM   9    N N   . ASP A 1 2   ? -7.239  6.472   -13.726 1.00 28.77 ? 50  ASP A N   1 
ATOM   10   C CA  . ASP A 1 2   ? -6.825  5.072   -13.820 1.00 29.60 ? 50  ASP A CA  1 
ATOM   11   C C   . ASP A 1 2   ? -6.043  4.624   -12.588 1.00 28.49 ? 50  ASP A C   1 
ATOM   12   O O   . ASP A 1 2   ? -5.418  5.438   -11.907 1.00 28.61 ? 50  ASP A O   1 
ATOM   13   C CB  . ASP A 1 2   ? -5.934  4.855   -15.047 1.00 31.14 ? 50  ASP A CB  1 
ATOM   14   C CG  . ASP A 1 2   ? -6.674  5.066   -16.355 1.00 33.70 ? 50  ASP A CG  1 
ATOM   15   O OD1 . ASP A 1 2   ? -7.636  4.318   -16.628 1.00 36.17 ? 50  ASP A OD1 1 
ATOM   16   O OD2 . ASP A 1 2   ? -6.295  5.984   -17.112 1.00 35.46 ? 50  ASP A OD2 1 
ATOM   17   N N   . PHE A 1 3   ? -6.079  3.323   -12.311 1.00 26.23 ? 51  PHE A N   1 
ATOM   18   C CA  . PHE A 1 3   ? -5.352  2.748   -11.185 1.00 26.76 ? 51  PHE A CA  1 
ATOM   19   C C   . PHE A 1 3   ? -4.437  1.697   -11.784 1.00 27.05 ? 51  PHE A C   1 
ATOM   20   O O   . PHE A 1 3   ? -4.805  0.530   -11.875 1.00 27.73 ? 51  PHE A O   1 
ATOM   21   C CB  . PHE A 1 3   ? -6.309  2.088   -10.180 1.00 23.52 ? 51  PHE A CB  1 
ATOM   22   C CG  . PHE A 1 3   ? -7.298  3.040   -9.575  1.00 22.17 ? 51  PHE A CG  1 
ATOM   23   C CD1 . PHE A 1 3   ? -8.490  3.330   -10.231 1.00 22.22 ? 51  PHE A CD1 1 
ATOM   24   C CD2 . PHE A 1 3   ? -7.013  3.691   -8.380  1.00 21.68 ? 51  PHE A CD2 1 
ATOM   25   C CE1 . PHE A 1 3   ? -9.396  4.270   -9.702  1.00 22.65 ? 51  PHE A CE1 1 
ATOM   26   C CE2 . PHE A 1 3   ? -7.898  4.626   -7.842  1.00 21.92 ? 51  PHE A CE2 1 
ATOM   27   C CZ  . PHE A 1 3   ? -9.092  4.917   -8.504  1.00 22.10 ? 51  PHE A CZ  1 
ATOM   28   N N   . ASP A 1 4   ? -3.244  2.108   -12.197 1.00 27.46 ? 52  ASP A N   1 
ATOM   29   C CA  . ASP A 1 4   ? -2.324  1.172   -12.822 1.00 26.65 ? 52  ASP A CA  1 
ATOM   30   C C   . ASP A 1 4   ? -1.110  0.748   -12.009 1.00 25.59 ? 52  ASP A C   1 
ATOM   31   O O   . ASP A 1 4   ? -0.572  1.514   -11.208 1.00 23.97 ? 52  ASP A O   1 
ATOM   32   C CB  . ASP A 1 4   ? -1.835  1.740   -14.160 1.00 27.86 ? 52  ASP A CB  1 
ATOM   33   C CG  . ASP A 1 4   ? -2.978  2.195   -15.063 1.00 30.34 ? 52  ASP A CG  1 
ATOM   34   O OD1 . ASP A 1 4   ? -4.020  1.508   -15.124 1.00 33.27 ? 52  ASP A OD1 1 
ATOM   35   O OD2 . ASP A 1 4   ? -2.819  3.239   -15.726 1.00 32.32 ? 52  ASP A OD2 1 
ATOM   36   N N   . ILE A 1 5   ? -0.692  -0.493  -12.235 1.00 24.97 ? 53  ILE A N   1 
ATOM   37   C CA  . ILE A 1 5   ? 0.497   -1.037  -11.597 1.00 25.46 ? 53  ILE A CA  1 
ATOM   38   C C   . ILE A 1 5   ? 1.619   -0.316  -12.325 1.00 25.64 ? 53  ILE A C   1 
ATOM   39   O O   . ILE A 1 5   ? 1.665   -0.311  -13.554 1.00 25.89 ? 53  ILE A O   1 
ATOM   40   C CB  . ILE A 1 5   ? 0.627   -2.546  -11.842 1.00 25.92 ? 53  ILE A CB  1 
ATOM   41   C CG1 . ILE A 1 5   ? -0.409  -3.289  -11.001 1.00 25.65 ? 53  ILE A CG1 1 
ATOM   42   C CG2 . ILE A 1 5   ? 2.043   -3.021  -11.514 1.00 27.43 ? 53  ILE A CG2 1 
ATOM   43   C CD1 . ILE A 1 5   ? -0.202  -3.133  -9.515  1.00 25.38 ? 53  ILE A CD1 1 
ATOM   44   N N   . LEU A 1 6   ? 2.507   0.309   -11.568 1.00 25.42 ? 54  LEU A N   1 
ATOM   45   C CA  . LEU A 1 6   ? 3.598   1.067   -12.148 1.00 27.37 ? 54  LEU A CA  1 
ATOM   46   C C   . LEU A 1 6   ? 4.890   0.266   -12.093 1.00 29.26 ? 54  LEU A C   1 
ATOM   47   O O   . LEU A 1 6   ? 5.440   0.020   -11.019 1.00 29.55 ? 54  LEU A O   1 
ATOM   48   C CB  . LEU A 1 6   ? 3.743   2.382   -11.382 1.00 26.64 ? 54  LEU A CB  1 
ATOM   49   C CG  . LEU A 1 6   ? 4.603   3.506   -11.950 1.00 29.38 ? 54  LEU A CG  1 
ATOM   50   C CD1 . LEU A 1 6   ? 4.151   3.882   -13.356 1.00 28.45 ? 54  LEU A CD1 1 
ATOM   51   C CD2 . LEU A 1 6   ? 4.504   4.700   -11.011 1.00 27.95 ? 54  LEU A CD2 1 
ATOM   52   N N   . THR A 1 7   ? 5.352   -0.151  -13.264 1.00 30.53 ? 55  THR A N   1 
ATOM   53   C CA  . THR A 1 7   ? 6.572   -0.929  -13.381 1.00 32.42 ? 55  THR A CA  1 
ATOM   54   C C   . THR A 1 7   ? 7.822   -0.049  -13.324 1.00 30.98 ? 55  THR A C   1 
ATOM   55   O O   . THR A 1 7   ? 7.903   0.992   -13.975 1.00 31.86 ? 55  THR A O   1 
ATOM   56   C CB  . THR A 1 7   ? 6.585   -1.726  -14.703 1.00 33.82 ? 55  THR A CB  1 
ATOM   57   O OG1 . THR A 1 7   ? 5.542   -2.709  -14.675 1.00 37.94 ? 55  THR A OG1 1 
ATOM   58   C CG2 . THR A 1 7   ? 7.919   -2.428  -14.899 1.00 36.78 ? 55  THR A CG2 1 
ATOM   59   N N   . ASN A 1 8   ? 8.785   -0.487  -12.526 1.00 29.21 ? 56  ASN A N   1 
ATOM   60   C CA  . ASN A 1 8   ? 10.058  0.194   -12.350 1.00 27.74 ? 56  ASN A CA  1 
ATOM   61   C C   . ASN A 1 8   ? 11.004  -0.376  -13.417 1.00 27.58 ? 56  ASN A C   1 
ATOM   62   O O   . ASN A 1 8   ? 11.958  -1.094  -13.103 1.00 27.08 ? 56  ASN A O   1 
ATOM   63   C CB  . ASN A 1 8   ? 10.572  -0.114  -10.945 1.00 27.14 ? 56  ASN A CB  1 
ATOM   64   C CG  . ASN A 1 8   ? 11.979  0.378   -10.718 1.00 30.48 ? 56  ASN A CG  1 
ATOM   65   O OD1 . ASN A 1 8   ? 12.471  1.230   -11.452 1.00 30.17 ? 56  ASN A OD1 1 
ATOM   66   N ND2 . ASN A 1 8   ? 12.635  -0.150  -9.686  1.00 29.58 ? 56  ASN A ND2 1 
ATOM   67   N N   . ASP A 1 9   ? 10.743  -0.040  -14.679 1.00 24.42 ? 57  ASP A N   1 
ATOM   68   C CA  . ASP A 1 9   ? 11.522  -0.584  -15.785 1.00 25.15 ? 57  ASP A CA  1 
ATOM   69   C C   . ASP A 1 9   ? 12.676  0.260   -16.322 1.00 24.67 ? 57  ASP A C   1 
ATOM   70   O O   . ASP A 1 9   ? 13.179  -0.002  -17.407 1.00 23.93 ? 57  ASP A O   1 
ATOM   71   C CB  . ASP A 1 9   ? 10.578  -0.942  -16.934 1.00 23.87 ? 57  ASP A CB  1 
ATOM   72   C CG  . ASP A 1 9   ? 9.828   0.258   -17.473 1.00 25.55 ? 57  ASP A CG  1 
ATOM   73   O OD1 . ASP A 1 9   ? 10.139  1.396   -17.067 1.00 25.15 ? 57  ASP A OD1 1 
ATOM   74   O OD2 . ASP A 1 9   ? 8.930   0.060   -18.318 1.00 25.01 ? 57  ASP A OD2 1 
ATOM   75   N N   . GLY A 1 10  ? 13.094  1.262   -15.560 1.00 23.22 ? 58  GLY A N   1 
ATOM   76   C CA  . GLY A 1 10  ? 14.196  2.101   -15.985 1.00 25.29 ? 58  GLY A CA  1 
ATOM   77   C C   . GLY A 1 10  ? 13.907  3.067   -17.123 1.00 25.40 ? 58  GLY A C   1 
ATOM   78   O O   . GLY A 1 10  ? 14.838  3.646   -17.681 1.00 26.09 ? 58  GLY A O   1 
ATOM   79   N N   . THR A 1 11  ? 12.636  3.242   -17.477 1.00 24.51 ? 59  THR A N   1 
ATOM   80   C CA  . THR A 1 11  ? 12.258  4.174   -18.545 1.00 23.72 ? 59  THR A CA  1 
ATOM   81   C C   . THR A 1 11  ? 11.950  5.552   -17.946 1.00 23.77 ? 59  THR A C   1 
ATOM   82   O O   . THR A 1 11  ? 11.488  5.643   -16.810 1.00 21.49 ? 59  THR A O   1 
ATOM   83   C CB  . THR A 1 11  ? 11.011  3.673   -19.321 1.00 24.94 ? 59  THR A CB  1 
ATOM   84   O OG1 . THR A 1 11  ? 9.898   3.544   -18.420 1.00 25.27 ? 59  THR A OG1 1 
ATOM   85   C CG2 . THR A 1 11  ? 11.295  2.320   -19.986 1.00 22.20 ? 59  THR A CG2 1 
ATOM   86   N N   . HIS A 1 12  ? 12.222  6.618   -18.697 1.00 23.55 ? 60  HIS A N   1 
ATOM   87   C CA  . HIS A 1 12  ? 11.960  7.977   -18.213 1.00 24.76 ? 60  HIS A CA  1 
ATOM   88   C C   . HIS A 1 12  ? 10.506  8.133   -17.735 1.00 24.87 ? 60  HIS A C   1 
ATOM   89   O O   . HIS A 1 12  ? 10.242  8.756   -16.712 1.00 24.33 ? 60  HIS A O   1 
ATOM   90   C CB  . HIS A 1 12  ? 12.225  9.002   -19.323 1.00 24.28 ? 60  HIS A CB  1 
ATOM   91   C CG  . HIS A 1 12  ? 13.664  9.107   -19.739 1.00 25.35 ? 60  HIS A CG  1 
ATOM   92   N ND1 . HIS A 1 12  ? 14.618  9.753   -18.979 1.00 24.22 ? 60  HIS A ND1 1 
ATOM   93   C CD2 . HIS A 1 12  ? 14.299  8.693   -20.864 1.00 23.10 ? 60  HIS A CD2 1 
ATOM   94   C CE1 . HIS A 1 12  ? 15.775  9.739   -19.619 1.00 24.44 ? 60  HIS A CE1 1 
ATOM   95   N NE2 . HIS A 1 12  ? 15.608  9.102   -20.766 1.00 22.54 ? 60  HIS A NE2 1 
ATOM   96   N N   . ARG A 1 13  ? 9.571   7.565   -18.488 1.00 26.10 ? 61  ARG A N   1 
ATOM   97   C CA  . ARG A 1 13  ? 8.152   7.652   -18.155 1.00 27.90 ? 61  ARG A CA  1 
ATOM   98   C C   . ARG A 1 13  ? 7.792   7.057   -16.792 1.00 26.33 ? 61  ARG A C   1 
ATOM   99   O O   . ARG A 1 13  ? 7.272   7.754   -15.917 1.00 26.15 ? 61  ARG A O   1 
ATOM   100  C CB  . ARG A 1 13  ? 7.315   6.969   -19.242 1.00 31.18 ? 61  ARG A CB  1 
ATOM   101  C CG  . ARG A 1 13  ? 5.804   6.994   -18.981 1.00 38.12 ? 61  ARG A CG  1 
ATOM   102  C CD  . ARG A 1 13  ? 5.260   8.424   -18.964 1.00 44.21 ? 61  ARG A CD  1 
ATOM   103  N NE  . ARG A 1 13  ? 3.822   8.478   -18.685 1.00 49.00 ? 61  ARG A NE  1 
ATOM   104  C CZ  . ARG A 1 13  ? 3.117   9.605   -18.627 1.00 51.62 ? 61  ARG A CZ  1 
ATOM   105  N NH1 . ARG A 1 13  ? 3.713   10.776  -18.830 1.00 52.76 ? 61  ARG A NH1 1 
ATOM   106  N NH2 . ARG A 1 13  ? 1.814   9.565   -18.358 1.00 53.79 ? 61  ARG A NH2 1 
ATOM   107  N N   . ASN A 1 14  ? 8.060   5.769   -16.611 1.00 23.10 ? 62  ASN A N   1 
ATOM   108  C CA  . ASN A 1 14  ? 7.743   5.130   -15.344 1.00 22.07 ? 62  ASN A CA  1 
ATOM   109  C C   . ASN A 1 14  ? 8.563   5.699   -14.196 1.00 20.80 ? 62  ASN A C   1 
ATOM   110  O O   . ASN A 1 14  ? 8.037   5.909   -13.107 1.00 19.48 ? 62  ASN A O   1 
ATOM   111  C CB  . ASN A 1 14  ? 7.934   3.617   -15.444 1.00 21.41 ? 62  ASN A CB  1 
ATOM   112  C CG  . ASN A 1 14  ? 6.896   2.966   -16.325 1.00 20.91 ? 62  ASN A CG  1 
ATOM   113  O OD1 . ASN A 1 14  ? 6.701   1.754   -16.280 1.00 24.07 ? 62  ASN A OD1 1 
ATOM   114  N ND2 . ASN A 1 14  ? 6.224   3.768   -17.138 1.00 18.92 ? 62  ASN A ND2 1 
ATOM   115  N N   . MET A 1 15  ? 9.845   5.959   -14.443 1.00 22.17 ? 63  MET A N   1 
ATOM   116  C CA  . MET A 1 15  ? 10.729  6.527   -13.420 1.00 23.94 ? 63  MET A CA  1 
ATOM   117  C C   . MET A 1 15  ? 10.158  7.825   -12.848 1.00 22.52 ? 63  MET A C   1 
ATOM   118  O O   . MET A 1 15  ? 10.180  8.048   -11.637 1.00 22.25 ? 63  MET A O   1 
ATOM   119  C CB  . MET A 1 15  ? 12.106  6.828   -14.011 1.00 26.63 ? 63  MET A CB  1 
ATOM   120  C CG  . MET A 1 15  ? 13.094  5.710   -13.866 1.00 32.84 ? 63  MET A CG  1 
ATOM   121  S SD  . MET A 1 15  ? 13.357  5.373   -12.135 1.00 43.73 ? 63  MET A SD  1 
ATOM   122  C CE  . MET A 1 15  ? 13.332  3.611   -12.179 1.00 36.73 ? 63  MET A CE  1 
ATOM   123  N N   . LYS A 1 16  ? 9.672   8.685   -13.735 1.00 21.45 ? 64  LYS A N   1 
ATOM   124  C CA  . LYS A 1 16  ? 9.100   9.963   -13.331 1.00 22.37 ? 64  LYS A CA  1 
ATOM   125  C C   . LYS A 1 16  ? 7.847   9.734   -12.493 1.00 21.12 ? 64  LYS A C   1 
ATOM   126  O O   . LYS A 1 16  ? 7.656   10.377  -11.472 1.00 21.59 ? 64  LYS A O   1 
ATOM   127  C CB  . LYS A 1 16  ? 8.740   10.795  -14.567 1.00 21.95 ? 64  LYS A CB  1 
ATOM   128  C CG  . LYS A 1 16  ? 8.012   12.102  -14.236 1.00 25.66 ? 64  LYS A CG  1 
ATOM   129  C CD  . LYS A 1 16  ? 7.575   12.834  -15.503 1.00 26.82 ? 64  LYS A CD  1 
ATOM   130  C CE  . LYS A 1 16  ? 6.958   14.193  -15.185 1.00 28.46 ? 64  LYS A CE  1 
ATOM   131  N NZ  . LYS A 1 16  ? 5.846   14.113  -14.190 1.00 24.22 ? 64  LYS A NZ  1 
ATOM   132  N N   . LEU A 1 17  ? 6.992   8.818   -12.939 1.00 21.12 ? 65  LEU A N   1 
ATOM   133  C CA  . LEU A 1 17  ? 5.765   8.518   -12.213 1.00 21.48 ? 65  LEU A CA  1 
ATOM   134  C C   . LEU A 1 17  ? 6.083   7.969   -10.819 1.00 21.29 ? 65  LEU A C   1 
ATOM   135  O O   . LEU A 1 17  ? 5.425   8.328   -9.848  1.00 21.40 ? 65  LEU A O   1 
ATOM   136  C CB  . LEU A 1 17  ? 4.917   7.519   -12.996 1.00 21.85 ? 65  LEU A CB  1 
ATOM   137  C CG  . LEU A 1 17  ? 4.492   7.988   -14.386 1.00 21.79 ? 65  LEU A CG  1 
ATOM   138  C CD1 . LEU A 1 17  ? 3.601   6.929   -15.022 1.00 25.92 ? 65  LEU A CD1 1 
ATOM   139  C CD2 . LEU A 1 17  ? 3.750   9.312   -14.289 1.00 25.45 ? 65  LEU A CD2 1 
ATOM   140  N N   . LEU A 1 18  ? 7.105   7.120   -10.726 1.00 20.22 ? 66  LEU A N   1 
ATOM   141  C CA  . LEU A 1 18  ? 7.508   6.548   -9.444  1.00 19.56 ? 66  LEU A CA  1 
ATOM   142  C C   . LEU A 1 18  ? 8.059   7.628   -8.526  1.00 17.81 ? 66  LEU A C   1 
ATOM   143  O O   . LEU A 1 18  ? 7.815   7.607   -7.321  1.00 14.81 ? 66  LEU A O   1 
ATOM   144  C CB  . LEU A 1 18  ? 8.571   5.456   -9.626  1.00 17.53 ? 66  LEU A CB  1 
ATOM   145  C CG  . LEU A 1 18  ? 8.142   4.019   -9.921  1.00 22.01 ? 66  LEU A CG  1 
ATOM   146  C CD1 . LEU A 1 18  ? 7.067   3.586   -8.930  1.00 19.90 ? 66  LEU A CD1 1 
ATOM   147  C CD2 . LEU A 1 18  ? 7.636   3.899   -11.329 1.00 24.42 ? 66  LEU A CD2 1 
ATOM   148  N N   . ILE A 1 19  ? 8.811   8.567   -9.094  1.00 18.76 ? 67  ILE A N   1 
ATOM   149  C CA  . ILE A 1 19  ? 9.384   9.651   -8.303  1.00 20.41 ? 67  ILE A CA  1 
ATOM   150  C C   . ILE A 1 19  ? 8.291   10.575  -7.768  1.00 19.13 ? 67  ILE A C   1 
ATOM   151  O O   . ILE A 1 19  ? 8.333   11.007  -6.612  1.00 17.85 ? 67  ILE A O   1 
ATOM   152  C CB  . ILE A 1 19  ? 10.392  10.479  -9.133  1.00 22.06 ? 67  ILE A CB  1 
ATOM   153  C CG1 . ILE A 1 19  ? 11.624  9.623   -9.452  1.00 25.00 ? 67  ILE A CG1 1 
ATOM   154  C CG2 . ILE A 1 19  ? 10.782  11.740  -8.367  1.00 21.39 ? 67  ILE A CG2 1 
ATOM   155  C CD1 . ILE A 1 19  ? 12.602  10.275  -10.401 1.00 27.45 ? 67  ILE A CD1 1 
ATOM   156  N N   . ASP A 1 20  ? 7.317   10.885  -8.615  1.00 18.77 ? 68  ASP A N   1 
ATOM   157  C CA  . ASP A 1 20  ? 6.212   11.741  -8.205  1.00 18.35 ? 68  ASP A CA  1 
ATOM   158  C C   . ASP A 1 20  ? 5.486   11.069  -7.042  1.00 17.11 ? 68  ASP A C   1 
ATOM   159  O O   . ASP A 1 20  ? 5.143   11.707  -6.057  1.00 18.00 ? 68  ASP A O   1 
ATOM   160  C CB  . ASP A 1 20  ? 5.252   11.951  -9.369  1.00 18.63 ? 68  ASP A CB  1 
ATOM   161  C CG  . ASP A 1 20  ? 5.871   12.756  -10.482 1.00 22.97 ? 68  ASP A CG  1 
ATOM   162  O OD1 . ASP A 1 20  ? 6.775   13.557  -10.174 1.00 26.61 ? 68  ASP A OD1 1 
ATOM   163  O OD2 . ASP A 1 20  ? 5.448   12.611  -11.647 1.00 21.51 ? 68  ASP A OD2 1 
ATOM   164  N N   . LEU A 1 21  ? 5.278   9.766   -7.163  1.00 16.66 ? 69  LEU A N   1 
ATOM   165  C CA  . LEU A 1 21  ? 4.596   8.992   -6.130  1.00 16.63 ? 69  LEU A CA  1 
ATOM   166  C C   . LEU A 1 21  ? 5.423   8.978   -4.849  1.00 17.13 ? 69  LEU A C   1 
ATOM   167  O O   . LEU A 1 21  ? 4.885   9.126   -3.730  1.00 16.74 ? 69  LEU A O   1 
ATOM   168  C CB  . LEU A 1 21  ? 4.349   7.574   -6.646  1.00 14.68 ? 69  LEU A CB  1 
ATOM   169  C CG  . LEU A 1 21  ? 3.546   6.540   -5.853  1.00 19.51 ? 69  LEU A CG  1 
ATOM   170  C CD1 . LEU A 1 21  ? 4.515   5.669   -5.115  1.00 19.37 ? 69  LEU A CD1 1 
ATOM   171  C CD2 . LEU A 1 21  ? 2.511   7.193   -4.948  1.00 14.67 ? 69  LEU A CD2 1 
ATOM   172  N N   . LYS A 1 22  ? 6.730   8.802   -5.011  1.00 12.96 ? 70  LYS A N   1 
ATOM   173  C CA  . LYS A 1 22  ? 7.630   8.791   -3.870  1.00 14.73 ? 70  LYS A CA  1 
ATOM   174  C C   . LYS A 1 22  ? 7.546   10.124  -3.138  1.00 13.58 ? 70  LYS A C   1 
ATOM   175  O O   . LYS A 1 22  ? 7.609   10.164  -1.911  1.00 14.08 ? 70  LYS A O   1 
ATOM   176  C CB  . LYS A 1 22  ? 9.078   8.534   -4.315  1.00 14.79 ? 70  LYS A CB  1 
ATOM   177  C CG  . LYS A 1 22  ? 10.123  8.700   -3.208  1.00 15.91 ? 70  LYS A CG  1 
ATOM   178  C CD  . LYS A 1 22  ? 10.673  10.132  -3.151  1.00 14.90 ? 70  LYS A CD  1 
ATOM   179  C CE  . LYS A 1 22  ? 11.282  10.530  -4.509  1.00 17.94 ? 70  LYS A CE  1 
ATOM   180  N NZ  . LYS A 1 22  ? 11.956  11.865  -4.510  1.00 16.71 ? 70  LYS A NZ  1 
ATOM   181  N N   . ASN A 1 23  ? 7.423   11.214  -3.889  1.00 15.52 ? 71  ASN A N   1 
ATOM   182  C CA  . ASN A 1 23  ? 7.334   12.542  -3.281  1.00 17.11 ? 71  ASN A CA  1 
ATOM   183  C C   . ASN A 1 23  ? 5.990   12.737  -2.568  1.00 18.25 ? 71  ASN A C   1 
ATOM   184  O O   . ASN A 1 23  ? 5.914   13.429  -1.557  1.00 16.97 ? 71  ASN A O   1 
ATOM   185  C CB  . ASN A 1 23  ? 7.556   13.621  -4.344  1.00 15.56 ? 71  ASN A CB  1 
ATOM   186  C CG  . ASN A 1 23  ? 9.029   13.785  -4.699  1.00 18.56 ? 71  ASN A CG  1 
ATOM   187  O OD1 . ASN A 1 23  ? 9.382   14.155  -5.824  1.00 19.44 ? 71  ASN A OD1 1 
ATOM   188  N ND2 . ASN A 1 23  ? 9.895   13.522  -3.731  1.00 16.71 ? 71  ASN A ND2 1 
ATOM   189  N N   . ILE A 1 24  ? 4.928   12.129  -3.088  1.00 18.59 ? 72  ILE A N   1 
ATOM   190  C CA  . ILE A 1 24  ? 3.639   12.239  -2.420  1.00 18.85 ? 72  ILE A CA  1 
ATOM   191  C C   . ILE A 1 24  ? 3.743   11.479  -1.098  1.00 20.80 ? 72  ILE A C   1 
ATOM   192  O O   . ILE A 1 24  ? 3.239   11.930  -0.065  1.00 20.35 ? 72  ILE A O   1 
ATOM   193  C CB  . ILE A 1 24  ? 2.519   11.632  -3.272  1.00 16.74 ? 72  ILE A CB  1 
ATOM   194  C CG1 . ILE A 1 24  ? 2.273   12.510  -4.498  1.00 15.65 ? 72  ILE A CG1 1 
ATOM   195  C CG2 . ILE A 1 24  ? 1.251   11.494  -2.443  1.00 17.73 ? 72  ILE A CG2 1 
ATOM   196  C CD1 . ILE A 1 24  ? 1.297   11.916  -5.499  1.00 15.98 ? 72  ILE A CD1 1 
ATOM   197  N N   . PHE A 1 25  ? 4.420   10.331  -1.132  1.00 21.17 ? 73  PHE A N   1 
ATOM   198  C CA  . PHE A 1 25  ? 4.606   9.511   0.063   1.00 19.80 ? 73  PHE A CA  1 
ATOM   199  C C   . PHE A 1 25  ? 5.342   10.278  1.166   1.00 22.03 ? 73  PHE A C   1 
ATOM   200  O O   . PHE A 1 25  ? 4.891   10.293  2.315   1.00 21.95 ? 73  PHE A O   1 
ATOM   201  C CB  . PHE A 1 25  ? 5.399   8.233   -0.265  1.00 18.47 ? 73  PHE A CB  1 
ATOM   202  C CG  . PHE A 1 25  ? 4.584   7.136   -0.926  1.00 17.62 ? 73  PHE A CG  1 
ATOM   203  C CD1 . PHE A 1 25  ? 5.225   6.100   -1.597  1.00 16.41 ? 73  PHE A CD1 1 
ATOM   204  C CD2 . PHE A 1 25  ? 3.193   7.113   -0.845  1.00 17.37 ? 73  PHE A CD2 1 
ATOM   205  C CE1 . PHE A 1 25  ? 4.497   5.052   -2.177  1.00 16.27 ? 73  PHE A CE1 1 
ATOM   206  C CE2 . PHE A 1 25  ? 2.449   6.071   -1.420  1.00 15.77 ? 73  PHE A CE2 1 
ATOM   207  C CZ  . PHE A 1 25  ? 3.104   5.039   -2.087  1.00 17.87 ? 73  PHE A CZ  1 
ATOM   208  N N   . SER A 1 26  ? 6.473   10.906  0.835   1.00 21.11 ? 74  SER A N   1 
ATOM   209  C CA  . SER A 1 26  ? 7.225   11.626  1.861   1.00 24.73 ? 74  SER A CA  1 
ATOM   210  C C   . SER A 1 26  ? 6.484   12.855  2.388   1.00 24.62 ? 74  SER A C   1 
ATOM   211  O O   . SER A 1 26  ? 6.539   13.156  3.578   1.00 23.75 ? 74  SER A O   1 
ATOM   212  C CB  . SER A 1 26  ? 8.620   12.027  1.351   1.00 23.50 ? 74  SER A CB  1 
ATOM   213  O OG  . SER A 1 26  ? 8.543   12.998  0.324   1.00 30.80 ? 74  SER A OG  1 
ATOM   214  N N   . ARG A 1 27  ? 5.803   13.571  1.503   1.00 26.12 ? 75  ARG A N   1 
ATOM   215  C CA  . ARG A 1 27  ? 5.057   14.756  1.915   1.00 27.73 ? 75  ARG A CA  1 
ATOM   216  C C   . ARG A 1 27  ? 3.924   14.345  2.863   1.00 27.18 ? 75  ARG A C   1 
ATOM   217  O O   . ARG A 1 27  ? 3.611   15.055  3.823   1.00 28.25 ? 75  ARG A O   1 
ATOM   218  C CB  . ARG A 1 27  ? 4.447   15.455  0.697   1.00 30.96 ? 75  ARG A CB  1 
ATOM   219  C CG  . ARG A 1 27  ? 4.465   16.973  0.776   1.00 37.86 ? 75  ARG A CG  1 
ATOM   220  C CD  . ARG A 1 27  ? 5.657   17.544  0.003   1.00 41.56 ? 75  ARG A CD  1 
ATOM   221  N NE  . ARG A 1 27  ? 5.917   18.942  0.342   1.00 46.34 ? 75  ARG A NE  1 
ATOM   222  C CZ  . ARG A 1 27  ? 7.008   19.364  0.978   1.00 48.85 ? 75  ARG A CZ  1 
ATOM   223  N NH1 . ARG A 1 27  ? 7.948   18.492  1.339   1.00 50.40 ? 75  ARG A NH1 1 
ATOM   224  N NH2 . ARG A 1 27  ? 7.157   20.651  1.265   1.00 49.80 ? 75  ARG A NH2 1 
ATOM   225  N N   . GLN A 1 28  ? 3.328   13.183  2.598   1.00 25.49 ? 76  GLN A N   1 
ATOM   226  C CA  . GLN A 1 28  ? 2.211   12.678  3.395   1.00 22.99 ? 76  GLN A CA  1 
ATOM   227  C C   . GLN A 1 28  ? 2.588   11.769  4.562   1.00 22.39 ? 76  GLN A C   1 
ATOM   228  O O   . GLN A 1 28  ? 1.733   11.427  5.380   1.00 21.32 ? 76  GLN A O   1 
ATOM   229  C CB  . GLN A 1 28  ? 1.210   11.958  2.489   1.00 22.04 ? 76  GLN A CB  1 
ATOM   230  C CG  . GLN A 1 28  ? 0.471   12.889  1.550   1.00 20.16 ? 76  GLN A CG  1 
ATOM   231  C CD  . GLN A 1 28  ? -0.340  13.937  2.304   1.00 21.35 ? 76  GLN A CD  1 
ATOM   232  O OE1 . GLN A 1 28  ? -1.219  13.599  3.094   1.00 20.62 ? 76  GLN A OE1 1 
ATOM   233  N NE2 . GLN A 1 28  ? -0.043  15.211  2.064   1.00 21.46 ? 76  GLN A NE2 1 
ATOM   234  N N   . LEU A 1 29  ? 3.860   11.385  4.638   1.00 21.69 ? 77  LEU A N   1 
ATOM   235  C CA  . LEU A 1 29  ? 4.354   10.546  5.725   1.00 21.86 ? 77  LEU A CA  1 
ATOM   236  C C   . LEU A 1 29  ? 5.645   11.189  6.233   1.00 23.36 ? 77  LEU A C   1 
ATOM   237  O O   . LEU A 1 29  ? 6.731   10.643  6.072   1.00 22.01 ? 77  LEU A O   1 
ATOM   238  C CB  . LEU A 1 29  ? 4.637   9.131   5.222   1.00 22.19 ? 77  LEU A CB  1 
ATOM   239  C CG  . LEU A 1 29  ? 3.487   8.379   4.534   1.00 22.20 ? 77  LEU A CG  1 
ATOM   240  C CD1 . LEU A 1 29  ? 3.986   7.037   4.017   1.00 19.57 ? 77  LEU A CD1 1 
ATOM   241  C CD2 . LEU A 1 29  ? 2.346   8.163   5.515   1.00 22.17 ? 77  LEU A CD2 1 
ATOM   242  N N   . PRO A 1 30  ? 5.533   12.368  6.868   1.00 24.93 ? 78  PRO A N   1 
ATOM   243  C CA  . PRO A 1 30  ? 6.668   13.124  7.408   1.00 26.51 ? 78  PRO A CA  1 
ATOM   244  C C   . PRO A 1 30  ? 7.586   12.393  8.384   1.00 27.30 ? 78  PRO A C   1 
ATOM   245  O O   . PRO A 1 30  ? 8.777   12.689  8.441   1.00 29.46 ? 78  PRO A O   1 
ATOM   246  C CB  . PRO A 1 30  ? 5.997   14.344  8.041   1.00 28.43 ? 78  PRO A CB  1 
ATOM   247  C CG  . PRO A 1 30  ? 4.657   13.801  8.473   1.00 28.56 ? 78  PRO A CG  1 
ATOM   248  C CD  . PRO A 1 30  ? 4.257   12.993  7.259   1.00 26.20 ? 78  PRO A CD  1 
ATOM   249  N N   . LYS A 1 31  ? 7.046   11.446  9.147   1.00 26.22 ? 79  LYS A N   1 
ATOM   250  C CA  . LYS A 1 31  ? 7.850   10.694  10.108  1.00 26.40 ? 79  LYS A CA  1 
ATOM   251  C C   . LYS A 1 31  ? 8.708   9.633   9.414   1.00 26.10 ? 79  LYS A C   1 
ATOM   252  O O   . LYS A 1 31  ? 9.547   8.998   10.042  1.00 22.72 ? 79  LYS A O   1 
ATOM   253  C CB  . LYS A 1 31  ? 6.946   9.989   11.129  1.00 30.64 ? 79  LYS A CB  1 
ATOM   254  C CG  . LYS A 1 31  ? 6.041   10.897  11.954  1.00 34.83 ? 79  LYS A CG  1 
ATOM   255  C CD  . LYS A 1 31  ? 6.817   11.752  12.937  1.00 41.70 ? 79  LYS A CD  1 
ATOM   256  C CE  . LYS A 1 31  ? 5.867   12.583  13.804  1.00 45.65 ? 79  LYS A CE  1 
ATOM   257  N NZ  . LYS A 1 31  ? 6.592   13.484  14.758  1.00 47.31 ? 79  LYS A NZ  1 
ATOM   258  N N   . MET A 1 32  ? 8.479   9.436   8.120   1.00 25.21 ? 80  MET A N   1 
ATOM   259  C CA  . MET A 1 32  ? 9.210   8.430   7.354   1.00 25.24 ? 80  MET A CA  1 
ATOM   260  C C   . MET A 1 32  ? 10.444  9.021   6.694   1.00 23.14 ? 80  MET A C   1 
ATOM   261  O O   . MET A 1 32  ? 10.352  10.009  5.968   1.00 24.39 ? 80  MET A O   1 
ATOM   262  C CB  . MET A 1 32  ? 8.294   7.840   6.277   1.00 25.32 ? 80  MET A CB  1 
ATOM   263  C CG  . MET A 1 32  ? 8.518   6.373   5.998   1.00 29.82 ? 80  MET A CG  1 
ATOM   264  S SD  . MET A 1 32  ? 8.093   5.387   7.426   1.00 32.78 ? 80  MET A SD  1 
ATOM   265  C CE  . MET A 1 32  ? 8.831   3.873   7.013   1.00 34.44 ? 80  MET A CE  1 
ATOM   266  N N   . PRO A 1 33  ? 11.627  8.435   6.940   1.00 22.88 ? 81  PRO A N   1 
ATOM   267  C CA  . PRO A 1 33  ? 12.820  8.998   6.299   1.00 22.00 ? 81  PRO A CA  1 
ATOM   268  C C   . PRO A 1 33  ? 12.594  8.946   4.790   1.00 21.07 ? 81  PRO A C   1 
ATOM   269  O O   . PRO A 1 33  ? 12.255  7.891   4.251   1.00 20.40 ? 81  PRO A O   1 
ATOM   270  C CB  . PRO A 1 33  ? 13.935  8.047   6.730   1.00 22.09 ? 81  PRO A CB  1 
ATOM   271  C CG  . PRO A 1 33  ? 13.423  7.452   8.004   1.00 23.18 ? 81  PRO A CG  1 
ATOM   272  C CD  . PRO A 1 33  ? 11.964  7.227   7.708   1.00 22.38 ? 81  PRO A CD  1 
ATOM   273  N N   . LYS A 1 34  ? 12.765  10.073  4.114   1.00 19.97 ? 82  LYS A N   1 
ATOM   274  C CA  . LYS A 1 34  ? 12.561  10.121  2.674   1.00 22.56 ? 82  LYS A CA  1 
ATOM   275  C C   . LYS A 1 34  ? 13.431  9.118   1.914   1.00 23.59 ? 82  LYS A C   1 
ATOM   276  O O   . LYS A 1 34  ? 12.974  8.494   0.951   1.00 23.82 ? 82  LYS A O   1 
ATOM   277  C CB  . LYS A 1 34  ? 12.826  11.532  2.144   1.00 24.79 ? 82  LYS A CB  1 
ATOM   278  C CG  . LYS A 1 34  ? 12.581  11.681  0.657   1.00 26.98 ? 82  LYS A CG  1 
ATOM   279  C CD  . LYS A 1 34  ? 12.510  13.149  0.268   1.00 30.72 ? 82  LYS A CD  1 
ATOM   280  C CE  . LYS A 1 34  ? 11.910  13.321  -1.115  1.00 32.52 ? 82  LYS A CE  1 
ATOM   281  N NZ  . LYS A 1 34  ? 11.543  14.738  -1.376  1.00 34.30 ? 82  LYS A NZ  1 
ATOM   282  N N   . GLU A 1 35  ? 14.678  8.952   2.344   1.00 24.21 ? 83  GLU A N   1 
ATOM   283  C CA  . GLU A 1 35  ? 15.572  8.031   1.658   1.00 24.73 ? 83  GLU A CA  1 
ATOM   284  C C   . GLU A 1 35  ? 15.090  6.588   1.831   1.00 22.61 ? 83  GLU A C   1 
ATOM   285  O O   . GLU A 1 35  ? 15.333  5.738   0.981   1.00 20.09 ? 83  GLU A O   1 
ATOM   286  C CB  . GLU A 1 35  ? 17.009  8.191   2.174   1.00 26.45 ? 83  GLU A CB  1 
ATOM   287  C CG  . GLU A 1 35  ? 17.471  7.136   3.168   1.00 33.65 ? 83  GLU A CG  1 
ATOM   288  C CD  . GLU A 1 35  ? 17.076  7.458   4.589   1.00 36.23 ? 83  GLU A CD  1 
ATOM   289  O OE1 . GLU A 1 35  ? 17.285  6.603   5.484   1.00 37.68 ? 83  GLU A OE1 1 
ATOM   290  O OE2 . GLU A 1 35  ? 16.566  8.577   4.810   1.00 40.14 ? 83  GLU A OE2 1 
ATOM   291  N N   . TYR A 1 36  ? 14.395  6.325   2.932   1.00 20.31 ? 84  TYR A N   1 
ATOM   292  C CA  . TYR A 1 36  ? 13.875  4.988   3.187   1.00 17.39 ? 84  TYR A CA  1 
ATOM   293  C C   . TYR A 1 36  ? 12.715  4.721   2.231   1.00 16.68 ? 84  TYR A C   1 
ATOM   294  O O   . TYR A 1 36  ? 12.528  3.601   1.756   1.00 16.01 ? 84  TYR A O   1 
ATOM   295  C CB  . TYR A 1 36  ? 13.393  4.866   4.634   1.00 18.11 ? 84  TYR A CB  1 
ATOM   296  C CG  . TYR A 1 36  ? 12.823  3.502   4.963   1.00 18.72 ? 84  TYR A CG  1 
ATOM   297  C CD1 . TYR A 1 36  ? 13.650  2.383   5.056   1.00 19.28 ? 84  TYR A CD1 1 
ATOM   298  C CD2 . TYR A 1 36  ? 11.453  3.326   5.164   1.00 20.40 ? 84  TYR A CD2 1 
ATOM   299  C CE1 . TYR A 1 36  ? 13.129  1.128   5.347   1.00 19.45 ? 84  TYR A CE1 1 
ATOM   300  C CE2 . TYR A 1 36  ? 10.924  2.066   5.454   1.00 19.98 ? 84  TYR A CE2 1 
ATOM   301  C CZ  . TYR A 1 36  ? 11.769  0.977   5.547   1.00 20.72 ? 84  TYR A CZ  1 
ATOM   302  O OH  . TYR A 1 36  ? 11.261  -0.260  5.869   1.00 20.34 ? 84  TYR A OH  1 
ATOM   303  N N   . ILE A 1 37  ? 11.926  5.753   1.964   1.00 16.03 ? 85  ILE A N   1 
ATOM   304  C CA  . ILE A 1 37  ? 10.816  5.607   1.045   1.00 15.39 ? 85  ILE A CA  1 
ATOM   305  C C   . ILE A 1 37  ? 11.411  5.342   -0.347  1.00 14.05 ? 85  ILE A C   1 
ATOM   306  O O   . ILE A 1 37  ? 10.928  4.490   -1.089  1.00 13.64 ? 85  ILE A O   1 
ATOM   307  C CB  . ILE A 1 37  ? 9.947   6.890   1.008   1.00 14.72 ? 85  ILE A CB  1 
ATOM   308  C CG1 . ILE A 1 37  ? 9.332   7.160   2.385   1.00 15.53 ? 85  ILE A CG1 1 
ATOM   309  C CG2 . ILE A 1 37  ? 8.856   6.741   -0.043  1.00 16.36 ? 85  ILE A CG2 1 
ATOM   310  C CD1 . ILE A 1 37  ? 8.397   8.367   2.408   1.00 11.58 ? 85  ILE A CD1 1 
ATOM   311  N N   . VAL A 1 38  ? 12.460  6.086   -0.693  1.00 14.27 ? 86  VAL A N   1 
ATOM   312  C CA  . VAL A 1 38  ? 13.150  5.930   -1.974  1.00 15.33 ? 86  VAL A CA  1 
ATOM   313  C C   . VAL A 1 38  ? 13.630  4.484   -2.123  1.00 16.46 ? 86  VAL A C   1 
ATOM   314  O O   . VAL A 1 38  ? 13.356  3.817   -3.120  1.00 16.45 ? 86  VAL A O   1 
ATOM   315  C CB  . VAL A 1 38  ? 14.385  6.864   -2.069  1.00 15.31 ? 86  VAL A CB  1 
ATOM   316  C CG1 . VAL A 1 38  ? 15.369  6.344   -3.118  1.00 17.73 ? 86  VAL A CG1 1 
ATOM   317  C CG2 . VAL A 1 38  ? 13.953  8.268   -2.445  1.00 15.89 ? 86  VAL A CG2 1 
ATOM   318  N N   . LYS A 1 39  ? 14.340  4.004   -1.114  1.00 18.02 ? 87  LYS A N   1 
ATOM   319  C CA  . LYS A 1 39  ? 14.866  2.651   -1.132  1.00 20.92 ? 87  LYS A CA  1 
ATOM   320  C C   . LYS A 1 39  ? 13.819  1.579   -1.435  1.00 21.16 ? 87  LYS A C   1 
ATOM   321  O O   . LYS A 1 39  ? 13.983  0.768   -2.350  1.00 20.21 ? 87  LYS A O   1 
ATOM   322  C CB  . LYS A 1 39  ? 15.537  2.345   0.209   1.00 22.51 ? 87  LYS A CB  1 
ATOM   323  C CG  . LYS A 1 39  ? 16.252  1.016   0.216   1.00 27.85 ? 87  LYS A CG  1 
ATOM   324  C CD  . LYS A 1 39  ? 17.067  0.824   1.475   1.00 32.75 ? 87  LYS A CD  1 
ATOM   325  C CE  . LYS A 1 39  ? 16.199  0.423   2.646   1.00 35.09 ? 87  LYS A CE  1 
ATOM   326  N NZ  . LYS A 1 39  ? 17.079  0.020   3.767   1.00 38.69 ? 87  LYS A NZ  1 
ATOM   327  N N   . LEU A 1 40  ? 12.735  1.577   -0.669  1.00 20.26 ? 88  LEU A N   1 
ATOM   328  C CA  . LEU A 1 40  ? 11.701  0.573   -0.863  1.00 19.65 ? 88  LEU A CA  1 
ATOM   329  C C   . LEU A 1 40  ? 10.965  0.685   -2.186  1.00 18.13 ? 88  LEU A C   1 
ATOM   330  O O   . LEU A 1 40  ? 10.821  -0.312  -2.890  1.00 18.97 ? 88  LEU A O   1 
ATOM   331  C CB  . LEU A 1 40  ? 10.689  0.596   0.294   1.00 19.85 ? 88  LEU A CB  1 
ATOM   332  C CG  . LEU A 1 40  ? 11.225  0.250   1.684   1.00 21.35 ? 88  LEU A CG  1 
ATOM   333  C CD1 . LEU A 1 40  ? 10.062  -0.200  2.575   1.00 22.20 ? 88  LEU A CD1 1 
ATOM   334  C CD2 . LEU A 1 40  ? 12.254  -0.848  1.583   1.00 21.56 ? 88  LEU A CD2 1 
ATOM   335  N N   . VAL A 1 41  ? 10.507  1.889   -2.523  1.00 18.89 ? 89  VAL A N   1 
ATOM   336  C CA  . VAL A 1 41  ? 9.775   2.099   -3.759  1.00 18.32 ? 89  VAL A CA  1 
ATOM   337  C C   . VAL A 1 41  ? 10.533  1.602   -4.983  1.00 19.56 ? 89  VAL A C   1 
ATOM   338  O O   . VAL A 1 41  ? 9.943   0.984   -5.869  1.00 18.29 ? 89  VAL A O   1 
ATOM   339  C CB  . VAL A 1 41  ? 9.424   3.594   -3.962  1.00 18.90 ? 89  VAL A CB  1 
ATOM   340  C CG1 . VAL A 1 41  ? 8.816   3.808   -5.342  1.00 14.01 ? 89  VAL A CG1 1 
ATOM   341  C CG2 . VAL A 1 41  ? 8.444   4.047   -2.882  1.00 17.38 ? 89  VAL A CG2 1 
ATOM   342  N N   . PHE A 1 42  ? 11.837  1.851   -5.029  1.00 19.34 ? 90  PHE A N   1 
ATOM   343  C CA  . PHE A 1 42  ? 12.613  1.426   -6.187  1.00 20.94 ? 90  PHE A CA  1 
ATOM   344  C C   . PHE A 1 42  ? 13.329  0.083   -6.070  1.00 21.76 ? 90  PHE A C   1 
ATOM   345  O O   . PHE A 1 42  ? 14.048  -0.291  -6.983  1.00 22.44 ? 90  PHE A O   1 
ATOM   346  C CB  . PHE A 1 42  ? 13.634  2.503   -6.570  1.00 19.56 ? 90  PHE A CB  1 
ATOM   347  C CG  . PHE A 1 42  ? 13.017  3.822   -6.924  1.00 18.73 ? 90  PHE A CG  1 
ATOM   348  C CD1 . PHE A 1 42  ? 12.651  4.732   -5.928  1.00 18.45 ? 90  PHE A CD1 1 
ATOM   349  C CD2 . PHE A 1 42  ? 12.767  4.145   -8.252  1.00 17.48 ? 90  PHE A CD2 1 
ATOM   350  C CE1 . PHE A 1 42  ? 12.039  5.945   -6.252  1.00 17.59 ? 90  PHE A CE1 1 
ATOM   351  C CE2 . PHE A 1 42  ? 12.151  5.362   -8.590  1.00 18.24 ? 90  PHE A CE2 1 
ATOM   352  C CZ  . PHE A 1 42  ? 11.788  6.261   -7.586  1.00 17.15 ? 90  PHE A CZ  1 
ATOM   353  N N   . ASP A 1 43  ? 13.139  -0.658  -4.982  1.00 22.80 ? 91  ASP A N   1 
ATOM   354  C CA  . ASP A 1 43  ? 13.847  -1.933  -4.867  1.00 24.94 ? 91  ASP A CA  1 
ATOM   355  C C   . ASP A 1 43  ? 13.201  -3.080  -5.641  1.00 26.58 ? 91  ASP A C   1 
ATOM   356  O O   . ASP A 1 43  ? 12.044  -2.985  -6.065  1.00 26.00 ? 91  ASP A O   1 
ATOM   357  C CB  . ASP A 1 43  ? 14.055  -2.317  -3.395  1.00 26.70 ? 91  ASP A CB  1 
ATOM   358  C CG  . ASP A 1 43  ? 12.852  -2.996  -2.778  1.00 27.04 ? 91  ASP A CG  1 
ATOM   359  O OD1 . ASP A 1 43  ? 12.935  -3.324  -1.582  1.00 29.42 ? 91  ASP A OD1 1 
ATOM   360  O OD2 . ASP A 1 43  ? 11.834  -3.206  -3.470  1.00 28.08 ? 91  ASP A OD2 1 
ATOM   361  N N   . ARG A 1 44  ? 13.952  -4.167  -5.810  1.00 26.62 ? 92  ARG A N   1 
ATOM   362  C CA  . ARG A 1 44  ? 13.483  -5.313  -6.577  1.00 31.24 ? 92  ARG A CA  1 
ATOM   363  C C   . ARG A 1 44  ? 12.226  -6.022  -6.071  1.00 30.09 ? 92  ARG A C   1 
ATOM   364  O O   . ARG A 1 44  ? 11.523  -6.646  -6.854  1.00 31.11 ? 92  ARG A O   1 
ATOM   365  C CB  . ARG A 1 44  ? 14.620  -6.337  -6.733  1.00 34.28 ? 92  ARG A CB  1 
ATOM   366  C CG  . ARG A 1 44  ? 15.858  -5.796  -7.461  1.00 40.65 ? 92  ARG A CG  1 
ATOM   367  C CD  . ARG A 1 44  ? 16.962  -6.861  -7.591  1.00 45.39 ? 92  ARG A CD  1 
ATOM   368  N NE  . ARG A 1 44  ? 18.228  -6.306  -8.074  1.00 47.03 ? 92  ARG A NE  1 
ATOM   369  C CZ  . ARG A 1 44  ? 19.334  -7.021  -8.283  1.00 48.33 ? 92  ARG A CZ  1 
ATOM   370  N NH1 . ARG A 1 44  ? 19.340  -8.328  -8.057  1.00 50.08 ? 92  ARG A NH1 1 
ATOM   371  N NH2 . ARG A 1 44  ? 20.442  -6.429  -8.711  1.00 47.32 ? 92  ARG A NH2 1 
ATOM   372  N N   . HIS A 1 45  ? 11.938  -5.931  -4.778  1.00 28.75 ? 93  HIS A N   1 
ATOM   373  C CA  . HIS A 1 45  ? 10.768  -6.610  -4.234  1.00 28.91 ? 93  HIS A CA  1 
ATOM   374  C C   . HIS A 1 45  ? 9.449   -5.849  -4.279  1.00 26.67 ? 93  HIS A C   1 
ATOM   375  O O   . HIS A 1 45  ? 8.391   -6.455  -4.398  1.00 27.01 ? 93  HIS A O   1 
ATOM   376  C CB  . HIS A 1 45  ? 11.022  -7.022  -2.784  1.00 31.63 ? 93  HIS A CB  1 
ATOM   377  C CG  . HIS A 1 45  ? 12.223  -7.890  -2.611  1.00 33.97 ? 93  HIS A CG  1 
ATOM   378  N ND1 . HIS A 1 45  ? 12.380  -9.085  -3.279  1.00 35.97 ? 93  HIS A ND1 1 
ATOM   379  C CD2 . HIS A 1 45  ? 13.335  -7.732  -1.855  1.00 36.35 ? 93  HIS A CD2 1 
ATOM   380  C CE1 . HIS A 1 45  ? 13.536  -9.626  -2.942  1.00 37.50 ? 93  HIS A CE1 1 
ATOM   381  N NE2 . HIS A 1 45  ? 14.136  -8.824  -2.079  1.00 37.14 ? 93  HIS A NE2 1 
ATOM   382  N N   . HIS A 1 46  ? 9.505   -4.527  -4.183  1.00 25.96 ? 94  HIS A N   1 
ATOM   383  C CA  . HIS A 1 46  ? 8.289   -3.724  -4.155  1.00 25.82 ? 94  HIS A CA  1 
ATOM   384  C C   . HIS A 1 46  ? 7.658   -3.348  -5.490  1.00 25.10 ? 94  HIS A C   1 
ATOM   385  O O   . HIS A 1 46  ? 8.339   -3.235  -6.512  1.00 25.03 ? 94  HIS A O   1 
ATOM   386  C CB  . HIS A 1 46  ? 8.539   -2.459  -3.330  1.00 23.30 ? 94  HIS A CB  1 
ATOM   387  C CG  . HIS A 1 46  ? 8.808   -2.738  -1.883  1.00 25.34 ? 94  HIS A CG  1 
ATOM   388  N ND1 . HIS A 1 46  ? 9.899   -3.461  -1.455  1.00 25.90 ? 94  HIS A ND1 1 
ATOM   389  C CD2 . HIS A 1 46  ? 8.108   -2.419  -0.767  1.00 24.00 ? 94  HIS A CD2 1 
ATOM   390  C CE1 . HIS A 1 46  ? 9.861   -3.577  -0.139  1.00 23.67 ? 94  HIS A CE1 1 
ATOM   391  N NE2 . HIS A 1 46  ? 8.785   -2.953  0.303   1.00 23.60 ? 94  HIS A NE2 1 
ATOM   392  N N   . GLU A 1 47  ? 6.342   -3.155  -5.449  1.00 22.58 ? 95  GLU A N   1 
ATOM   393  C CA  . GLU A 1 47  ? 5.540   -2.765  -6.609  1.00 21.89 ? 95  GLU A CA  1 
ATOM   394  C C   . GLU A 1 47  ? 4.633   -1.624  -6.184  1.00 20.83 ? 95  GLU A C   1 
ATOM   395  O O   . GLU A 1 47  ? 4.307   -1.485  -5.001  1.00 20.97 ? 95  GLU A O   1 
ATOM   396  C CB  . GLU A 1 47  ? 4.643   -3.912  -7.071  1.00 20.37 ? 95  GLU A CB  1 
ATOM   397  C CG  . GLU A 1 47  ? 5.359   -5.152  -7.543  1.00 22.86 ? 95  GLU A CG  1 
ATOM   398  C CD  . GLU A 1 47  ? 4.367   -6.254  -7.874  1.00 21.76 ? 95  GLU A CD  1 
ATOM   399  O OE1 . GLU A 1 47  ? 3.618   -6.108  -8.865  1.00 23.09 ? 95  GLU A OE1 1 
ATOM   400  O OE2 . GLU A 1 47  ? 4.336   -7.246  -7.126  1.00 17.98 ? 95  GLU A OE2 1 
ATOM   401  N N   . SER A 1 48  ? 4.199   -0.824  -7.149  1.00 19.67 ? 96  SER A N   1 
ATOM   402  C CA  . SER A 1 48  ? 3.311   0.279   -6.850  1.00 20.48 ? 96  SER A CA  1 
ATOM   403  C C   . SER A 1 48  ? 2.139   0.346   -7.803  1.00 19.75 ? 96  SER A C   1 
ATOM   404  O O   . SER A 1 48  ? 2.281   0.085   -8.995  1.00 19.30 ? 96  SER A O   1 
ATOM   405  C CB  . SER A 1 48  ? 4.062   1.611   -6.912  1.00 20.97 ? 96  SER A CB  1 
ATOM   406  O OG  . SER A 1 48  ? 5.062   1.679   -5.917  1.00 23.10 ? 96  SER A OG  1 
ATOM   407  N N   . MET A 1 49  ? 0.974   0.679   -7.258  1.00 18.56 ? 97  MET A N   1 
ATOM   408  C CA  . MET A 1 49  ? -0.221  0.863   -8.061  1.00 17.42 ? 97  MET A CA  1 
ATOM   409  C C   . MET A 1 49  ? -0.493  2.341   -7.873  1.00 16.03 ? 97  MET A C   1 
ATOM   410  O O   . MET A 1 49  ? -0.570  2.813   -6.744  1.00 16.62 ? 97  MET A O   1 
ATOM   411  C CB  . MET A 1 49  ? -1.401  0.065   -7.526  1.00 18.04 ? 97  MET A CB  1 
ATOM   412  C CG  . MET A 1 49  ? -2.661  0.296   -8.365  1.00 19.38 ? 97  MET A CG  1 
ATOM   413  S SD  . MET A 1 49  ? -4.119  -0.483  -7.675  1.00 25.90 ? 97  MET A SD  1 
ATOM   414  C CE  . MET A 1 49  ? -4.063  -2.107  -8.444  1.00 22.12 ? 97  MET A CE  1 
ATOM   415  N N   . VAL A 1 50  ? -0.626  3.080   -8.961  1.00 17.75 ? 98  VAL A N   1 
ATOM   416  C CA  . VAL A 1 50  ? -0.852  4.513   -8.849  1.00 17.63 ? 98  VAL A CA  1 
ATOM   417  C C   . VAL A 1 50  ? -2.236  4.945   -9.300  1.00 19.38 ? 98  VAL A C   1 
ATOM   418  O O   . VAL A 1 50  ? -2.899  4.246   -10.069 1.00 19.67 ? 98  VAL A O   1 
ATOM   419  C CB  . VAL A 1 50  ? 0.170   5.302   -9.698  1.00 18.16 ? 98  VAL A CB  1 
ATOM   420  C CG1 . VAL A 1 50  ? 1.567   5.120   -9.141  1.00 20.60 ? 98  VAL A CG1 1 
ATOM   421  C CG2 . VAL A 1 50  ? 0.116   4.817   -11.152 1.00 15.87 ? 98  VAL A CG2 1 
ATOM   422  N N   . ILE A 1 51  ? -2.667  6.095   -8.788  1.00 20.84 ? 99  ILE A N   1 
ATOM   423  C CA  . ILE A 1 51  ? -3.936  6.690   -9.163  1.00 22.13 ? 99  ILE A CA  1 
ATOM   424  C C   . ILE A 1 51  ? -3.457  7.695   -10.185 1.00 23.82 ? 99  ILE A C   1 
ATOM   425  O O   . ILE A 1 51  ? -2.797  8.674   -9.842  1.00 24.40 ? 99  ILE A O   1 
ATOM   426  C CB  . ILE A 1 51  ? -4.599  7.456   -8.001  1.00 22.10 ? 99  ILE A CB  1 
ATOM   427  C CG1 . ILE A 1 51  ? -4.707  6.563   -6.763  1.00 21.02 ? 99  ILE A CG1 1 
ATOM   428  C CG2 . ILE A 1 51  ? -5.980  7.913   -8.431  1.00 18.45 ? 99  ILE A CG2 1 
ATOM   429  C CD1 . ILE A 1 51  ? -5.155  7.304   -5.522  1.00 23.25 ? 99  ILE A CD1 1 
ATOM   430  N N   . LEU A 1 52  ? -3.774  7.443   -11.444 1.00 25.78 ? 100 LEU A N   1 
ATOM   431  C CA  . LEU A 1 52  ? -3.318  8.315   -12.513 1.00 28.77 ? 100 LEU A CA  1 
ATOM   432  C C   . LEU A 1 52  ? -4.447  9.208   -12.994 1.00 29.76 ? 100 LEU A C   1 
ATOM   433  O O   . LEU A 1 52  ? -5.523  8.741   -13.356 1.00 29.10 ? 100 LEU A O   1 
ATOM   434  C CB  . LEU A 1 52  ? -2.785  7.460   -13.666 1.00 28.79 ? 100 LEU A CB  1 
ATOM   435  C CG  . LEU A 1 52  ? -1.603  7.935   -14.509 1.00 30.39 ? 100 LEU A CG  1 
ATOM   436  C CD1 . LEU A 1 52  ? -0.422  8.301   -13.615 1.00 28.46 ? 100 LEU A CD1 1 
ATOM   437  C CD2 . LEU A 1 52  ? -1.219  6.815   -15.473 1.00 29.64 ? 100 LEU A CD2 1 
ATOM   438  N N   . LYS A 1 53  ? -4.200  10.507  -12.978 1.00 32.41 ? 101 LYS A N   1 
ATOM   439  C CA  . LYS A 1 53  ? -5.202  11.460  -13.413 1.00 36.10 ? 101 LYS A CA  1 
ATOM   440  C C   . LYS A 1 53  ? -4.812  11.942  -14.805 1.00 37.60 ? 101 LYS A C   1 
ATOM   441  O O   . LYS A 1 53  ? -3.692  12.402  -15.017 1.00 38.35 ? 101 LYS A O   1 
ATOM   442  C CB  . LYS A 1 53  ? -5.266  12.627  -12.424 1.00 36.76 ? 101 LYS A CB  1 
ATOM   443  C CG  . LYS A 1 53  ? -6.450  13.539  -12.621 1.00 38.36 ? 101 LYS A CG  1 
ATOM   444  C CD  . LYS A 1 53  ? -6.541  14.561  -11.510 1.00 39.89 ? 101 LYS A CD  1 
ATOM   445  C CE  . LYS A 1 53  ? -7.661  15.546  -11.788 1.00 42.75 ? 101 LYS A CE  1 
ATOM   446  N NZ  . LYS A 1 53  ? -7.857  16.497  -10.660 1.00 44.50 ? 101 LYS A NZ  1 
ATOM   447  N N   . ASN A 1 54  ? -5.731  11.806  -15.756 1.00 39.57 ? 102 ASN A N   1 
ATOM   448  C CA  . ASN A 1 54  ? -5.486  12.230  -17.131 1.00 41.89 ? 102 ASN A CA  1 
ATOM   449  C C   . ASN A 1 54  ? -4.281  11.524  -17.753 1.00 42.78 ? 102 ASN A C   1 
ATOM   450  O O   . ASN A 1 54  ? -3.511  12.133  -18.501 1.00 41.75 ? 102 ASN A O   1 
ATOM   451  C CB  . ASN A 1 54  ? -5.293  13.745  -17.176 1.00 43.20 ? 102 ASN A CB  1 
ATOM   452  C CG  . ASN A 1 54  ? -6.495  14.490  -16.637 1.00 45.45 ? 102 ASN A CG  1 
ATOM   453  O OD1 . ASN A 1 54  ? -7.600  14.375  -17.171 1.00 45.83 ? 102 ASN A OD1 1 
ATOM   454  N ND2 . ASN A 1 54  ? -6.289  15.253  -15.568 1.00 46.41 ? 102 ASN A ND2 1 
ATOM   455  N N   . LYS A 1 55  ? -4.136  10.239  -17.431 1.00 43.75 ? 103 LYS A N   1 
ATOM   456  C CA  . LYS A 1 55  ? -3.053  9.395   -17.936 1.00 45.44 ? 103 LYS A CA  1 
ATOM   457  C C   . LYS A 1 55  ? -1.664  10.026  -17.894 1.00 45.93 ? 103 LYS A C   1 
ATOM   458  O O   . LYS A 1 55  ? -0.799  9.669   -18.694 1.00 47.14 ? 103 LYS A O   1 
ATOM   459  C CB  . LYS A 1 55  ? -3.352  8.936   -19.374 1.00 46.90 ? 103 LYS A CB  1 
ATOM   460  C CG  . LYS A 1 55  ? -4.571  8.022   -19.510 1.00 47.56 ? 103 LYS A CG  1 
ATOM   461  C CD  . LYS A 1 55  ? -5.746  8.755   -20.157 1.00 48.44 ? 103 LYS A CD  1 
ATOM   462  C CE  . LYS A 1 55  ? -7.103  8.269   -19.623 1.00 48.37 ? 103 LYS A CE  1 
ATOM   463  N NZ  . LYS A 1 55  ? -7.385  6.822   -19.868 1.00 46.07 ? 103 LYS A NZ  1 
ATOM   464  N N   . GLN A 1 56  ? -1.438  10.945  -16.961 1.00 45.65 ? 104 GLN A N   1 
ATOM   465  C CA  . GLN A 1 56  ? -0.136  11.591  -16.863 1.00 45.02 ? 104 GLN A CA  1 
ATOM   466  C C   . GLN A 1 56  ? 0.223   12.106  -15.472 1.00 43.05 ? 104 GLN A C   1 
ATOM   467  O O   . GLN A 1 56  ? 1.401   12.199  -15.126 1.00 44.13 ? 104 GLN A O   1 
ATOM   468  C CB  . GLN A 1 56  ? -0.053  12.747  -17.868 1.00 48.42 ? 104 GLN A CB  1 
ATOM   469  C CG  . GLN A 1 56  ? 0.263   12.313  -19.300 1.00 53.36 ? 104 GLN A CG  1 
ATOM   470  C CD  . GLN A 1 56  ? 0.125   13.450  -20.306 1.00 56.36 ? 104 GLN A CD  1 
ATOM   471  O OE1 . GLN A 1 56  ? 0.345   14.622  -19.976 1.00 57.64 ? 104 GLN A OE1 1 
ATOM   472  N NE2 . GLN A 1 56  ? -0.221  13.105  -21.548 1.00 57.93 ? 104 GLN A NE2 1 
ATOM   473  N N   . LYS A 1 57  ? -0.777  12.435  -14.663 1.00 39.26 ? 105 LYS A N   1 
ATOM   474  C CA  . LYS A 1 57  ? -0.486  12.966  -13.342 1.00 35.10 ? 105 LYS A CA  1 
ATOM   475  C C   . LYS A 1 57  ? -0.806  12.026  -12.194 1.00 32.53 ? 105 LYS A C   1 
ATOM   476  O O   . LYS A 1 57  ? -1.935  11.561  -12.053 1.00 31.30 ? 105 LYS A O   1 
ATOM   477  C CB  . LYS A 1 57  ? -1.231  14.279  -13.140 1.00 37.27 ? 105 LYS A CB  1 
ATOM   478  C CG  . LYS A 1 57  ? -0.807  15.030  -11.900 1.00 40.59 ? 105 LYS A CG  1 
ATOM   479  C CD  . LYS A 1 57  ? -1.407  16.422  -11.880 1.00 44.49 ? 105 LYS A CD  1 
ATOM   480  C CE  . LYS A 1 57  ? -0.842  17.245  -10.734 1.00 46.17 ? 105 LYS A CE  1 
ATOM   481  N NZ  . LYS A 1 57  ? -1.328  18.657  -10.776 1.00 49.08 ? 105 LYS A NZ  1 
ATOM   482  N N   . VAL A 1 58  ? 0.203   11.758  -11.370 1.00 29.13 ? 106 VAL A N   1 
ATOM   483  C CA  . VAL A 1 58  ? 0.048   10.893  -10.211 1.00 27.30 ? 106 VAL A CA  1 
ATOM   484  C C   . VAL A 1 58  ? -0.580  11.690  -9.068  1.00 26.50 ? 106 VAL A C   1 
ATOM   485  O O   . VAL A 1 58  ? -0.109  12.776  -8.735  1.00 25.98 ? 106 VAL A O   1 
ATOM   486  C CB  . VAL A 1 58  ? 1.406   10.369  -9.718  1.00 27.15 ? 106 VAL A CB  1 
ATOM   487  C CG1 . VAL A 1 58  ? 1.206   9.522   -8.483  1.00 26.35 ? 106 VAL A CG1 1 
ATOM   488  C CG2 . VAL A 1 58  ? 2.089   9.566   -10.819 1.00 28.39 ? 106 VAL A CG2 1 
ATOM   489  N N   . ILE A 1 59  ? -1.646  11.166  -8.471  1.00 25.21 ? 107 ILE A N   1 
ATOM   490  C CA  . ILE A 1 59  ? -2.267  11.868  -7.354  1.00 24.04 ? 107 ILE A CA  1 
ATOM   491  C C   . ILE A 1 59  ? -2.366  10.954  -6.150  1.00 23.65 ? 107 ILE A C   1 
ATOM   492  O O   . ILE A 1 59  ? -2.929  11.324  -5.126  1.00 26.10 ? 107 ILE A O   1 
ATOM   493  C CB  . ILE A 1 59  ? -3.677  12.394  -7.701  1.00 25.00 ? 107 ILE A CB  1 
ATOM   494  C CG1 . ILE A 1 59  ? -4.627  11.226  -7.955  1.00 24.00 ? 107 ILE A CG1 1 
ATOM   495  C CG2 . ILE A 1 59  ? -3.603  13.302  -8.912  1.00 22.75 ? 107 ILE A CG2 1 
ATOM   496  C CD1 . ILE A 1 59  ? -6.057  11.653  -8.163  1.00 25.79 ? 107 ILE A CD1 1 
ATOM   497  N N   . GLY A 1 60  ? -1.819  9.753   -6.270  1.00 22.92 ? 108 GLY A N   1 
ATOM   498  C CA  . GLY A 1 60  ? -1.866  8.835   -5.152  1.00 19.53 ? 108 GLY A CA  1 
ATOM   499  C C   . GLY A 1 60  ? -1.323  7.480   -5.523  1.00 20.17 ? 108 GLY A C   1 
ATOM   500  O O   . GLY A 1 60  ? -0.930  7.253   -6.666  1.00 21.32 ? 108 GLY A O   1 
ATOM   501  N N   . GLY A 1 61  ? -1.307  6.565   -4.561  1.00 19.66 ? 109 GLY A N   1 
ATOM   502  C CA  . GLY A 1 61  ? -0.806  5.237   -4.838  1.00 18.97 ? 109 GLY A CA  1 
ATOM   503  C C   . GLY A 1 61  ? -0.530  4.428   -3.592  1.00 18.58 ? 109 GLY A C   1 
ATOM   504  O O   . GLY A 1 61  ? -0.630  4.919   -2.467  1.00 17.03 ? 109 GLY A O   1 
ATOM   505  N N   . ILE A 1 62  ? -0.190  3.167   -3.804  1.00 17.73 ? 110 ILE A N   1 
ATOM   506  C CA  . ILE A 1 62  ? 0.127   2.270   -2.711  1.00 17.96 ? 110 ILE A CA  1 
ATOM   507  C C   . ILE A 1 62  ? 1.344   1.417   -3.094  1.00 18.30 ? 110 ILE A C   1 
ATOM   508  O O   . ILE A 1 62  ? 1.381   0.830   -4.174  1.00 18.13 ? 110 ILE A O   1 
ATOM   509  C CB  . ILE A 1 62  ? -1.084  1.371   -2.393  1.00 18.53 ? 110 ILE A CB  1 
ATOM   510  C CG1 . ILE A 1 62  ? -0.740  0.422   -1.243  1.00 18.53 ? 110 ILE A CG1 1 
ATOM   511  C CG2 . ILE A 1 62  ? -1.522  0.619   -3.644  1.00 15.64 ? 110 ILE A CG2 1 
ATOM   512  C CD1 . ILE A 1 62  ? -1.940  -0.285  -0.664  1.00 19.04 ? 110 ILE A CD1 1 
ATOM   513  N N   . CYS A 1 63  ? 2.345   1.375   -2.218  1.00 18.51 ? 111 CYS A N   1 
ATOM   514  C CA  . CYS A 1 63  ? 3.556   0.591   -2.453  1.00 19.42 ? 111 CYS A CA  1 
ATOM   515  C C   . CYS A 1 63  ? 3.436   -0.682  -1.635  1.00 19.72 ? 111 CYS A C   1 
ATOM   516  O O   . CYS A 1 63  ? 3.147   -0.641  -0.437  1.00 22.43 ? 111 CYS A O   1 
ATOM   517  C CB  . CYS A 1 63  ? 4.797   1.382   -2.030  1.00 18.48 ? 111 CYS A CB  1 
ATOM   518  S SG  . CYS A 1 63  ? 6.378   0.578   -2.388  1.00 21.13 ? 111 CYS A SG  1 
ATOM   519  N N   . PHE A 1 64  ? 3.641   -1.819  -2.279  1.00 19.32 ? 112 PHE A N   1 
ATOM   520  C CA  . PHE A 1 64  ? 3.490   -3.084  -1.580  1.00 19.68 ? 112 PHE A CA  1 
ATOM   521  C C   . PHE A 1 64  ? 4.531   -4.105  -1.984  1.00 19.18 ? 112 PHE A C   1 
ATOM   522  O O   . PHE A 1 64  ? 5.228   -3.927  -2.974  1.00 19.54 ? 112 PHE A O   1 
ATOM   523  C CB  . PHE A 1 64  ? 2.094   -3.649  -1.853  1.00 18.56 ? 112 PHE A CB  1 
ATOM   524  C CG  . PHE A 1 64  ? 1.809   -3.880  -3.310  1.00 18.28 ? 112 PHE A CG  1 
ATOM   525  C CD1 . PHE A 1 64  ? 1.962   -5.139  -3.869  1.00 20.06 ? 112 PHE A CD1 1 
ATOM   526  C CD2 . PHE A 1 64  ? 1.401   -2.832  -4.128  1.00 19.48 ? 112 PHE A CD2 1 
ATOM   527  C CE1 . PHE A 1 64  ? 1.711   -5.355  -5.228  1.00 16.83 ? 112 PHE A CE1 1 
ATOM   528  C CE2 . PHE A 1 64  ? 1.148   -3.042  -5.489  1.00 18.67 ? 112 PHE A CE2 1 
ATOM   529  C CZ  . PHE A 1 64  ? 1.306   -4.306  -6.031  1.00 19.04 ? 112 PHE A CZ  1 
ATOM   530  N N   . ARG A 1 65  ? 4.634   -5.174  -1.203  1.00 19.17 ? 113 ARG A N   1 
ATOM   531  C CA  . ARG A 1 65  ? 5.578   -6.232  -1.508  1.00 19.98 ? 113 ARG A CA  1 
ATOM   532  C C   . ARG A 1 65  ? 4.901   -7.576  -1.344  1.00 19.76 ? 113 ARG A C   1 
ATOM   533  O O   . ARG A 1 65  ? 4.424   -7.920  -0.257  1.00 16.96 ? 113 ARG A O   1 
ATOM   534  C CB  . ARG A 1 65  ? 6.800   -6.176  -0.594  1.00 22.91 ? 113 ARG A CB  1 
ATOM   535  C CG  . ARG A 1 65  ? 7.757   -7.328  -0.876  1.00 26.07 ? 113 ARG A CG  1 
ATOM   536  C CD  . ARG A 1 65  ? 8.982   -7.267  0.011   1.00 30.24 ? 113 ARG A CD  1 
ATOM   537  N NE  . ARG A 1 65  ? 9.837   -8.437  -0.174  1.00 30.65 ? 113 ARG A NE  1 
ATOM   538  C CZ  . ARG A 1 65  ? 11.052  -8.558  0.356   1.00 33.66 ? 113 ARG A CZ  1 
ATOM   539  N NH1 . ARG A 1 65  ? 11.553  -7.577  1.100   1.00 29.09 ? 113 ARG A NH1 1 
ATOM   540  N NH2 . ARG A 1 65  ? 11.765  -9.660  0.144   1.00 32.74 ? 113 ARG A NH2 1 
ATOM   541  N N   . GLN A 1 66  ? 4.857   -8.335  -2.433  1.00 18.11 ? 114 GLN A N   1 
ATOM   542  C CA  . GLN A 1 66  ? 4.231   -9.648  -2.398  1.00 19.33 ? 114 GLN A CA  1 
ATOM   543  C C   . GLN A 1 66  ? 5.222   -10.713 -1.970  1.00 20.07 ? 114 GLN A C   1 
ATOM   544  O O   . GLN A 1 66  ? 6.410   -10.625 -2.257  1.00 20.40 ? 114 GLN A O   1 
ATOM   545  C CB  . GLN A 1 66  ? 3.707   -10.054 -3.780  1.00 19.51 ? 114 GLN A CB  1 
ATOM   546  C CG  . GLN A 1 66  ? 2.668   -9.157  -4.396  1.00 20.73 ? 114 GLN A CG  1 
ATOM   547  C CD  . GLN A 1 66  ? 2.191   -9.699  -5.735  1.00 22.44 ? 114 GLN A CD  1 
ATOM   548  O OE1 . GLN A 1 66  ? 1.607   -10.788 -5.816  1.00 19.46 ? 114 GLN A OE1 1 
ATOM   549  N NE2 . GLN A 1 66  ? 2.452   -8.948  -6.796  1.00 20.31 ? 114 GLN A NE2 1 
ATOM   550  N N   . TYR A 1 67  ? 4.712   -11.713 -1.267  1.00 21.77 ? 115 TYR A N   1 
ATOM   551  C CA  . TYR A 1 67  ? 5.499   -12.864 -0.859  1.00 23.59 ? 115 TYR A CA  1 
ATOM   552  C C   . TYR A 1 67  ? 4.676   -13.981 -1.484  1.00 25.33 ? 115 TYR A C   1 
ATOM   553  O O   . TYR A 1 67  ? 3.906   -14.673 -0.815  1.00 23.15 ? 115 TYR A O   1 
ATOM   554  C CB  . TYR A 1 67  ? 5.570   -12.984 0.662   1.00 21.49 ? 115 TYR A CB  1 
ATOM   555  C CG  . TYR A 1 67  ? 6.409   -11.901 1.287   1.00 23.55 ? 115 TYR A CG  1 
ATOM   556  C CD1 . TYR A 1 67  ? 5.882   -10.624 1.514   1.00 22.45 ? 115 TYR A CD1 1 
ATOM   557  C CD2 . TYR A 1 67  ? 7.750   -12.132 1.611   1.00 23.04 ? 115 TYR A CD2 1 
ATOM   558  C CE1 . TYR A 1 67  ? 6.669   -9.606  2.048   1.00 22.57 ? 115 TYR A CE1 1 
ATOM   559  C CE2 . TYR A 1 67  ? 8.543   -11.115 2.145   1.00 23.99 ? 115 TYR A CE2 1 
ATOM   560  C CZ  . TYR A 1 67  ? 7.995   -9.859  2.358   1.00 22.81 ? 115 TYR A CZ  1 
ATOM   561  O OH  . TYR A 1 67  ? 8.777   -8.857  2.870   1.00 22.01 ? 115 TYR A OH  1 
ATOM   562  N N   . LYS A 1 68  ? 4.839   -14.105 -2.799  1.00 26.18 ? 116 LYS A N   1 
ATOM   563  C CA  . LYS A 1 68  ? 4.105   -15.068 -3.602  1.00 29.02 ? 116 LYS A CA  1 
ATOM   564  C C   . LYS A 1 68  ? 4.006   -16.482 -3.049  1.00 29.05 ? 116 LYS A C   1 
ATOM   565  O O   . LYS A 1 68  ? 2.901   -16.988 -2.841  1.00 29.23 ? 116 LYS A O   1 
ATOM   566  C CB  . LYS A 1 68  ? 4.669   -15.102 -5.023  1.00 30.50 ? 116 LYS A CB  1 
ATOM   567  C CG  . LYS A 1 68  ? 4.218   -13.939 -5.896  1.00 31.90 ? 116 LYS A CG  1 
ATOM   568  C CD  . LYS A 1 68  ? 2.704   -13.949 -6.056  1.00 34.98 ? 116 LYS A CD  1 
ATOM   569  C CE  . LYS A 1 68  ? 2.269   -13.111 -7.246  1.00 36.08 ? 116 LYS A CE  1 
ATOM   570  N NZ  . LYS A 1 68  ? 0.789   -13.042 -7.357  1.00 38.12 ? 116 LYS A NZ  1 
ATOM   571  N N   . PRO A 1 69  ? 5.149   -17.146 -2.807  1.00 29.63 ? 117 PRO A N   1 
ATOM   572  C CA  . PRO A 1 69  ? 5.044   -18.506 -2.276  1.00 29.75 ? 117 PRO A CA  1 
ATOM   573  C C   . PRO A 1 69  ? 4.119   -18.572 -1.058  1.00 28.87 ? 117 PRO A C   1 
ATOM   574  O O   . PRO A 1 69  ? 3.286   -19.472 -0.965  1.00 29.86 ? 117 PRO A O   1 
ATOM   575  C CB  . PRO A 1 69  ? 6.493   -18.855 -1.937  1.00 29.56 ? 117 PRO A CB  1 
ATOM   576  C CG  . PRO A 1 69  ? 7.259   -18.120 -2.986  1.00 30.20 ? 117 PRO A CG  1 
ATOM   577  C CD  . PRO A 1 69  ? 6.561   -16.768 -3.013  1.00 30.28 ? 117 PRO A CD  1 
ATOM   578  N N   . GLN A 1 70  ? 4.260   -17.611 -0.146  1.00 26.69 ? 118 GLN A N   1 
ATOM   579  C CA  . GLN A 1 70  ? 3.447   -17.558 1.076   1.00 27.71 ? 118 GLN A CA  1 
ATOM   580  C C   . GLN A 1 70  ? 2.021   -17.067 0.851   1.00 26.59 ? 118 GLN A C   1 
ATOM   581  O O   . GLN A 1 70  ? 1.151   -17.271 1.693   1.00 26.79 ? 118 GLN A O   1 
ATOM   582  C CB  . GLN A 1 70  ? 4.103   -16.655 2.123   1.00 27.83 ? 118 GLN A CB  1 
ATOM   583  C CG  . GLN A 1 70  ? 5.453   -17.134 2.630   1.00 29.92 ? 118 GLN A CG  1 
ATOM   584  C CD  . GLN A 1 70  ? 6.489   -17.176 1.532   1.00 31.11 ? 118 GLN A CD  1 
ATOM   585  O OE1 . GLN A 1 70  ? 6.687   -16.197 0.813   1.00 32.17 ? 118 GLN A OE1 1 
ATOM   586  N NE2 . GLN A 1 70  ? 7.156   -18.311 1.393   1.00 34.19 ? 118 GLN A NE2 1 
ATOM   587  N N   . ARG A 1 71  ? 1.791   -16.404 -0.277  1.00 25.05 ? 119 ARG A N   1 
ATOM   588  C CA  . ARG A 1 71  ? 0.475   -15.891 -0.608  1.00 24.52 ? 119 ARG A CA  1 
ATOM   589  C C   . ARG A 1 71  ? -0.043  -14.791 0.317   1.00 23.25 ? 119 ARG A C   1 
ATOM   590  O O   . ARG A 1 71  ? -1.169  -14.851 0.807   1.00 18.81 ? 119 ARG A O   1 
ATOM   591  C CB  . ARG A 1 71  ? -0.542  -17.036 -0.677  1.00 25.87 ? 119 ARG A CB  1 
ATOM   592  C CG  . ARG A 1 71  ? -0.265  -18.032 -1.792  1.00 30.00 ? 119 ARG A CG  1 
ATOM   593  C CD  . ARG A 1 71  ? -1.537  -18.371 -2.535  1.00 30.77 ? 119 ARG A CD  1 
ATOM   594  N NE  . ARG A 1 71  ? -2.494  -19.016 -1.652  1.00 33.58 ? 119 ARG A NE  1 
ATOM   595  C CZ  . ARG A 1 71  ? -3.810  -18.882 -1.755  1.00 34.19 ? 119 ARG A CZ  1 
ATOM   596  N NH1 . ARG A 1 71  ? -4.328  -18.117 -2.706  1.00 34.90 ? 119 ARG A NH1 1 
ATOM   597  N NH2 . ARG A 1 71  ? -4.609  -19.515 -0.908  1.00 34.74 ? 119 ARG A NH2 1 
ATOM   598  N N   . PHE A 1 72  ? 0.802   -13.798 0.568   1.00 22.76 ? 120 PHE A N   1 
ATOM   599  C CA  . PHE A 1 72  ? 0.415   -12.643 1.364   1.00 21.76 ? 120 PHE A CA  1 
ATOM   600  C C   . PHE A 1 72  ? 1.300   -11.497 0.906   1.00 20.80 ? 120 PHE A C   1 
ATOM   601  O O   . PHE A 1 72  ? 2.363   -11.724 0.332   1.00 20.80 ? 120 PHE A O   1 
ATOM   602  C CB  . PHE A 1 72  ? 0.550   -12.904 2.881   1.00 21.97 ? 120 PHE A CB  1 
ATOM   603  C CG  . PHE A 1 72  ? 1.964   -13.036 3.378   1.00 24.53 ? 120 PHE A CG  1 
ATOM   604  C CD1 . PHE A 1 72  ? 2.845   -11.960 3.331   1.00 25.77 ? 120 PHE A CD1 1 
ATOM   605  C CD2 . PHE A 1 72  ? 2.402   -14.231 3.938   1.00 25.71 ? 120 PHE A CD2 1 
ATOM   606  C CE1 . PHE A 1 72  ? 4.142   -12.070 3.830   1.00 25.14 ? 120 PHE A CE1 1 
ATOM   607  C CE2 . PHE A 1 72  ? 3.703   -14.349 4.443   1.00 27.63 ? 120 PHE A CE2 1 
ATOM   608  C CZ  . PHE A 1 72  ? 4.570   -13.260 4.385   1.00 26.39 ? 120 PHE A CZ  1 
ATOM   609  N N   . ALA A 1 73  ? 0.853   -10.270 1.123   1.00 17.65 ? 121 ALA A N   1 
ATOM   610  C CA  . ALA A 1 73  ? 1.634   -9.121  0.720   1.00 16.29 ? 121 ALA A CA  1 
ATOM   611  C C   . ALA A 1 73  ? 1.587   -8.077  1.811   1.00 17.50 ? 121 ALA A C   1 
ATOM   612  O O   . ALA A 1 73  ? 0.628   -8.014  2.582   1.00 15.96 ? 121 ALA A O   1 
ATOM   613  C CB  . ALA A 1 73  ? 1.100   -8.541  -0.593  1.00 14.87 ? 121 ALA A CB  1 
ATOM   614  N N   . GLU A 1 74  ? 2.638   -7.268  1.884   1.00 18.20 ? 122 GLU A N   1 
ATOM   615  C CA  . GLU A 1 74  ? 2.708   -6.216  2.882   1.00 18.73 ? 122 GLU A CA  1 
ATOM   616  C C   . GLU A 1 74  ? 2.589   -4.848  2.240   1.00 18.48 ? 122 GLU A C   1 
ATOM   617  O O   . GLU A 1 74  ? 3.235   -4.571  1.218   1.00 18.12 ? 122 GLU A O   1 
ATOM   618  C CB  . GLU A 1 74  ? 4.029   -6.278  3.643   1.00 20.67 ? 122 GLU A CB  1 
ATOM   619  C CG  . GLU A 1 74  ? 4.226   -5.107  4.608   1.00 22.04 ? 122 GLU A CG  1 
ATOM   620  C CD  . GLU A 1 74  ? 5.531   -5.192  5.389   1.00 25.62 ? 122 GLU A CD  1 
ATOM   621  O OE1 . GLU A 1 74  ? 5.737   -4.360  6.305   1.00 25.17 ? 122 GLU A OE1 1 
ATOM   622  O OE2 . GLU A 1 74  ? 6.351   -6.091  5.085   1.00 25.83 ? 122 GLU A OE2 1 
ATOM   623  N N   . VAL A 1 75  ? 1.759   -3.999  2.834   1.00 16.74 ? 123 VAL A N   1 
ATOM   624  C CA  . VAL A 1 75  ? 1.600   -2.640  2.344   1.00 16.30 ? 123 VAL A CA  1 
ATOM   625  C C   . VAL A 1 75  ? 2.713   -1.800  2.962   1.00 16.98 ? 123 VAL A C   1 
ATOM   626  O O   . VAL A 1 75  ? 2.832   -1.711  4.186   1.00 18.51 ? 123 VAL A O   1 
ATOM   627  C CB  . VAL A 1 75  ? 0.239   -2.033  2.756   1.00 17.55 ? 123 VAL A CB  1 
ATOM   628  C CG1 . VAL A 1 75  ? 0.183   -0.573  2.319   1.00 16.43 ? 123 VAL A CG1 1 
ATOM   629  C CG2 . VAL A 1 75  ? -0.917  -2.825  2.127   1.00 16.21 ? 123 VAL A CG2 1 
ATOM   630  N N   . ALA A 1 76  ? 3.534   -1.192  2.120   1.00 16.24 ? 124 ALA A N   1 
ATOM   631  C CA  . ALA A 1 76  ? 4.625   -0.371  2.619   1.00 18.44 ? 124 ALA A CA  1 
ATOM   632  C C   . ALA A 1 76  ? 4.140   1.068   2.802   1.00 20.36 ? 124 ALA A C   1 
ATOM   633  O O   . ALA A 1 76  ? 4.274   1.643   3.885   1.00 21.95 ? 124 ALA A O   1 
ATOM   634  C CB  . ALA A 1 76  ? 5.809   -0.413  1.649   1.00 19.32 ? 124 ALA A CB  1 
ATOM   635  N N   . PHE A 1 77  ? 3.580   1.646   1.743   1.00 18.53 ? 125 PHE A N   1 
ATOM   636  C CA  . PHE A 1 77  ? 3.085   3.013   1.817   1.00 18.59 ? 125 PHE A CA  1 
ATOM   637  C C   . PHE A 1 77  ? 1.790   3.182   1.041   1.00 16.49 ? 125 PHE A C   1 
ATOM   638  O O   . PHE A 1 77  ? 1.581   2.559   0.001   1.00 14.35 ? 125 PHE A O   1 
ATOM   639  C CB  . PHE A 1 77  ? 4.118   4.004   1.269   1.00 18.54 ? 125 PHE A CB  1 
ATOM   640  C CG  . PHE A 1 77  ? 5.502   3.778   1.783   1.00 18.95 ? 125 PHE A CG  1 
ATOM   641  C CD1 . PHE A 1 77  ? 6.488   3.267   0.950   1.00 18.03 ? 125 PHE A CD1 1 
ATOM   642  C CD2 . PHE A 1 77  ? 5.820   4.068   3.102   1.00 20.12 ? 125 PHE A CD2 1 
ATOM   643  C CE1 . PHE A 1 77  ? 7.771   3.050   1.432   1.00 20.00 ? 125 PHE A CE1 1 
ATOM   644  C CE2 . PHE A 1 77  ? 7.105   3.851   3.589   1.00 19.27 ? 125 PHE A CE2 1 
ATOM   645  C CZ  . PHE A 1 77  ? 8.079   3.342   2.752   1.00 18.68 ? 125 PHE A CZ  1 
ATOM   646  N N   . LEU A 1 78  ? 0.933   4.044   1.567   1.00 15.25 ? 126 LEU A N   1 
ATOM   647  C CA  . LEU A 1 78  ? -0.349  4.357   0.950   1.00 16.11 ? 126 LEU A CA  1 
ATOM   648  C C   . LEU A 1 78  ? -0.578  5.862   1.117   1.00 15.62 ? 126 LEU A C   1 
ATOM   649  O O   . LEU A 1 78  ? -0.344  6.407   2.196   1.00 13.95 ? 126 LEU A O   1 
ATOM   650  C CB  . LEU A 1 78  ? -1.469  3.581   1.645   1.00 17.06 ? 126 LEU A CB  1 
ATOM   651  C CG  . LEU A 1 78  ? -2.910  4.080   1.441   1.00 19.34 ? 126 LEU A CG  1 
ATOM   652  C CD1 . LEU A 1 78  ? -3.311  3.961   -0.027  1.00 19.11 ? 126 LEU A CD1 1 
ATOM   653  C CD2 . LEU A 1 78  ? -3.852  3.254   2.309   1.00 18.19 ? 126 LEU A CD2 1 
ATOM   654  N N   . ALA A 1 79  ? -1.009  6.542   0.062   1.00 15.19 ? 127 ALA A N   1 
ATOM   655  C CA  . ALA A 1 79  ? -1.248  7.976   0.184   1.00 16.08 ? 127 ALA A CA  1 
ATOM   656  C C   . ALA A 1 79  ? -1.871  8.627   -1.032  1.00 16.44 ? 127 ALA A C   1 
ATOM   657  O O   . ALA A 1 79  ? -1.769  8.138   -2.159  1.00 15.22 ? 127 ALA A O   1 
ATOM   658  C CB  . ALA A 1 79  ? 0.052   8.701   0.539   1.00 17.85 ? 127 ALA A CB  1 
ATOM   659  N N   . VAL A 1 80  ? -2.549  9.735   -0.776  1.00 17.91 ? 128 VAL A N   1 
ATOM   660  C CA  . VAL A 1 80  ? -3.184  10.523  -1.824  1.00 17.52 ? 128 VAL A CA  1 
ATOM   661  C C   . VAL A 1 80  ? -2.687  11.939  -1.568  1.00 17.20 ? 128 VAL A C   1 
ATOM   662  O O   . VAL A 1 80  ? -2.622  12.374  -0.414  1.00 16.33 ? 128 VAL A O   1 
ATOM   663  C CB  . VAL A 1 80  ? -4.724  10.491  -1.721  1.00 20.01 ? 128 VAL A CB  1 
ATOM   664  C CG1 . VAL A 1 80  ? -5.339  11.472  -2.735  1.00 17.89 ? 128 VAL A CG1 1 
ATOM   665  C CG2 . VAL A 1 80  ? -5.243  9.077   -1.976  1.00 19.47 ? 128 VAL A CG2 1 
ATOM   666  N N   . THR A 1 81  ? -2.314  12.638  -2.630  1.00 18.04 ? 129 THR A N   1 
ATOM   667  C CA  . THR A 1 81  ? -1.802  13.990  -2.506  1.00 22.58 ? 129 THR A CA  1 
ATOM   668  C C   . THR A 1 81  ? -2.848  14.878  -1.808  1.00 24.53 ? 129 THR A C   1 
ATOM   669  O O   . THR A 1 81  ? -4.052  14.719  -2.010  1.00 23.69 ? 129 THR A O   1 
ATOM   670  C CB  . THR A 1 81  ? -1.439  14.541  -3.900  1.00 23.98 ? 129 THR A CB  1 
ATOM   671  O OG1 . THR A 1 81  ? -0.654  15.730  -3.762  1.00 29.02 ? 129 THR A OG1 1 
ATOM   672  C CG2 . THR A 1 81  ? -2.690  14.830  -4.711  1.00 26.74 ? 129 THR A CG2 1 
ATOM   673  N N   . ALA A 1 82  ? -2.369  15.801  -0.980  1.00 24.96 ? 130 ALA A N   1 
ATOM   674  C CA  . ALA A 1 82  ? -3.224  16.697  -0.207  1.00 24.52 ? 130 ALA A CA  1 
ATOM   675  C C   . ALA A 1 82  ? -4.411  17.301  -0.946  1.00 24.09 ? 130 ALA A C   1 
ATOM   676  O O   . ALA A 1 82  ? -5.550  17.149  -0.512  1.00 22.53 ? 130 ALA A O   1 
ATOM   677  C CB  . ALA A 1 82  ? -2.379  17.812  0.402   1.00 26.80 ? 130 ALA A CB  1 
ATOM   678  N N   . ASN A 1 83  ? -4.147  17.978  -2.059  1.00 24.84 ? 131 ASN A N   1 
ATOM   679  C CA  . ASN A 1 83  ? -5.205  18.632  -2.831  1.00 26.17 ? 131 ASN A CA  1 
ATOM   680  C C   . ASN A 1 83  ? -6.183  17.689  -3.535  1.00 25.31 ? 131 ASN A C   1 
ATOM   681  O O   . ASN A 1 83  ? -7.031  18.130  -4.318  1.00 23.96 ? 131 ASN A O   1 
ATOM   682  C CB  . ASN A 1 83  ? -4.575  19.580  -3.859  1.00 28.03 ? 131 ASN A CB  1 
ATOM   683  C CG  . ASN A 1 83  ? -3.557  18.881  -4.746  1.00 31.69 ? 131 ASN A CG  1 
ATOM   684  O OD1 . ASN A 1 83  ? -2.640  18.211  -4.251  1.00 33.29 ? 131 ASN A OD1 1 
ATOM   685  N ND2 . ASN A 1 83  ? -3.706  19.036  -6.058  1.00 31.04 ? 131 ASN A ND2 1 
ATOM   686  N N   . GLU A 1 84  ? -6.086  16.397  -3.254  1.00 23.30 ? 132 GLU A N   1 
ATOM   687  C CA  . GLU A 1 84  ? -6.978  15.453  -3.906  1.00 23.06 ? 132 GLU A CA  1 
ATOM   688  C C   . GLU A 1 84  ? -7.635  14.513  -2.917  1.00 21.52 ? 132 GLU A C   1 
ATOM   689  O O   . GLU A 1 84  ? -8.339  13.584  -3.308  1.00 19.99 ? 132 GLU A O   1 
ATOM   690  C CB  . GLU A 1 84  ? -6.209  14.662  -4.969  1.00 24.64 ? 132 GLU A CB  1 
ATOM   691  C CG  . GLU A 1 84  ? -5.777  15.504  -6.155  1.00 27.16 ? 132 GLU A CG  1 
ATOM   692  C CD  . GLU A 1 84  ? -6.896  15.713  -7.156  1.00 30.04 ? 132 GLU A CD  1 
ATOM   693  O OE1 . GLU A 1 84  ? -8.072  15.770  -6.740  1.00 32.16 ? 132 GLU A OE1 1 
ATOM   694  O OE2 . GLU A 1 84  ? -6.597  15.833  -8.364  1.00 34.91 ? 132 GLU A OE2 1 
ATOM   695  N N   . GLN A 1 85  ? -7.407  14.761  -1.636  1.00 19.98 ? 133 GLN A N   1 
ATOM   696  C CA  . GLN A 1 85  ? -7.984  13.927  -0.594  1.00 22.51 ? 133 GLN A CA  1 
ATOM   697  C C   . GLN A 1 85  ? -9.463  14.237  -0.351  1.00 22.10 ? 133 GLN A C   1 
ATOM   698  O O   . GLN A 1 85  ? -9.976  15.255  -0.797  1.00 21.64 ? 133 GLN A O   1 
ATOM   699  C CB  . GLN A 1 85  ? -7.202  14.115  0.704   1.00 22.63 ? 133 GLN A CB  1 
ATOM   700  C CG  . GLN A 1 85  ? -5.759  13.686  0.592   1.00 25.99 ? 133 GLN A CG  1 
ATOM   701  C CD  . GLN A 1 85  ? -4.993  13.865  1.883   1.00 25.73 ? 133 GLN A CD  1 
ATOM   702  O OE1 . GLN A 1 85  ? -3.861  13.395  2.014   1.00 29.76 ? 133 GLN A OE1 1 
ATOM   703  N NE2 . GLN A 1 85  ? -5.597  14.554  2.841   1.00 24.75 ? 133 GLN A NE2 1 
ATOM   704  N N   . VAL A 1 86  ? -10.129 13.346  0.373   1.00 23.88 ? 134 VAL A N   1 
ATOM   705  C CA  . VAL A 1 86  ? -11.547 13.491  0.712   1.00 24.77 ? 134 VAL A CA  1 
ATOM   706  C C   . VAL A 1 86  ? -12.410 13.578  -0.544  1.00 25.63 ? 134 VAL A C   1 
ATOM   707  O O   . VAL A 1 86  ? -13.271 14.444  -0.662  1.00 26.32 ? 134 VAL A O   1 
ATOM   708  C CB  . VAL A 1 86  ? -11.798 14.753  1.579   1.00 24.57 ? 134 VAL A CB  1 
ATOM   709  C CG1 . VAL A 1 86  ? -13.211 14.709  2.153   1.00 26.62 ? 134 VAL A CG1 1 
ATOM   710  C CG2 . VAL A 1 86  ? -10.773 14.833  2.706   1.00 23.27 ? 134 VAL A CG2 1 
ATOM   711  N N   . ARG A 1 87  ? -12.164 12.673  -1.482  1.00 25.09 ? 135 ARG A N   1 
ATOM   712  C CA  . ARG A 1 87  ? -12.917 12.633  -2.723  1.00 26.44 ? 135 ARG A CA  1 
ATOM   713  C C   . ARG A 1 87  ? -13.173 11.169  -3.082  1.00 24.76 ? 135 ARG A C   1 
ATOM   714  O O   . ARG A 1 87  ? -13.692 10.856  -4.149  1.00 26.39 ? 135 ARG A O   1 
ATOM   715  C CB  . ARG A 1 87  ? -12.138 13.361  -3.818  1.00 28.30 ? 135 ARG A CB  1 
ATOM   716  C CG  . ARG A 1 87  ? -11.726 14.764  -3.367  1.00 32.85 ? 135 ARG A CG  1 
ATOM   717  C CD  . ARG A 1 87  ? -10.903 15.516  -4.385  1.00 33.35 ? 135 ARG A CD  1 
ATOM   718  N NE  . ARG A 1 87  ? -11.614 15.701  -5.640  1.00 36.80 ? 135 ARG A NE  1 
ATOM   719  C CZ  . ARG A 1 87  ? -11.488 16.780  -6.405  1.00 38.72 ? 135 ARG A CZ  1 
ATOM   720  N NH1 . ARG A 1 87  ? -10.679 17.765  -6.026  1.00 40.19 ? 135 ARG A NH1 1 
ATOM   721  N NH2 . ARG A 1 87  ? -12.168 16.876  -7.544  1.00 36.98 ? 135 ARG A NH2 1 
ATOM   722  N N   . GLY A 1 88  ? -12.813 10.281  -2.163  1.00 23.08 ? 136 GLY A N   1 
ATOM   723  C CA  . GLY A 1 88  ? -13.026 8.860   -2.362  1.00 23.79 ? 136 GLY A CA  1 
ATOM   724  C C   . GLY A 1 88  ? -11.944 8.091   -3.096  1.00 24.53 ? 136 GLY A C   1 
ATOM   725  O O   . GLY A 1 88  ? -12.062 6.877   -3.262  1.00 24.81 ? 136 GLY A O   1 
ATOM   726  N N   . TYR A 1 89  ? -10.897 8.782   -3.539  1.00 24.19 ? 137 TYR A N   1 
ATOM   727  C CA  . TYR A 1 89  ? -9.808  8.131   -4.273  1.00 23.00 ? 137 TYR A CA  1 
ATOM   728  C C   . TYR A 1 89  ? -9.110  7.048   -3.434  1.00 23.23 ? 137 TYR A C   1 
ATOM   729  O O   . TYR A 1 89  ? -8.983  5.898   -3.866  1.00 21.33 ? 137 TYR A O   1 
ATOM   730  C CB  . TYR A 1 89  ? -8.799  9.192   -4.741  1.00 22.61 ? 137 TYR A CB  1 
ATOM   731  C CG  . TYR A 1 89  ? -9.386  10.195  -5.718  1.00 22.21 ? 137 TYR A CG  1 
ATOM   732  C CD1 . TYR A 1 89  ? -8.865  11.488  -5.826  1.00 22.48 ? 137 TYR A CD1 1 
ATOM   733  C CD2 . TYR A 1 89  ? -10.459 9.848   -6.540  1.00 23.80 ? 137 TYR A CD2 1 
ATOM   734  C CE1 . TYR A 1 89  ? -9.402  12.411  -6.724  1.00 23.28 ? 137 TYR A CE1 1 
ATOM   735  C CE2 . TYR A 1 89  ? -10.999 10.760  -7.443  1.00 25.60 ? 137 TYR A CE2 1 
ATOM   736  C CZ  . TYR A 1 89  ? -10.472 12.038  -7.530  1.00 25.86 ? 137 TYR A CZ  1 
ATOM   737  O OH  . TYR A 1 89  ? -11.020 12.938  -8.417  1.00 26.35 ? 137 TYR A OH  1 
ATOM   738  N N   . GLY A 1 90  ? -8.672  7.424   -2.236  1.00 23.79 ? 138 GLY A N   1 
ATOM   739  C CA  . GLY A 1 90  ? -7.997  6.491   -1.349  1.00 24.50 ? 138 GLY A CA  1 
ATOM   740  C C   . GLY A 1 90  ? -8.745  5.186   -1.130  1.00 26.10 ? 138 GLY A C   1 
ATOM   741  O O   . GLY A 1 90  ? -8.146  4.110   -1.083  1.00 26.69 ? 138 GLY A O   1 
ATOM   742  N N   . THR A 1 91  ? -10.060 5.266   -0.987  1.00 24.81 ? 139 THR A N   1 
ATOM   743  C CA  . THR A 1 91  ? -10.855 4.062   -0.779  1.00 23.11 ? 139 THR A CA  1 
ATOM   744  C C   . THR A 1 91  ? -10.974 3.281   -2.077  1.00 20.21 ? 139 THR A C   1 
ATOM   745  O O   . THR A 1 91  ? -10.956 2.049   -2.068  1.00 21.20 ? 139 THR A O   1 
ATOM   746  C CB  . THR A 1 91  ? -12.261 4.404   -0.263  1.00 23.03 ? 139 THR A CB  1 
ATOM   747  O OG1 . THR A 1 91  ? -12.141 5.027   1.018   1.00 26.74 ? 139 THR A OG1 1 
ATOM   748  C CG2 . THR A 1 91  ? -13.116 3.147   -0.137  1.00 22.88 ? 139 THR A CG2 1 
ATOM   749  N N   . ARG A 1 92  ? -11.107 3.992   -3.190  1.00 18.94 ? 140 ARG A N   1 
ATOM   750  C CA  . ARG A 1 92  ? -11.205 3.330   -4.485  1.00 18.84 ? 140 ARG A CA  1 
ATOM   751  C C   . ARG A 1 92  ? -9.881  2.638   -4.809  1.00 17.15 ? 140 ARG A C   1 
ATOM   752  O O   . ARG A 1 92  ? -9.869  1.554   -5.391  1.00 18.36 ? 140 ARG A O   1 
ATOM   753  C CB  . ARG A 1 92  ? -11.573 4.334   -5.579  1.00 19.58 ? 140 ARG A CB  1 
ATOM   754  C CG  . ARG A 1 92  ? -13.077 4.587   -5.678  1.00 25.29 ? 140 ARG A CG  1 
ATOM   755  C CD  . ARG A 1 92  ? -13.386 5.811   -6.536  1.00 29.41 ? 140 ARG A CD  1 
ATOM   756  N NE  . ARG A 1 92  ? -12.967 5.644   -7.928  1.00 32.14 ? 140 ARG A NE  1 
ATOM   757  C CZ  . ARG A 1 92  ? -12.881 6.649   -8.796  1.00 36.01 ? 140 ARG A CZ  1 
ATOM   758  N NH1 . ARG A 1 92  ? -13.183 7.883   -8.409  1.00 35.77 ? 140 ARG A NH1 1 
ATOM   759  N NH2 . ARG A 1 92  ? -12.496 6.430   -10.049 1.00 37.09 ? 140 ARG A NH2 1 
ATOM   760  N N   . LEU A 1 93  ? -8.769  3.253   -4.414  1.00 16.57 ? 141 LEU A N   1 
ATOM   761  C CA  . LEU A 1 93  ? -7.449  2.660   -4.655  1.00 16.23 ? 141 LEU A CA  1 
ATOM   762  C C   . LEU A 1 93  ? -7.348  1.337   -3.902  1.00 16.29 ? 141 LEU A C   1 
ATOM   763  O O   . LEU A 1 93  ? -7.009  0.308   -4.487  1.00 18.70 ? 141 LEU A O   1 
ATOM   764  C CB  . LEU A 1 93  ? -6.336  3.606   -4.181  1.00 15.99 ? 141 LEU A CB  1 
ATOM   765  C CG  . LEU A 1 93  ? -4.903  3.053   -4.109  1.00 17.38 ? 141 LEU A CG  1 
ATOM   766  C CD1 . LEU A 1 93  ? -4.427  2.574   -5.489  1.00 14.03 ? 141 LEU A CD1 1 
ATOM   767  C CD2 . LEU A 1 93  ? -3.984  4.135   -3.567  1.00 13.52 ? 141 LEU A CD2 1 
ATOM   768  N N   . MET A 1 94  ? -7.663  1.368   -2.607  1.00 16.45 ? 142 MET A N   1 
ATOM   769  C CA  . MET A 1 94  ? -7.613  0.181   -1.760  1.00 18.26 ? 142 MET A CA  1 
ATOM   770  C C   . MET A 1 94  ? -8.465  -0.943  -2.338  1.00 17.96 ? 142 MET A C   1 
ATOM   771  O O   . MET A 1 94  ? -8.081  -2.112  -2.295  1.00 18.90 ? 142 MET A O   1 
ATOM   772  C CB  . MET A 1 94  ? -8.091  0.510   -0.340  1.00 21.11 ? 142 MET A CB  1 
ATOM   773  C CG  . MET A 1 94  ? -8.005  -0.676  0.627   1.00 24.62 ? 142 MET A CG  1 
ATOM   774  S SD  . MET A 1 94  ? -6.308  -1.323  0.780   1.00 28.25 ? 142 MET A SD  1 
ATOM   775  C CE  . MET A 1 94  ? -5.438  0.143   1.360   1.00 26.30 ? 142 MET A CE  1 
ATOM   776  N N   . ASN A 1 95  ? -9.630  -0.598  -2.871  1.00 16.38 ? 143 ASN A N   1 
ATOM   777  C CA  . ASN A 1 95  ? -10.487 -1.620  -3.462  1.00 16.84 ? 143 ASN A CA  1 
ATOM   778  C C   . ASN A 1 95  ? -9.849  -2.188  -4.730  1.00 16.44 ? 143 ASN A C   1 
ATOM   779  O O   . ASN A 1 95  ? -9.934  -3.387  -4.977  1.00 16.41 ? 143 ASN A O   1 
ATOM   780  C CB  . ASN A 1 95  ? -11.869 -1.054  -3.801  1.00 17.97 ? 143 ASN A CB  1 
ATOM   781  C CG  . ASN A 1 95  ? -12.694 -0.749  -2.564  1.00 20.50 ? 143 ASN A CG  1 
ATOM   782  O OD1 . ASN A 1 95  ? -12.681 -1.505  -1.598  1.00 22.34 ? 143 ASN A OD1 1 
ATOM   783  N ND2 . ASN A 1 95  ? -13.425 0.356   -2.594  1.00 23.63 ? 143 ASN A ND2 1 
ATOM   784  N N   . LYS A 1 96  ? -9.237  -1.322  -5.542  1.00 15.10 ? 144 LYS A N   1 
ATOM   785  C CA  . LYS A 1 96  ? -8.582  -1.776  -6.768  1.00 18.30 ? 144 LYS A CA  1 
ATOM   786  C C   . LYS A 1 96  ? -7.398  -2.665  -6.381  1.00 18.26 ? 144 LYS A C   1 
ATOM   787  O O   . LYS A 1 96  ? -7.078  -3.637  -7.060  1.00 18.83 ? 144 LYS A O   1 
ATOM   788  C CB  . LYS A 1 96  ? -8.062  -0.590  -7.588  1.00 16.84 ? 144 LYS A CB  1 
ATOM   789  C CG  . LYS A 1 96  ? -9.135  0.203   -8.315  1.00 20.13 ? 144 LYS A CG  1 
ATOM   790  C CD  . LYS A 1 96  ? -9.569  -0.474  -9.622  1.00 24.30 ? 144 LYS A CD  1 
ATOM   791  C CE  . LYS A 1 96  ? -10.623 0.368   -10.364 1.00 25.31 ? 144 LYS A CE  1 
ATOM   792  N NZ  . LYS A 1 96  ? -10.968 -0.172  -11.718 1.00 26.72 ? 144 LYS A NZ  1 
ATOM   793  N N   . PHE A 1 97  ? -6.749  -2.319  -5.276  1.00 18.77 ? 145 PHE A N   1 
ATOM   794  C CA  . PHE A 1 97  ? -5.610  -3.076  -4.808  1.00 16.93 ? 145 PHE A CA  1 
ATOM   795  C C   . PHE A 1 97  ? -6.050  -4.476  -4.373  1.00 17.91 ? 145 PHE A C   1 
ATOM   796  O O   . PHE A 1 97  ? -5.410  -5.466  -4.720  1.00 17.18 ? 145 PHE A O   1 
ATOM   797  C CB  . PHE A 1 97  ? -4.943  -2.347  -3.647  1.00 16.96 ? 145 PHE A CB  1 
ATOM   798  C CG  . PHE A 1 97  ? -3.761  -3.072  -3.093  1.00 16.80 ? 145 PHE A CG  1 
ATOM   799  C CD1 . PHE A 1 97  ? -3.746  -3.491  -1.768  1.00 16.59 ? 145 PHE A CD1 1 
ATOM   800  C CD2 . PHE A 1 97  ? -2.671  -3.374  -3.907  1.00 15.83 ? 145 PHE A CD2 1 
ATOM   801  C CE1 . PHE A 1 97  ? -2.667  -4.203  -1.253  1.00 14.65 ? 145 PHE A CE1 1 
ATOM   802  C CE2 . PHE A 1 97  ? -1.591  -4.083  -3.404  1.00 15.34 ? 145 PHE A CE2 1 
ATOM   803  C CZ  . PHE A 1 97  ? -1.588  -4.498  -2.072  1.00 14.60 ? 145 PHE A CZ  1 
ATOM   804  N N   . LYS A 1 98  ? -7.153  -4.562  -3.633  1.00 16.95 ? 146 LYS A N   1 
ATOM   805  C CA  . LYS A 1 98  ? -7.632  -5.862  -3.181  1.00 17.97 ? 146 LYS A CA  1 
ATOM   806  C C   . LYS A 1 98  ? -8.028  -6.740  -4.355  1.00 18.57 ? 146 LYS A C   1 
ATOM   807  O O   . LYS A 1 98  ? -7.746  -7.937  -4.364  1.00 18.30 ? 146 LYS A O   1 
ATOM   808  C CB  . LYS A 1 98  ? -8.809  -5.714  -2.226  1.00 17.97 ? 146 LYS A CB  1 
ATOM   809  C CG  . LYS A 1 98  ? -8.432  -5.155  -0.861  1.00 19.02 ? 146 LYS A CG  1 
ATOM   810  C CD  . LYS A 1 98  ? -9.662  -5.130  0.024   1.00 20.44 ? 146 LYS A CD  1 
ATOM   811  C CE  . LYS A 1 98  ? -9.378  -4.423  1.331   1.00 23.84 ? 146 LYS A CE  1 
ATOM   812  N NZ  . LYS A 1 98  ? -10.639 -4.191  2.081   1.00 24.26 ? 146 LYS A NZ  1 
ATOM   813  N N   . ASP A 1 99  ? -8.684  -6.140  -5.341  1.00 15.72 ? 147 ASP A N   1 
ATOM   814  C CA  . ASP A 1 99  ? -9.097  -6.872  -6.524  1.00 17.89 ? 147 ASP A CA  1 
ATOM   815  C C   . ASP A 1 99  ? -7.851  -7.394  -7.249  1.00 19.31 ? 147 ASP A C   1 
ATOM   816  O O   . ASP A 1 99  ? -7.802  -8.549  -7.676  1.00 18.84 ? 147 ASP A O   1 
ATOM   817  C CB  . ASP A 1 99  ? -9.921  -5.961  -7.446  1.00 18.72 ? 147 ASP A CB  1 
ATOM   818  C CG  . ASP A 1 99  ? -10.298 -6.639  -8.753  1.00 20.76 ? 147 ASP A CG  1 
ATOM   819  O OD1 . ASP A 1 99  ? -9.587  -6.439  -9.757  1.00 25.15 ? 147 ASP A OD1 1 
ATOM   820  O OD2 . ASP A 1 99  ? -11.296 -7.384  -8.777  1.00 20.36 ? 147 ASP A OD2 1 
ATOM   821  N N   . HIS A 1 100 ? -6.834  -6.545  -7.371  1.00 18.47 ? 148 HIS A N   1 
ATOM   822  C CA  . HIS A 1 100 ? -5.603  -6.955  -8.032  1.00 19.18 ? 148 HIS A CA  1 
ATOM   823  C C   . HIS A 1 100 ? -4.909  -8.079  -7.254  1.00 17.62 ? 148 HIS A C   1 
ATOM   824  O O   . HIS A 1 100 ? -4.393  -9.028  -7.841  1.00 15.42 ? 148 HIS A O   1 
ATOM   825  C CB  . HIS A 1 100 ? -4.657  -5.763  -8.182  1.00 19.78 ? 148 HIS A CB  1 
ATOM   826  C CG  . HIS A 1 100 ? -3.340  -6.124  -8.789  1.00 22.23 ? 148 HIS A CG  1 
ATOM   827  N ND1 . HIS A 1 100 ? -2.175  -6.180  -8.055  1.00 21.27 ? 148 HIS A ND1 1 
ATOM   828  C CD2 . HIS A 1 100 ? -3.010  -6.494  -10.048 1.00 18.82 ? 148 HIS A CD2 1 
ATOM   829  C CE1 . HIS A 1 100 ? -1.183  -6.566  -8.836  1.00 18.83 ? 148 HIS A CE1 1 
ATOM   830  N NE2 . HIS A 1 100 ? -1.663  -6.765  -10.049 1.00 22.61 ? 148 HIS A NE2 1 
ATOM   831  N N   . MET A 1 101 ? -4.911  -7.964  -5.930  1.00 18.15 ? 149 MET A N   1 
ATOM   832  C CA  . MET A 1 101 ? -4.298  -8.970  -5.069  1.00 19.18 ? 149 MET A CA  1 
ATOM   833  C C   . MET A 1 101 ? -5.025  -10.310 -5.172  1.00 19.42 ? 149 MET A C   1 
ATOM   834  O O   . MET A 1 101 ? -4.406  -11.378 -5.153  1.00 17.69 ? 149 MET A O   1 
ATOM   835  C CB  . MET A 1 101 ? -4.297  -8.489  -3.623  1.00 20.52 ? 149 MET A CB  1 
ATOM   836  C CG  . MET A 1 101 ? -3.295  -7.374  -3.366  1.00 24.58 ? 149 MET A CG  1 
ATOM   837  S SD  . MET A 1 101 ? -1.626  -7.883  -3.817  1.00 26.87 ? 149 MET A SD  1 
ATOM   838  C CE  . MET A 1 101 ? -1.233  -8.682  -2.398  1.00 29.09 ? 149 MET A CE  1 
ATOM   839  N N   . GLN A 1 102 ? -6.347  -10.242 -5.282  1.00 18.64 ? 150 GLN A N   1 
ATOM   840  C CA  . GLN A 1 102 ? -7.164  -11.439 -5.411  1.00 19.43 ? 150 GLN A CA  1 
ATOM   841  C C   . GLN A 1 102 ? -6.789  -12.117 -6.734  1.00 20.39 ? 150 GLN A C   1 
ATOM   842  O O   . GLN A 1 102 ? -6.633  -13.338 -6.808  1.00 17.79 ? 150 GLN A O   1 
ATOM   843  C CB  . GLN A 1 102 ? -8.644  -11.047 -5.416  1.00 17.71 ? 150 GLN A CB  1 
ATOM   844  C CG  . GLN A 1 102 ? -9.599  -12.200 -5.598  1.00 18.70 ? 150 GLN A CG  1 
ATOM   845  C CD  . GLN A 1 102 ? -11.042 -11.721 -5.671  1.00 19.51 ? 150 GLN A CD  1 
ATOM   846  O OE1 . GLN A 1 102 ? -11.417 -10.990 -6.588  1.00 18.60 ? 150 GLN A OE1 1 
ATOM   847  N NE2 . GLN A 1 102 ? -11.852 -12.123 -4.696  1.00 18.46 ? 150 GLN A NE2 1 
ATOM   848  N N   . LYS A 1 103 ? -6.652  -11.308 -7.778  1.00 19.71 ? 151 LYS A N   1 
ATOM   849  C CA  . LYS A 1 103 ? -6.280  -11.837 -9.080  1.00 22.33 ? 151 LYS A CA  1 
ATOM   850  C C   . LYS A 1 103 ? -4.862  -12.398 -9.062  1.00 21.66 ? 151 LYS A C   1 
ATOM   851  O O   . LYS A 1 103 ? -4.545  -13.304 -9.824  1.00 21.73 ? 151 LYS A O   1 
ATOM   852  C CB  . LYS A 1 103 ? -6.413  -10.745 -10.148 1.00 22.23 ? 151 LYS A CB  1 
ATOM   853  C CG  . LYS A 1 103 ? -7.863  -10.460 -10.531 1.00 26.38 ? 151 LYS A CG  1 
ATOM   854  C CD  . LYS A 1 103 ? -7.984  -9.267  -11.474 1.00 27.82 ? 151 LYS A CD  1 
ATOM   855  C CE  . LYS A 1 103 ? -9.417  -9.128  -11.979 1.00 28.27 ? 151 LYS A CE  1 
ATOM   856  N NZ  . LYS A 1 103 ? -10.398 -8.987  -10.865 1.00 28.05 ? 151 LYS A NZ  1 
ATOM   857  N N   . GLN A 1 104 ? -4.020  -11.860 -8.185  1.00 22.13 ? 152 GLN A N   1 
ATOM   858  C CA  . GLN A 1 104 ? -2.635  -12.306 -8.058  1.00 23.12 ? 152 GLN A CA  1 
ATOM   859  C C   . GLN A 1 104 ? -2.520  -13.492 -7.102  1.00 24.77 ? 152 GLN A C   1 
ATOM   860  O O   . GLN A 1 104 ? -1.428  -13.828 -6.636  1.00 24.56 ? 152 GLN A O   1 
ATOM   861  C CB  . GLN A 1 104 ? -1.748  -11.162 -7.549  1.00 25.12 ? 152 GLN A CB  1 
ATOM   862  C CG  . GLN A 1 104 ? -1.510  -10.058 -8.567  1.00 26.30 ? 152 GLN A CG  1 
ATOM   863  C CD  . GLN A 1 104 ? -0.547  -10.484 -9.659  1.00 29.51 ? 152 GLN A CD  1 
ATOM   864  O OE1 . GLN A 1 104 ? 0.644   -10.696 -9.407  1.00 32.92 ? 152 GLN A OE1 1 
ATOM   865  N NE2 . GLN A 1 104 ? -1.057  -10.620 -10.876 1.00 28.28 ? 152 GLN A NE2 1 
ATOM   866  N N   . ASN A 1 105 ? -3.647  -14.120 -6.796  1.00 24.00 ? 153 ASN A N   1 
ATOM   867  C CA  . ASN A 1 105 ? -3.641  -15.267 -5.906  1.00 23.51 ? 153 ASN A CA  1 
ATOM   868  C C   . ASN A 1 105 ? -3.030  -14.960 -4.534  1.00 23.56 ? 153 ASN A C   1 
ATOM   869  O O   . ASN A 1 105 ? -2.353  -15.802 -3.945  1.00 22.16 ? 153 ASN A O   1 
ATOM   870  C CB  . ASN A 1 105 ? -2.887  -16.426 -6.564  1.00 25.40 ? 153 ASN A CB  1 
ATOM   871  C CG  . ASN A 1 105 ? -3.039  -17.729 -5.806  1.00 26.28 ? 153 ASN A CG  1 
ATOM   872  O OD1 . ASN A 1 105 ? -4.133  -18.080 -5.364  1.00 26.90 ? 153 ASN A OD1 1 
ATOM   873  N ND2 . ASN A 1 105 ? -1.940  -18.465 -5.665  1.00 29.68 ? 153 ASN A ND2 1 
ATOM   874  N N   . ILE A 1 106 ? -3.256  -13.749 -4.033  1.00 20.87 ? 154 ILE A N   1 
ATOM   875  C CA  . ILE A 1 106 ? -2.747  -13.377 -2.719  1.00 19.36 ? 154 ILE A CA  1 
ATOM   876  C C   . ILE A 1 106 ? -3.904  -13.599 -1.745  1.00 19.38 ? 154 ILE A C   1 
ATOM   877  O O   . ILE A 1 106 ? -5.031  -13.196 -2.029  1.00 18.72 ? 154 ILE A O   1 
ATOM   878  C CB  . ILE A 1 106 ? -2.296  -11.903 -2.688  1.00 16.72 ? 154 ILE A CB  1 
ATOM   879  C CG1 . ILE A 1 106 ? -0.990  -11.740 -3.470  1.00 18.75 ? 154 ILE A CG1 1 
ATOM   880  C CG2 . ILE A 1 106 ? -2.098  -11.460 -1.269  1.00 18.83 ? 154 ILE A CG2 1 
ATOM   881  C CD1 . ILE A 1 106 ? 0.158   -12.572 -2.909  1.00 13.71 ? 154 ILE A CD1 1 
ATOM   882  N N   . GLU A 1 107 ? -3.628  -14.240 -0.610  1.00 19.13 ? 155 GLU A N   1 
ATOM   883  C CA  . GLU A 1 107 ? -4.668  -14.547 0.372   1.00 22.53 ? 155 GLU A CA  1 
ATOM   884  C C   . GLU A 1 107 ? -4.818  -13.544 1.522   1.00 21.90 ? 155 GLU A C   1 
ATOM   885  O O   . GLU A 1 107 ? -5.920  -13.341 2.039   1.00 19.71 ? 155 GLU A O   1 
ATOM   886  C CB  . GLU A 1 107 ? -4.443  -15.949 0.945   1.00 25.00 ? 155 GLU A CB  1 
ATOM   887  C CG  . GLU A 1 107 ? -5.644  -16.478 1.689   1.00 31.29 ? 155 GLU A CG  1 
ATOM   888  C CD  . GLU A 1 107 ? -5.457  -17.895 2.220   1.00 34.02 ? 155 GLU A CD  1 
ATOM   889  O OE1 . GLU A 1 107 ? -6.470  -18.503 2.620   1.00 36.63 ? 155 GLU A OE1 1 
ATOM   890  O OE2 . GLU A 1 107 ? -4.315  -18.396 2.250   1.00 35.83 ? 155 GLU A OE2 1 
ATOM   891  N N   . TYR A 1 108 ? -3.713  -12.932 1.935   1.00 21.04 ? 156 TYR A N   1 
ATOM   892  C CA  . TYR A 1 108 ? -3.773  -11.948 3.002   1.00 20.27 ? 156 TYR A CA  1 
ATOM   893  C C   . TYR A 1 108 ? -2.947  -10.707 2.695   1.00 21.23 ? 156 TYR A C   1 
ATOM   894  O O   . TYR A 1 108 ? -1.950  -10.756 1.965   1.00 19.36 ? 156 TYR A O   1 
ATOM   895  C CB  . TYR A 1 108 ? -3.265  -12.522 4.333   1.00 20.73 ? 156 TYR A CB  1 
ATOM   896  C CG  . TYR A 1 108 ? -4.044  -13.691 4.881   1.00 23.61 ? 156 TYR A CG  1 
ATOM   897  C CD1 . TYR A 1 108 ? -3.743  -14.999 4.496   1.00 23.78 ? 156 TYR A CD1 1 
ATOM   898  C CD2 . TYR A 1 108 ? -5.072  -13.494 5.804   1.00 24.20 ? 156 TYR A CD2 1 
ATOM   899  C CE1 . TYR A 1 108 ? -4.449  -16.089 5.026   1.00 23.36 ? 156 TYR A CE1 1 
ATOM   900  C CE2 . TYR A 1 108 ? -5.783  -14.574 6.333   1.00 25.85 ? 156 TYR A CE2 1 
ATOM   901  C CZ  . TYR A 1 108 ? -5.464  -15.864 5.940   1.00 25.01 ? 156 TYR A CZ  1 
ATOM   902  O OH  . TYR A 1 108 ? -6.170  -16.923 6.466   1.00 28.96 ? 156 TYR A OH  1 
ATOM   903  N N   . LEU A 1 109 ? -3.386  -9.597  3.270   1.00 20.00 ? 157 LEU A N   1 
ATOM   904  C CA  . LEU A 1 109 ? -2.697  -8.330  3.161   1.00 19.33 ? 157 LEU A CA  1 
ATOM   905  C C   . LEU A 1 109 ? -2.276  -8.009  4.583   1.00 19.16 ? 157 LEU A C   1 
ATOM   906  O O   . LEU A 1 109 ? -3.067  -8.165  5.514   1.00 20.28 ? 157 LEU A O   1 
ATOM   907  C CB  . LEU A 1 109 ? -3.635  -7.232  2.670   1.00 19.30 ? 157 LEU A CB  1 
ATOM   908  C CG  . LEU A 1 109 ? -4.203  -7.377  1.261   1.00 20.50 ? 157 LEU A CG  1 
ATOM   909  C CD1 . LEU A 1 109 ? -5.224  -6.270  1.027   1.00 17.35 ? 157 LEU A CD1 1 
ATOM   910  C CD2 . LEU A 1 109 ? -3.075  -7.314  0.231   1.00 19.40 ? 157 LEU A CD2 1 
ATOM   911  N N   . LEU A 1 110 ? -1.030  -7.595  4.762   1.00 19.08 ? 158 LEU A N   1 
ATOM   912  C CA  . LEU A 1 110 ? -0.552  -7.224  6.083   1.00 19.21 ? 158 LEU A CA  1 
ATOM   913  C C   . LEU A 1 110 ? -0.016  -5.802  5.990   1.00 20.20 ? 158 LEU A C   1 
ATOM   914  O O   . LEU A 1 110 ? 0.462   -5.378  4.936   1.00 22.21 ? 158 LEU A O   1 
ATOM   915  C CB  . LEU A 1 110 ? 0.573   -8.158  6.558   1.00 21.26 ? 158 LEU A CB  1 
ATOM   916  C CG  . LEU A 1 110 ? 0.240   -9.608  6.934   1.00 21.63 ? 158 LEU A CG  1 
ATOM   917  C CD1 . LEU A 1 110 ? 1.514   -10.355 7.294   1.00 22.48 ? 158 LEU A CD1 1 
ATOM   918  C CD2 . LEU A 1 110 ? -0.720  -9.621  8.109   1.00 21.77 ? 158 LEU A CD2 1 
ATOM   919  N N   . THR A 1 111 ? -0.114  -5.065  7.087   1.00 19.19 ? 159 THR A N   1 
ATOM   920  C CA  . THR A 1 111 ? 0.392   -3.702  7.140   1.00 19.52 ? 159 THR A CA  1 
ATOM   921  C C   . THR A 1 111 ? 0.553   -3.254  8.585   1.00 20.32 ? 159 THR A C   1 
ATOM   922  O O   . THR A 1 111 ? -0.251  -3.611  9.455   1.00 18.28 ? 159 THR A O   1 
ATOM   923  C CB  . THR A 1 111 ? -0.551  -2.698  6.417   1.00 20.28 ? 159 THR A CB  1 
ATOM   924  O OG1 . THR A 1 111 ? 0.107   -1.428  6.288   1.00 17.48 ? 159 THR A OG1 1 
ATOM   925  C CG2 . THR A 1 111 ? -1.855  -2.504  7.199   1.00 19.00 ? 159 THR A CG2 1 
ATOM   926  N N   . TYR A 1 112 ? 1.611   -2.500  8.850   1.00 20.50 ? 160 TYR A N   1 
ATOM   927  C CA  . TYR A 1 112 ? 1.819   -1.973  10.188  1.00 20.50 ? 160 TYR A CA  1 
ATOM   928  C C   . TYR A 1 112 ? 1.069   -0.649  10.246  1.00 22.85 ? 160 TYR A C   1 
ATOM   929  O O   . TYR A 1 112 ? 1.066   0.104   9.278   1.00 23.59 ? 160 TYR A O   1 
ATOM   930  C CB  . TYR A 1 112 ? 3.302   -1.742  10.466  1.00 19.15 ? 160 TYR A CB  1 
ATOM   931  C CG  . TYR A 1 112 ? 3.977   -2.972  11.019  1.00 21.31 ? 160 TYR A CG  1 
ATOM   932  C CD1 . TYR A 1 112 ? 4.791   -3.777  10.213  1.00 18.58 ? 160 TYR A CD1 1 
ATOM   933  C CD2 . TYR A 1 112 ? 3.751   -3.369  12.339  1.00 20.40 ? 160 TYR A CD2 1 
ATOM   934  C CE1 . TYR A 1 112 ? 5.357   -4.941  10.706  1.00 20.60 ? 160 TYR A CE1 1 
ATOM   935  C CE2 . TYR A 1 112 ? 4.311   -4.538  12.845  1.00 21.94 ? 160 TYR A CE2 1 
ATOM   936  C CZ  . TYR A 1 112 ? 5.112   -5.322  12.026  1.00 22.99 ? 160 TYR A CZ  1 
ATOM   937  O OH  . TYR A 1 112 ? 5.652   -6.494  12.526  1.00 25.02 ? 160 TYR A OH  1 
ATOM   938  N N   . ALA A 1 113 ? 0.413   -0.375  11.368  1.00 23.61 ? 161 ALA A N   1 
ATOM   939  C CA  . ALA A 1 113 ? -0.329  0.873   11.519  1.00 25.29 ? 161 ALA A CA  1 
ATOM   940  C C   . ALA A 1 113 ? -0.055  1.506   12.871  1.00 28.32 ? 161 ALA A C   1 
ATOM   941  O O   . ALA A 1 113 ? 0.206   0.813   13.861  1.00 27.15 ? 161 ALA A O   1 
ATOM   942  C CB  . ALA A 1 113 ? -1.817  0.616   11.371  1.00 23.35 ? 161 ALA A CB  1 
ATOM   943  N N   . ASP A 1 114 ? -0.117  2.828   12.912  1.00 31.20 ? 162 ASP A N   1 
ATOM   944  C CA  . ASP A 1 114 ? 0.104   3.532   14.163  1.00 35.51 ? 162 ASP A CA  1 
ATOM   945  C C   . ASP A 1 114 ? -0.943  4.619   14.324  1.00 35.94 ? 162 ASP A C   1 
ATOM   946  O O   . ASP A 1 114 ? -1.417  5.190   13.334  1.00 35.41 ? 162 ASP A O   1 
ATOM   947  C CB  . ASP A 1 114 ? 1.495   4.173   14.183  1.00 40.03 ? 162 ASP A CB  1 
ATOM   948  C CG  . ASP A 1 114 ? 1.914   4.627   15.580  1.00 45.88 ? 162 ASP A CG  1 
ATOM   949  O OD1 . ASP A 1 114 ? 3.009   5.225   15.703  1.00 47.09 ? 162 ASP A OD1 1 
ATOM   950  O OD2 . ASP A 1 114 ? 1.158   4.387   16.552  1.00 48.50 ? 162 ASP A OD2 1 
ATOM   951  N N   . ASN A 1 115 ? -1.304  4.893   15.573  1.00 35.67 ? 163 ASN A N   1 
ATOM   952  C CA  . ASN A 1 115 ? -2.265  5.940   15.886  1.00 35.88 ? 163 ASN A CA  1 
ATOM   953  C C   . ASN A 1 115 ? -3.513  5.924   15.030  1.00 34.41 ? 163 ASN A C   1 
ATOM   954  O O   . ASN A 1 115 ? -4.229  4.925   14.963  1.00 33.76 ? 163 ASN A O   1 
ATOM   955  C CB  . ASN A 1 115 ? -1.599  7.308   15.746  1.00 38.01 ? 163 ASN A CB  1 
ATOM   956  C CG  . ASN A 1 115 ? -0.478  7.507   16.730  1.00 40.35 ? 163 ASN A CG  1 
ATOM   957  O OD1 . ASN A 1 115 ? 0.322   8.435   16.604  1.00 41.95 ? 163 ASN A OD1 1 
ATOM   958  N ND2 . ASN A 1 115 ? -0.413  6.633   17.727  1.00 41.44 ? 163 ASN A ND2 1 
ATOM   959  N N   . PHE A 1 116 ? -3.763  7.054   14.376  1.00 34.67 ? 164 PHE A N   1 
ATOM   960  C CA  . PHE A 1 116 ? -4.933  7.191   13.540  1.00 37.05 ? 164 PHE A CA  1 
ATOM   961  C C   . PHE A 1 116 ? -4.964  6.049   12.537  1.00 36.19 ? 164 PHE A C   1 
ATOM   962  O O   . PHE A 1 116 ? -5.964  5.343   12.451  1.00 39.07 ? 164 PHE A O   1 
ATOM   963  C CB  . PHE A 1 116 ? -4.948  8.587   12.875  1.00 40.27 ? 164 PHE A CB  1 
ATOM   964  C CG  . PHE A 1 116 ? -4.379  8.635   11.477  1.00 44.18 ? 164 PHE A CG  1 
ATOM   965  C CD1 . PHE A 1 116 ? -5.221  8.643   10.384  1.00 45.61 ? 164 PHE A CD1 1 
ATOM   966  C CD2 . PHE A 1 116 ? -3.013  8.718   11.250  1.00 46.12 ? 164 PHE A CD2 1 
ATOM   967  C CE1 . PHE A 1 116 ? -4.728  8.734   9.079   1.00 47.86 ? 164 PHE A CE1 1 
ATOM   968  C CE2 . PHE A 1 116 ? -2.518  8.814   9.954   1.00 46.90 ? 164 PHE A CE2 1 
ATOM   969  C CZ  . PHE A 1 116 ? -3.380  8.820   8.865   1.00 46.97 ? 164 PHE A CZ  1 
ATOM   970  N N   . ALA A 1 117 ? -3.861  5.828   11.830  1.00 33.60 ? 165 ALA A N   1 
ATOM   971  C CA  . ALA A 1 117 ? -3.750  4.763   10.829  1.00 30.74 ? 165 ALA A CA  1 
ATOM   972  C C   . ALA A 1 117 ? -4.585  3.507   11.091  1.00 29.31 ? 165 ALA A C   1 
ATOM   973  O O   . ALA A 1 117 ? -5.277  3.014   10.193  1.00 28.27 ? 165 ALA A O   1 
ATOM   974  C CB  . ALA A 1 117 ? -2.296  4.364   10.673  1.00 32.24 ? 165 ALA A CB  1 
ATOM   975  N N   . ILE A 1 118 ? -4.490  2.973   12.306  1.00 27.39 ? 166 ILE A N   1 
ATOM   976  C CA  . ILE A 1 118 ? -5.233  1.774   12.675  1.00 28.14 ? 166 ILE A CA  1 
ATOM   977  C C   . ILE A 1 118 ? -6.699  1.927   12.298  1.00 27.90 ? 166 ILE A C   1 
ATOM   978  O O   . ILE A 1 118 ? -7.286  1.046   11.672  1.00 26.72 ? 166 ILE A O   1 
ATOM   979  C CB  . ILE A 1 118 ? -5.146  1.509   14.189  1.00 29.25 ? 166 ILE A CB  1 
ATOM   980  C CG1 . ILE A 1 118 ? -3.675  1.426   14.615  1.00 31.43 ? 166 ILE A CG1 1 
ATOM   981  C CG2 . ILE A 1 118 ? -5.903  0.229   14.540  1.00 29.99 ? 166 ILE A CG2 1 
ATOM   982  C CD1 . ILE A 1 118 ? -3.450  1.042   16.058  1.00 34.51 ? 166 ILE A CD1 1 
ATOM   983  N N   . GLY A 1 119 ? -7.277  3.060   12.678  1.00 26.76 ? 167 GLY A N   1 
ATOM   984  C CA  . GLY A 1 119 ? -8.669  3.329   12.372  1.00 26.10 ? 167 GLY A CA  1 
ATOM   985  C C   . GLY A 1 119 ? -8.969  3.287   10.888  1.00 24.82 ? 167 GLY A C   1 
ATOM   986  O O   . GLY A 1 119 ? -10.043 2.845   10.496  1.00 25.10 ? 167 GLY A O   1 
ATOM   987  N N   . TYR A 1 120 ? -8.027  3.741   10.065  1.00 24.07 ? 168 TYR A N   1 
ATOM   988  C CA  . TYR A 1 120 ? -8.219  3.754   8.615   1.00 23.89 ? 168 TYR A CA  1 
ATOM   989  C C   . TYR A 1 120 ? -8.328  2.361   8.012   1.00 23.21 ? 168 TYR A C   1 
ATOM   990  O O   . TYR A 1 120 ? -9.223  2.093   7.222   1.00 22.67 ? 168 TYR A O   1 
ATOM   991  C CB  . TYR A 1 120 ? -7.074  4.482   7.903   1.00 25.33 ? 168 TYR A CB  1 
ATOM   992  C CG  . TYR A 1 120 ? -7.290  4.539   6.416   1.00 26.87 ? 168 TYR A CG  1 
ATOM   993  C CD1 . TYR A 1 120 ? -8.287  5.351   5.872   1.00 28.78 ? 168 TYR A CD1 1 
ATOM   994  C CD2 . TYR A 1 120 ? -6.566  3.714   5.554   1.00 28.77 ? 168 TYR A CD2 1 
ATOM   995  C CE1 . TYR A 1 120 ? -8.564  5.341   4.509   1.00 28.50 ? 168 TYR A CE1 1 
ATOM   996  C CE2 . TYR A 1 120 ? -6.841  3.691   4.184   1.00 29.90 ? 168 TYR A CE2 1 
ATOM   997  C CZ  . TYR A 1 120 ? -7.842  4.506   3.673   1.00 30.16 ? 168 TYR A CZ  1 
ATOM   998  O OH  . TYR A 1 120 ? -8.144  4.473   2.331   1.00 31.97 ? 168 TYR A OH  1 
ATOM   999  N N   . PHE A 1 121 ? -7.395  1.490   8.375   1.00 23.51 ? 169 PHE A N   1 
ATOM   1000 C CA  . PHE A 1 121 ? -7.388  0.131   7.871   1.00 23.77 ? 169 PHE A CA  1 
ATOM   1001 C C   . PHE A 1 121 ? -8.535  -0.694  8.423   1.00 23.68 ? 169 PHE A C   1 
ATOM   1002 O O   . PHE A 1 121 ? -8.978  -1.633  7.769   1.00 21.89 ? 169 PHE A O   1 
ATOM   1003 C CB  . PHE A 1 121 ? -6.038  -0.525  8.155   1.00 23.08 ? 169 PHE A CB  1 
ATOM   1004 C CG  . PHE A 1 121 ? -4.917  0.082   7.365   1.00 24.00 ? 169 PHE A CG  1 
ATOM   1005 C CD1 . PHE A 1 121 ? -3.990  0.918   7.974   1.00 23.55 ? 169 PHE A CD1 1 
ATOM   1006 C CD2 . PHE A 1 121 ? -4.834  -0.130  5.993   1.00 24.07 ? 169 PHE A CD2 1 
ATOM   1007 C CE1 . PHE A 1 121 ? -2.991  1.544   7.230   1.00 25.61 ? 169 PHE A CE1 1 
ATOM   1008 C CE2 . PHE A 1 121 ? -3.841  0.488   5.233   1.00 25.66 ? 169 PHE A CE2 1 
ATOM   1009 C CZ  . PHE A 1 121 ? -2.915  1.329   5.853   1.00 24.87 ? 169 PHE A CZ  1 
ATOM   1010 N N   . LYS A 1 122 ? -9.023  -0.349  9.615   1.00 23.94 ? 170 LYS A N   1 
ATOM   1011 C CA  . LYS A 1 122 ? -10.166 -1.074  10.168  1.00 26.48 ? 170 LYS A CA  1 
ATOM   1012 C C   . LYS A 1 122 ? -11.354 -0.788  9.254   1.00 26.49 ? 170 LYS A C   1 
ATOM   1013 O O   . LYS A 1 122 ? -12.162 -1.671  8.975   1.00 25.77 ? 170 LYS A O   1 
ATOM   1014 C CB  . LYS A 1 122 ? -10.505 -0.604  11.581  1.00 29.33 ? 170 LYS A CB  1 
ATOM   1015 C CG  . LYS A 1 122 ? -9.582  -1.108  12.667  1.00 33.85 ? 170 LYS A CG  1 
ATOM   1016 C CD  . LYS A 1 122 ? -10.035 -0.561  14.015  1.00 37.48 ? 170 LYS A CD  1 
ATOM   1017 C CE  . LYS A 1 122 ? -9.200  -1.109  15.158  1.00 38.83 ? 170 LYS A CE  1 
ATOM   1018 N NZ  . LYS A 1 122 ? -9.641  -0.528  16.458  1.00 40.96 ? 170 LYS A NZ  1 
ATOM   1019 N N   . LYS A 1 123 ? -11.456 0.453   8.789   1.00 27.16 ? 171 LYS A N   1 
ATOM   1020 C CA  . LYS A 1 123 ? -12.540 0.831   7.892   1.00 29.99 ? 171 LYS A CA  1 
ATOM   1021 C C   . LYS A 1 123 ? -12.326 0.206   6.522   1.00 29.24 ? 171 LYS A C   1 
ATOM   1022 O O   . LYS A 1 123 ? -13.273 0.060   5.749   1.00 29.45 ? 171 LYS A O   1 
ATOM   1023 C CB  . LYS A 1 123 ? -12.649 2.360   7.806   1.00 33.45 ? 171 LYS A CB  1 
ATOM   1024 C CG  . LYS A 1 123 ? -13.360 2.947   9.029   1.00 37.25 ? 171 LYS A CG  1 
ATOM   1025 C CD  . LYS A 1 123 ? -12.861 4.333   9.431   1.00 41.45 ? 171 LYS A CD  1 
ATOM   1026 C CE  . LYS A 1 123 ? -13.566 5.446   8.671   1.00 42.97 ? 171 LYS A CE  1 
ATOM   1027 N NZ  . LYS A 1 123 ? -13.309 6.772   9.310   1.00 44.00 ? 171 LYS A NZ  1 
ATOM   1028 N N   . GLN A 1 124 ? -11.083 -0.178  6.232   1.00 29.21 ? 172 GLN A N   1 
ATOM   1029 C CA  . GLN A 1 124 ? -10.766 -0.828  4.960   1.00 27.75 ? 172 GLN A CA  1 
ATOM   1030 C C   . GLN A 1 124 ? -10.815 -2.351  5.104   1.00 27.49 ? 172 GLN A C   1 
ATOM   1031 O O   . GLN A 1 124 ? -10.369 -3.087  4.224   1.00 26.37 ? 172 GLN A O   1 
ATOM   1032 C CB  . GLN A 1 124 ? -9.381  -0.416  4.457   1.00 28.16 ? 172 GLN A CB  1 
ATOM   1033 C CG  . GLN A 1 124 ? -9.232  1.061   4.140   1.00 29.90 ? 172 GLN A CG  1 
ATOM   1034 C CD  . GLN A 1 124 ? -10.369 1.597   3.294   1.00 31.30 ? 172 GLN A CD  1 
ATOM   1035 O OE1 . GLN A 1 124 ? -10.754 0.992   2.294   1.00 33.58 ? 172 GLN A OE1 1 
ATOM   1036 N NE2 . GLN A 1 124 ? -10.912 2.741   3.690   1.00 30.83 ? 172 GLN A NE2 1 
ATOM   1037 N N   . GLY A 1 125 ? -11.334 -2.819  6.231   1.00 25.73 ? 173 GLY A N   1 
ATOM   1038 C CA  . GLY A 1 125 ? -11.453 -4.250  6.434   1.00 25.10 ? 173 GLY A CA  1 
ATOM   1039 C C   . GLY A 1 125 ? -10.290 -5.006  7.054   1.00 24.17 ? 173 GLY A C   1 
ATOM   1040 O O   . GLY A 1 125 ? -10.279 -6.236  7.028   1.00 25.91 ? 173 GLY A O   1 
ATOM   1041 N N   . PHE A 1 126 ? -9.313  -4.291  7.597   1.00 22.12 ? 174 PHE A N   1 
ATOM   1042 C CA  . PHE A 1 126 ? -8.167  -4.922  8.243   1.00 21.92 ? 174 PHE A CA  1 
ATOM   1043 C C   . PHE A 1 126 ? -8.504  -5.084  9.731   1.00 22.86 ? 174 PHE A C   1 
ATOM   1044 O O   . PHE A 1 126 ? -9.231  -4.264  10.302  1.00 22.59 ? 174 PHE A O   1 
ATOM   1045 C CB  . PHE A 1 126 ? -6.913  -4.045  8.113   1.00 20.76 ? 174 PHE A CB  1 
ATOM   1046 C CG  . PHE A 1 126 ? -6.304  -4.029  6.732   1.00 20.52 ? 174 PHE A CG  1 
ATOM   1047 C CD1 . PHE A 1 126 ? -7.030  -3.579  5.632   1.00 19.30 ? 174 PHE A CD1 1 
ATOM   1048 C CD2 . PHE A 1 126 ? -4.975  -4.411  6.547   1.00 17.05 ? 174 PHE A CD2 1 
ATOM   1049 C CE1 . PHE A 1 126 ? -6.436  -3.508  4.363   1.00 21.19 ? 174 PHE A CE1 1 
ATOM   1050 C CE2 . PHE A 1 126 ? -4.380  -4.343  5.291   1.00 20.00 ? 174 PHE A CE2 1 
ATOM   1051 C CZ  . PHE A 1 126 ? -5.110  -3.890  4.198   1.00 16.53 ? 174 PHE A CZ  1 
ATOM   1052 N N   . THR A 1 127 ? -7.972  -6.124  10.363  1.00 21.69 ? 175 THR A N   1 
ATOM   1053 C CA  . THR A 1 127 ? -8.240  -6.355  11.779  1.00 24.93 ? 175 THR A CA  1 
ATOM   1054 C C   . THR A 1 127 ? -6.962  -6.584  12.589  1.00 25.68 ? 175 THR A C   1 
ATOM   1055 O O   . THR A 1 127 ? -5.926  -6.966  12.039  1.00 23.23 ? 175 THR A O   1 
ATOM   1056 C CB  . THR A 1 127 ? -9.172  -7.582  11.984  1.00 24.84 ? 175 THR A CB  1 
ATOM   1057 O OG1 . THR A 1 127 ? -8.493  -8.772  11.581  1.00 26.87 ? 175 THR A OG1 1 
ATOM   1058 C CG2 . THR A 1 127 ? -10.434 -7.446  11.146  1.00 27.04 ? 175 THR A CG2 1 
ATOM   1059 N N   . LYS A 1 128 ? -7.050  -6.349  13.898  1.00 27.27 ? 176 LYS A N   1 
ATOM   1060 C CA  . LYS A 1 128 ? -5.918  -6.559  14.802  1.00 30.22 ? 176 LYS A CA  1 
ATOM   1061 C C   . LYS A 1 128 ? -5.733  -8.053  15.067  1.00 31.69 ? 176 LYS A C   1 
ATOM   1062 O O   . LYS A 1 128 ? -4.608  -8.522  15.242  1.00 30.78 ? 176 LYS A O   1 
ATOM   1063 C CB  . LYS A 1 128 ? -6.144  -5.838  16.131  1.00 31.02 ? 176 LYS A CB  1 
ATOM   1064 C CG  . LYS A 1 128 ? -6.123  -4.331  16.029  1.00 35.83 ? 176 LYS A CG  1 
ATOM   1065 C CD  . LYS A 1 128 ? -6.259  -3.673  17.398  1.00 37.69 ? 176 LYS A CD  1 
ATOM   1066 C CE  . LYS A 1 128 ? -6.216  -2.146  17.283  1.00 41.42 ? 176 LYS A CE  1 
ATOM   1067 N NZ  . LYS A 1 128 ? -6.247  -1.456  18.608  1.00 42.63 ? 176 LYS A NZ  1 
ATOM   1068 N N   . GLU A 1 129 ? -6.844  -8.788  15.101  1.00 33.96 ? 177 GLU A N   1 
ATOM   1069 C CA  . GLU A 1 129 ? -6.817  -10.231 15.336  1.00 37.95 ? 177 GLU A CA  1 
ATOM   1070 C C   . GLU A 1 129 ? -6.549  -10.924 14.007  1.00 39.09 ? 177 GLU A C   1 
ATOM   1071 O O   . GLU A 1 129 ? -7.306  -10.755 13.051  1.00 39.94 ? 177 GLU A O   1 
ATOM   1072 C CB  . GLU A 1 129 ? -8.164  -10.711 15.892  1.00 40.66 ? 177 GLU A CB  1 
ATOM   1073 C CG  . GLU A 1 129 ? -8.146  -12.136 16.451  1.00 44.89 ? 177 GLU A CG  1 
ATOM   1074 C CD  . GLU A 1 129 ? -9.547  -12.689 16.727  1.00 48.41 ? 177 GLU A CD  1 
ATOM   1075 O OE1 . GLU A 1 129 ? -10.385 -11.968 17.315  1.00 49.19 ? 177 GLU A OE1 1 
ATOM   1076 O OE2 . GLU A 1 129 ? -9.810  -13.858 16.359  1.00 50.35 ? 177 GLU A OE2 1 
ATOM   1077 N N   . HIS A 1 130 ? -5.479  -11.707 13.949  1.00 40.02 ? 178 HIS A N   1 
ATOM   1078 C CA  . HIS A 1 130 ? -5.112  -12.406 12.723  1.00 41.69 ? 178 HIS A CA  1 
ATOM   1079 C C   . HIS A 1 130 ? -5.683  -13.812 12.686  1.00 43.08 ? 178 HIS A C   1 
ATOM   1080 O O   . HIS A 1 130 ? -5.824  -14.458 13.724  1.00 44.20 ? 178 HIS A O   1 
ATOM   1081 C CB  . HIS A 1 130 ? -3.586  -12.500 12.597  1.00 41.01 ? 178 HIS A CB  1 
ATOM   1082 C CG  . HIS A 1 130 ? -2.878  -11.189 12.752  1.00 40.68 ? 178 HIS A CG  1 
ATOM   1083 N ND1 . HIS A 1 130 ? -1.506  -11.080 12.701  1.00 40.44 ? 178 HIS A ND1 1 
ATOM   1084 C CD2 . HIS A 1 130 ? -3.349  -9.937  12.961  1.00 41.03 ? 178 HIS A CD2 1 
ATOM   1085 C CE1 . HIS A 1 130 ? -1.161  -9.817  12.873  1.00 41.11 ? 178 HIS A CE1 1 
ATOM   1086 N NE2 . HIS A 1 130 ? -2.260  -9.102  13.032  1.00 40.92 ? 178 HIS A NE2 1 
ATOM   1087 N N   . ARG A 1 131 ? -6.014  -14.286 11.491  1.00 43.92 ? 179 ARG A N   1 
ATOM   1088 C CA  . ARG A 1 131 ? -6.525  -15.639 11.343  1.00 46.33 ? 179 ARG A CA  1 
ATOM   1089 C C   . ARG A 1 131 ? -5.431  -16.412 10.627  1.00 45.68 ? 179 ARG A C   1 
ATOM   1090 O O   . ARG A 1 131 ? -5.468  -17.633 10.546  1.00 45.69 ? 179 ARG A O   1 
ATOM   1091 C CB  . ARG A 1 131 ? -7.824  -15.668 10.527  1.00 47.50 ? 179 ARG A CB  1 
ATOM   1092 C CG  . ARG A 1 131 ? -7.656  -15.545 9.021   1.00 51.32 ? 179 ARG A CG  1 
ATOM   1093 C CD  . ARG A 1 131 ? -8.955  -15.920 8.300   1.00 54.97 ? 179 ARG A CD  1 
ATOM   1094 N NE  . ARG A 1 131 ? -10.054 -15.010 8.617   1.00 57.10 ? 179 ARG A NE  1 
ATOM   1095 C CZ  . ARG A 1 131 ? -11.289 -15.403 8.918   1.00 59.36 ? 179 ARG A CZ  1 
ATOM   1096 N NH1 . ARG A 1 131 ? -11.592 -16.695 8.953   1.00 60.63 ? 179 ARG A NH1 1 
ATOM   1097 N NH2 . ARG A 1 131 ? -12.231 -14.504 9.177   1.00 59.06 ? 179 ARG A NH2 1 
ATOM   1098 N N   . MET A 1 132 ? -4.450  -15.677 10.117  1.00 46.62 ? 180 MET A N   1 
ATOM   1099 C CA  . MET A 1 132 ? -3.330  -16.281 9.414   1.00 47.90 ? 180 MET A CA  1 
ATOM   1100 C C   . MET A 1 132 ? -2.304  -16.746 10.430  1.00 49.12 ? 180 MET A C   1 
ATOM   1101 O O   . MET A 1 132 ? -1.893  -15.978 11.299  1.00 50.24 ? 180 MET A O   1 
ATOM   1102 C CB  . MET A 1 132 ? -2.672  -15.265 8.479   1.00 47.78 ? 180 MET A CB  1 
ATOM   1103 C CG  . MET A 1 132 ? -1.504  -15.824 7.678   1.00 47.03 ? 180 MET A CG  1 
ATOM   1104 S SD  . MET A 1 132 ? -0.587  -14.561 6.771   1.00 46.00 ? 180 MET A SD  1 
ATOM   1105 C CE  . MET A 1 132 ? 0.936   -14.561 7.650   1.00 47.78 ? 180 MET A CE  1 
ATOM   1106 N N   . PRO A 1 133 ? -1.880  -18.016 10.338  1.00 50.26 ? 181 PRO A N   1 
ATOM   1107 C CA  . PRO A 1 133 ? -0.887  -18.582 11.259  1.00 51.03 ? 181 PRO A CA  1 
ATOM   1108 C C   . PRO A 1 133 ? 0.344   -17.675 11.367  1.00 52.65 ? 181 PRO A C   1 
ATOM   1109 O O   . PRO A 1 133 ? 1.003   -17.388 10.367  1.00 53.17 ? 181 PRO A O   1 
ATOM   1110 C CB  . PRO A 1 133 ? -0.565  -19.927 10.617  1.00 50.86 ? 181 PRO A CB  1 
ATOM   1111 C CG  . PRO A 1 133 ? -1.881  -20.321 10.010  1.00 50.56 ? 181 PRO A CG  1 
ATOM   1112 C CD  . PRO A 1 133 ? -2.330  -19.028 9.363   1.00 50.68 ? 181 PRO A CD  1 
ATOM   1113 N N   . GLN A 1 134 ? 0.656   -17.230 12.580  1.00 53.29 ? 182 GLN A N   1 
ATOM   1114 C CA  . GLN A 1 134 ? 1.795   -16.344 12.799  1.00 54.07 ? 182 GLN A CA  1 
ATOM   1115 C C   . GLN A 1 134 ? 3.101   -16.796 12.148  1.00 53.76 ? 182 GLN A C   1 
ATOM   1116 O O   . GLN A 1 134 ? 3.805   -15.992 11.536  1.00 53.36 ? 182 GLN A O   1 
ATOM   1117 C CB  . GLN A 1 134 ? 2.035   -16.156 14.292  1.00 55.14 ? 182 GLN A CB  1 
ATOM   1118 C CG  . GLN A 1 134 ? 3.153   -15.181 14.599  1.00 56.59 ? 182 GLN A CG  1 
ATOM   1119 C CD  . GLN A 1 134 ? 3.611   -15.264 16.038  1.00 57.77 ? 182 GLN A CD  1 
ATOM   1120 O OE1 . GLN A 1 134 ? 4.076   -16.310 16.490  1.00 59.17 ? 182 GLN A OE1 1 
ATOM   1121 N NE2 . GLN A 1 134 ? 3.483   -14.163 16.767  1.00 58.42 ? 182 GLN A NE2 1 
ATOM   1122 N N   . GLU A 1 135 ? 3.432   -18.075 12.288  1.00 54.20 ? 183 GLU A N   1 
ATOM   1123 C CA  . GLU A 1 135 ? 4.669   -18.597 11.716  1.00 54.31 ? 183 GLU A CA  1 
ATOM   1124 C C   . GLU A 1 135 ? 4.721   -18.460 10.198  1.00 52.78 ? 183 GLU A C   1 
ATOM   1125 O O   . GLU A 1 135 ? 5.736   -18.778 9.574   1.00 53.59 ? 183 GLU A O   1 
ATOM   1126 C CB  . GLU A 1 135 ? 4.866   -20.069 12.102  1.00 56.30 ? 183 GLU A CB  1 
ATOM   1127 C CG  . GLU A 1 135 ? 3.772   -21.014 11.627  1.00 59.36 ? 183 GLU A CG  1 
ATOM   1128 C CD  . GLU A 1 135 ? 2.525   -20.953 12.491  1.00 61.28 ? 183 GLU A CD  1 
ATOM   1129 O OE1 . GLU A 1 135 ? 1.549   -21.672 12.175  1.00 61.47 ? 183 GLU A OE1 1 
ATOM   1130 O OE2 . GLU A 1 135 ? 2.526   -20.193 13.486  1.00 62.45 ? 183 GLU A OE2 1 
ATOM   1131 N N   . LYS A 1 136 ? 3.632   -17.982 9.601   1.00 49.93 ? 184 LYS A N   1 
ATOM   1132 C CA  . LYS A 1 136 ? 3.587   -17.818 8.152   1.00 47.29 ? 184 LYS A CA  1 
ATOM   1133 C C   . LYS A 1 136 ? 4.300   -16.551 7.708   1.00 43.94 ? 184 LYS A C   1 
ATOM   1134 O O   . LYS A 1 136 ? 4.984   -16.553 6.689   1.00 44.27 ? 184 LYS A O   1 
ATOM   1135 C CB  . LYS A 1 136 ? 2.140   -17.801 7.660   1.00 49.03 ? 184 LYS A CB  1 
ATOM   1136 C CG  . LYS A 1 136 ? 1.406   -19.101 7.926   1.00 51.53 ? 184 LYS A CG  1 
ATOM   1137 C CD  . LYS A 1 136 ? 2.155   -20.273 7.320   1.00 53.52 ? 184 LYS A CD  1 
ATOM   1138 C CE  . LYS A 1 136 ? 1.515   -21.603 7.685   1.00 54.53 ? 184 LYS A CE  1 
ATOM   1139 N NZ  . LYS A 1 136 ? 2.229   -22.744 7.038   1.00 53.31 ? 184 LYS A NZ  1 
ATOM   1140 N N   . TRP A 1 137 ? 4.136   -15.466 8.459   1.00 40.93 ? 185 TRP A N   1 
ATOM   1141 C CA  . TRP A 1 137 ? 4.811   -14.226 8.097   1.00 37.98 ? 185 TRP A CA  1 
ATOM   1142 C C   . TRP A 1 137 ? 6.123   -14.093 8.846   1.00 36.88 ? 185 TRP A C   1 
ATOM   1143 O O   . TRP A 1 137 ? 7.030   -13.401 8.393   1.00 35.81 ? 185 TRP A O   1 
ATOM   1144 C CB  . TRP A 1 137 ? 3.928   -12.998 8.361   1.00 36.66 ? 185 TRP A CB  1 
ATOM   1145 C CG  . TRP A 1 137 ? 3.467   -12.807 9.774   1.00 34.44 ? 185 TRP A CG  1 
ATOM   1146 C CD1 . TRP A 1 137 ? 2.256   -13.170 10.299  1.00 32.98 ? 185 TRP A CD1 1 
ATOM   1147 C CD2 . TRP A 1 137 ? 4.180   -12.158 10.832  1.00 33.56 ? 185 TRP A CD2 1 
ATOM   1148 N NE1 . TRP A 1 137 ? 2.170   -12.787 11.611  1.00 32.77 ? 185 TRP A NE1 1 
ATOM   1149 C CE2 . TRP A 1 137 ? 3.339   -12.168 11.970  1.00 33.24 ? 185 TRP A CE2 1 
ATOM   1150 C CE3 . TRP A 1 137 ? 5.451   -11.579 10.936  1.00 32.20 ? 185 TRP A CE3 1 
ATOM   1151 C CZ2 . TRP A 1 137 ? 3.722   -11.604 13.192  1.00 32.96 ? 185 TRP A CZ2 1 
ATOM   1152 C CZ3 . TRP A 1 137 ? 5.831   -11.019 12.150  1.00 31.25 ? 185 TRP A CZ3 1 
ATOM   1153 C CH2 . TRP A 1 137 ? 4.971   -11.040 13.263  1.00 32.65 ? 185 TRP A CH2 1 
ATOM   1154 N N   . LYS A 1 138 ? 6.221   -14.772 9.986   1.00 37.76 ? 186 LYS A N   1 
ATOM   1155 C CA  . LYS A 1 138 ? 7.430   -14.737 10.795  1.00 38.09 ? 186 LYS A CA  1 
ATOM   1156 C C   . LYS A 1 138 ? 8.604   -15.114 9.904   1.00 38.22 ? 186 LYS A C   1 
ATOM   1157 O O   . LYS A 1 138 ? 8.561   -16.128 9.207   1.00 36.88 ? 186 LYS A O   1 
ATOM   1158 C CB  . LYS A 1 138 ? 7.333   -15.733 11.952  1.00 41.20 ? 186 LYS A CB  1 
ATOM   1159 C CG  . LYS A 1 138 ? 7.698   -15.139 13.305  1.00 45.03 ? 186 LYS A CG  1 
ATOM   1160 C CD  . LYS A 1 138 ? 6.542   -14.318 13.869  1.00 47.85 ? 186 LYS A CD  1 
ATOM   1161 C CE  . LYS A 1 138 ? 6.996   -13.422 15.014  1.00 49.50 ? 186 LYS A CE  1 
ATOM   1162 N NZ  . LYS A 1 138 ? 7.873   -12.316 14.522  1.00 50.43 ? 186 LYS A NZ  1 
ATOM   1163 N N   . GLY A 1 139 ? 9.647   -14.293 9.924   1.00 37.18 ? 187 GLY A N   1 
ATOM   1164 C CA  . GLY A 1 139 ? 10.811  -14.569 9.104   1.00 37.51 ? 187 GLY A CA  1 
ATOM   1165 C C   . GLY A 1 139 ? 10.785  -13.866 7.758   1.00 37.67 ? 187 GLY A C   1 
ATOM   1166 O O   . GLY A 1 139 ? 11.811  -13.773 7.085   1.00 38.87 ? 187 GLY A O   1 
ATOM   1167 N N   . TYR A 1 140 ? 9.613   -13.385 7.353   1.00 36.81 ? 188 TYR A N   1 
ATOM   1168 C CA  . TYR A 1 140 ? 9.473   -12.682 6.081   1.00 35.55 ? 188 TYR A CA  1 
ATOM   1169 C C   . TYR A 1 140 ? 9.164   -11.213 6.343   1.00 34.75 ? 188 TYR A C   1 
ATOM   1170 O O   . TYR A 1 140 ? 9.779   -10.327 5.754   1.00 33.80 ? 188 TYR A O   1 
ATOM   1171 C CB  . TYR A 1 140 ? 8.360   -13.312 5.239   1.00 36.70 ? 188 TYR A CB  1 
ATOM   1172 C CG  . TYR A 1 140 ? 8.624   -14.747 4.853   1.00 36.72 ? 188 TYR A CG  1 
ATOM   1173 C CD1 . TYR A 1 140 ? 8.344   -15.791 5.731   1.00 37.46 ? 188 TYR A CD1 1 
ATOM   1174 C CD2 . TYR A 1 140 ? 9.184   -15.059 3.614   1.00 36.86 ? 188 TYR A CD2 1 
ATOM   1175 C CE1 . TYR A 1 140 ? 8.615   -17.116 5.382   1.00 36.81 ? 188 TYR A CE1 1 
ATOM   1176 C CE2 . TYR A 1 140 ? 9.462   -16.373 3.258   1.00 36.26 ? 188 TYR A CE2 1 
ATOM   1177 C CZ  . TYR A 1 140 ? 9.175   -17.395 4.145   1.00 37.05 ? 188 TYR A CZ  1 
ATOM   1178 O OH  . TYR A 1 140 ? 9.462   -18.697 3.793   1.00 38.30 ? 188 TYR A OH  1 
ATOM   1179 N N   . ILE A 1 141 ? 8.199   -10.967 7.225   1.00 34.49 ? 189 ILE A N   1 
ATOM   1180 C CA  . ILE A 1 141 ? 7.814   -9.611  7.600   1.00 33.59 ? 189 ILE A CA  1 
ATOM   1181 C C   . ILE A 1 141 ? 8.415   -9.325  8.968   1.00 34.08 ? 189 ILE A C   1 
ATOM   1182 O O   . ILE A 1 141 ? 8.184   -10.067 9.924   1.00 32.99 ? 189 ILE A O   1 
ATOM   1183 C CB  . ILE A 1 141 ? 6.284   -9.461  7.684   1.00 34.73 ? 189 ILE A CB  1 
ATOM   1184 C CG1 . ILE A 1 141 ? 5.692   -9.568  6.279   1.00 35.53 ? 189 ILE A CG1 1 
ATOM   1185 C CG2 . ILE A 1 141 ? 5.919   -8.131  8.337   1.00 33.93 ? 189 ILE A CG2 1 
ATOM   1186 C CD1 . ILE A 1 141 ? 4.220   -9.317  6.215   1.00 36.19 ? 189 ILE A CD1 1 
ATOM   1187 N N   . LYS A 1 142 ? 9.187   -8.249  9.054   1.00 33.91 ? 190 LYS A N   1 
ATOM   1188 C CA  . LYS A 1 142 ? 9.836   -7.880  10.298  1.00 33.42 ? 190 LYS A CA  1 
ATOM   1189 C C   . LYS A 1 142 ? 8.805   -7.741  11.410  1.00 32.72 ? 190 LYS A C   1 
ATOM   1190 O O   . LYS A 1 142 ? 7.700   -7.249  11.190  1.00 31.90 ? 190 LYS A O   1 
ATOM   1191 C CB  . LYS A 1 142 ? 10.620  -6.576  10.107  1.00 35.93 ? 190 LYS A CB  1 
ATOM   1192 C CG  . LYS A 1 142 ? 11.937  -6.520  10.879  1.00 39.60 ? 190 LYS A CG  1 
ATOM   1193 C CD  . LYS A 1 142 ? 12.804  -5.361  10.404  1.00 43.12 ? 190 LYS A CD  1 
ATOM   1194 C CE  . LYS A 1 142 ? 14.196  -5.394  11.027  1.00 43.68 ? 190 LYS A CE  1 
ATOM   1195 N NZ  . LYS A 1 142 ? 14.153  -5.318  12.513  1.00 45.74 ? 190 LYS A NZ  1 
ATOM   1196 N N   . ASP A 1 143 ? 9.168   -8.203  12.602  1.00 32.17 ? 191 ASP A N   1 
ATOM   1197 C CA  . ASP A 1 143 ? 8.283   -8.135  13.761  1.00 33.60 ? 191 ASP A CA  1 
ATOM   1198 C C   . ASP A 1 143 ? 8.681   -6.953  14.643  1.00 33.63 ? 191 ASP A C   1 
ATOM   1199 O O   . ASP A 1 143 ? 9.649   -7.036  15.397  1.00 34.26 ? 191 ASP A O   1 
ATOM   1200 C CB  . ASP A 1 143 ? 8.383   -9.424  14.582  1.00 33.36 ? 191 ASP A CB  1 
ATOM   1201 C CG  . ASP A 1 143 ? 7.436   -9.439  15.769  1.00 34.26 ? 191 ASP A CG  1 
ATOM   1202 O OD1 . ASP A 1 143 ? 7.594   -10.320 16.641  1.00 34.28 ? 191 ASP A OD1 1 
ATOM   1203 O OD2 . ASP A 1 143 ? 6.526   -8.583  15.830  1.00 33.44 ? 191 ASP A OD2 1 
ATOM   1204 N N   . TYR A 1 144 ? 7.949   -5.850  14.539  1.00 32.74 ? 192 TYR A N   1 
ATOM   1205 C CA  . TYR A 1 144 ? 8.247   -4.678  15.355  1.00 33.80 ? 192 TYR A CA  1 
ATOM   1206 C C   . TYR A 1 144 ? 7.296   -4.636  16.535  1.00 34.53 ? 192 TYR A C   1 
ATOM   1207 O O   . TYR A 1 144 ? 6.080   -4.735  16.362  1.00 34.64 ? 192 TYR A O   1 
ATOM   1208 C CB  . TYR A 1 144 ? 8.083   -3.385  14.553  1.00 33.39 ? 192 TYR A CB  1 
ATOM   1209 C CG  . TYR A 1 144 ? 8.891   -3.311  13.282  1.00 33.09 ? 192 TYR A CG  1 
ATOM   1210 C CD1 . TYR A 1 144 ? 8.308   -3.603  12.047  1.00 32.84 ? 192 TYR A CD1 1 
ATOM   1211 C CD2 . TYR A 1 144 ? 10.236  -2.928  13.307  1.00 33.69 ? 192 TYR A CD2 1 
ATOM   1212 C CE1 . TYR A 1 144 ? 9.042   -3.508  10.869  1.00 33.16 ? 192 TYR A CE1 1 
ATOM   1213 C CE2 . TYR A 1 144 ? 10.976  -2.833  12.134  1.00 32.79 ? 192 TYR A CE2 1 
ATOM   1214 C CZ  . TYR A 1 144 ? 10.372  -3.122  10.920  1.00 33.16 ? 192 TYR A CZ  1 
ATOM   1215 O OH  . TYR A 1 144 ? 11.089  -3.006  9.754   1.00 33.62 ? 192 TYR A OH  1 
ATOM   1216 N N   . ASP A 1 145 ? 7.844   -4.484  17.736  1.00 35.22 ? 193 ASP A N   1 
ATOM   1217 C CA  . ASP A 1 145 ? 7.003   -4.425  18.922  1.00 36.42 ? 193 ASP A CA  1 
ATOM   1218 C C   . ASP A 1 145 ? 6.320   -3.066  19.008  1.00 36.02 ? 193 ASP A C   1 
ATOM   1219 O O   . ASP A 1 145 ? 5.279   -2.930  19.641  1.00 35.07 ? 193 ASP A O   1 
ATOM   1220 C CB  . ASP A 1 145 ? 7.837   -4.672  20.185  1.00 39.51 ? 193 ASP A CB  1 
ATOM   1221 C CG  . ASP A 1 145 ? 8.485   -6.047  20.196  1.00 41.35 ? 193 ASP A CG  1 
ATOM   1222 O OD1 . ASP A 1 145 ? 7.765   -7.054  20.020  1.00 43.40 ? 193 ASP A OD1 1 
ATOM   1223 O OD2 . ASP A 1 145 ? 9.718   -6.121  20.384  1.00 45.05 ? 193 ASP A OD2 1 
ATOM   1224 N N   . GLY A 1 146 ? 6.902   -2.073  18.342  1.00 36.31 ? 194 GLY A N   1 
ATOM   1225 C CA  . GLY A 1 146 ? 6.354   -0.727  18.375  1.00 35.76 ? 194 GLY A CA  1 
ATOM   1226 C C   . GLY A 1 146 ? 5.196   -0.410  17.446  1.00 35.88 ? 194 GLY A C   1 
ATOM   1227 O O   . GLY A 1 146 ? 4.671   0.706   17.471  1.00 37.16 ? 194 GLY A O   1 
ATOM   1228 N N   . GLY A 1 147 ? 4.788   -1.366  16.620  1.00 34.60 ? 195 GLY A N   1 
ATOM   1229 C CA  . GLY A 1 147 ? 3.677   -1.106  15.720  1.00 34.15 ? 195 GLY A CA  1 
ATOM   1230 C C   . GLY A 1 147 ? 2.583   -2.157  15.788  1.00 33.30 ? 195 GLY A C   1 
ATOM   1231 O O   . GLY A 1 147 ? 2.817   -3.291  16.209  1.00 33.98 ? 195 GLY A O   1 
ATOM   1232 N N   . THR A 1 148 ? 1.377   -1.788  15.378  1.00 31.74 ? 196 THR A N   1 
ATOM   1233 C CA  . THR A 1 148 ? 0.272   -2.735  15.389  1.00 30.04 ? 196 THR A CA  1 
ATOM   1234 C C   . THR A 1 148 ? 0.190   -3.419  14.033  1.00 28.94 ? 196 THR A C   1 
ATOM   1235 O O   . THR A 1 148 ? -0.058  -2.767  13.014  1.00 29.54 ? 196 THR A O   1 
ATOM   1236 C CB  . THR A 1 148 ? -1.077  -2.043  15.658  1.00 30.28 ? 196 THR A CB  1 
ATOM   1237 O OG1 . THR A 1 148 ? -1.025  -1.367  16.918  1.00 32.81 ? 196 THR A OG1 1 
ATOM   1238 C CG2 . THR A 1 148 ? -2.205  -3.070  15.686  1.00 27.40 ? 196 THR A CG2 1 
ATOM   1239 N N   . LEU A 1 149 ? 0.408   -4.728  14.020  1.00 26.69 ? 197 LEU A N   1 
ATOM   1240 C CA  . LEU A 1 149 ? 0.347   -5.494  12.782  1.00 24.98 ? 197 LEU A CA  1 
ATOM   1241 C C   . LEU A 1 149 ? -1.108  -5.834  12.480  1.00 25.13 ? 197 LEU A C   1 
ATOM   1242 O O   . LEU A 1 149 ? -1.774  -6.499  13.273  1.00 25.05 ? 197 LEU A O   1 
ATOM   1243 C CB  . LEU A 1 149 ? 1.151   -6.782  12.912  1.00 22.20 ? 197 LEU A CB  1 
ATOM   1244 C CG  . LEU A 1 149 ? 1.253   -7.605  11.629  1.00 21.46 ? 197 LEU A CG  1 
ATOM   1245 C CD1 . LEU A 1 149 ? 1.751   -6.725  10.496  1.00 16.79 ? 197 LEU A CD1 1 
ATOM   1246 C CD2 . LEU A 1 149 ? 2.191   -8.780  11.866  1.00 19.71 ? 197 LEU A CD2 1 
ATOM   1247 N N   . MET A 1 150 ? -1.596  -5.371  11.334  1.00 24.95 ? 198 MET A N   1 
ATOM   1248 C CA  . MET A 1 150 ? -2.981  -5.607  10.934  1.00 25.25 ? 198 MET A CA  1 
ATOM   1249 C C   . MET A 1 150 ? -3.089  -6.424  9.662   1.00 24.87 ? 198 MET A C   1 
ATOM   1250 O O   . MET A 1 150 ? -2.218  -6.356  8.791   1.00 24.25 ? 198 MET A O   1 
ATOM   1251 C CB  . MET A 1 150 ? -3.695  -4.271  10.753  1.00 24.28 ? 198 MET A CB  1 
ATOM   1252 C CG  . MET A 1 150 ? -3.633  -3.426  11.994  1.00 27.90 ? 198 MET A CG  1 
ATOM   1253 S SD  . MET A 1 150 ? -4.647  -1.982  11.849  1.00 32.64 ? 198 MET A SD  1 
ATOM   1254 C CE  . MET A 1 150 ? -6.276  -2.705  12.165  1.00 27.42 ? 198 MET A CE  1 
ATOM   1255 N N   . GLU A 1 151 ? -4.169  -7.187  9.539   1.00 23.92 ? 199 GLU A N   1 
ATOM   1256 C CA  . GLU A 1 151 ? -4.322  -8.019  8.361   1.00 23.65 ? 199 GLU A CA  1 
ATOM   1257 C C   . GLU A 1 151 ? -5.706  -7.976  7.755   1.00 22.68 ? 199 GLU A C   1 
ATOM   1258 O O   . GLU A 1 151 ? -6.702  -7.751  8.452   1.00 22.70 ? 199 GLU A O   1 
ATOM   1259 C CB  . GLU A 1 151 ? -3.972  -9.479  8.691   1.00 24.93 ? 199 GLU A CB  1 
ATOM   1260 C CG  . GLU A 1 151 ? -4.965  -10.157 9.611   1.00 25.75 ? 199 GLU A CG  1 
ATOM   1261 C CD  . GLU A 1 151 ? -5.008  -11.676 9.432   1.00 28.51 ? 199 GLU A CD  1 
ATOM   1262 O OE1 . GLU A 1 151 ? -6.060  -12.277 9.749   1.00 28.61 ? 199 GLU A OE1 1 
ATOM   1263 O OE2 . GLU A 1 151 ? -4.007  -12.277 8.982   1.00 29.07 ? 199 GLU A OE2 1 
ATOM   1264 N N   . CYS A 1 152 ? -5.753  -8.197  6.443   1.00 20.73 ? 200 CYS A N   1 
ATOM   1265 C CA  . CYS A 1 152 ? -7.008  -8.237  5.710   1.00 19.16 ? 200 CYS A CA  1 
ATOM   1266 C C   . CYS A 1 152 ? -7.041  -9.495  4.864   1.00 18.87 ? 200 CYS A C   1 
ATOM   1267 O O   . CYS A 1 152 ? -6.192  -9.707  4.006   1.00 17.98 ? 200 CYS A O   1 
ATOM   1268 C CB  . CYS A 1 152 ? -7.169  -7.026  4.795   1.00 19.28 ? 200 CYS A CB  1 
ATOM   1269 S SG  . CYS A 1 152 ? -8.731  -7.053  3.872   1.00 23.75 ? 200 CYS A SG  1 
ATOM   1270 N N   . TYR A 1 153 ? -8.029  -10.336 5.122   1.00 20.48 ? 201 TYR A N   1 
ATOM   1271 C CA  . TYR A 1 153 ? -8.186  -11.563 4.372   1.00 20.47 ? 201 TYR A CA  1 
ATOM   1272 C C   . TYR A 1 153 ? -8.774  -11.217 3.006   1.00 20.07 ? 201 TYR A C   1 
ATOM   1273 O O   . TYR A 1 153 ? -9.661  -10.381 2.897   1.00 18.97 ? 201 TYR A O   1 
ATOM   1274 C CB  . TYR A 1 153 ? -9.121  -12.512 5.126   1.00 23.28 ? 201 TYR A CB  1 
ATOM   1275 C CG  . TYR A 1 153 ? -9.457  -13.782 4.374   1.00 26.38 ? 201 TYR A CG  1 
ATOM   1276 C CD1 . TYR A 1 153 ? -8.452  -14.620 3.894   1.00 26.70 ? 201 TYR A CD1 1 
ATOM   1277 C CD2 . TYR A 1 153 ? -10.786 -14.157 4.160   1.00 28.48 ? 201 TYR A CD2 1 
ATOM   1278 C CE1 . TYR A 1 153 ? -8.759  -15.800 3.219   1.00 29.57 ? 201 TYR A CE1 1 
ATOM   1279 C CE2 . TYR A 1 153 ? -11.100 -15.341 3.484   1.00 31.42 ? 201 TYR A CE2 1 
ATOM   1280 C CZ  . TYR A 1 153 ? -10.085 -16.153 3.018   1.00 30.30 ? 201 TYR A CZ  1 
ATOM   1281 O OH  . TYR A 1 153 ? -10.395 -17.318 2.352   1.00 32.35 ? 201 TYR A OH  1 
ATOM   1282 N N   . ILE A 1 154 ? -8.246  -11.845 1.963   1.00 20.10 ? 202 ILE A N   1 
ATOM   1283 C CA  . ILE A 1 154 ? -8.726  -11.635 0.604   1.00 19.40 ? 202 ILE A CA  1 
ATOM   1284 C C   . ILE A 1 154 ? -9.395  -12.946 0.207   1.00 21.10 ? 202 ILE A C   1 
ATOM   1285 O O   . ILE A 1 154 ? -8.721  -13.910 -0.144  1.00 18.76 ? 202 ILE A O   1 
ATOM   1286 C CB  . ILE A 1 154 ? -7.563  -11.361 -0.384  1.00 18.97 ? 202 ILE A CB  1 
ATOM   1287 C CG1 . ILE A 1 154 ? -6.816  -10.095 0.021   1.00 17.89 ? 202 ILE A CG1 1 
ATOM   1288 C CG2 . ILE A 1 154 ? -8.105  -11.236 -1.808  1.00 16.76 ? 202 ILE A CG2 1 
ATOM   1289 C CD1 . ILE A 1 154 ? -7.674  -8.835  -0.021  1.00 16.93 ? 202 ILE A CD1 1 
ATOM   1290 N N   . HIS A 1 155 ? -10.719 -12.987 0.290   1.00 23.30 ? 203 HIS A N   1 
ATOM   1291 C CA  . HIS A 1 155 ? -11.461 -14.190 -0.068  1.00 24.43 ? 203 HIS A CA  1 
ATOM   1292 C C   . HIS A 1 155 ? -11.404 -14.358 -1.592  1.00 23.91 ? 203 HIS A C   1 
ATOM   1293 O O   . HIS A 1 155 ? -11.615 -13.400 -2.328  1.00 22.44 ? 203 HIS A O   1 
ATOM   1294 C CB  . HIS A 1 155 ? -12.913 -14.061 0.386   1.00 27.54 ? 203 HIS A CB  1 
ATOM   1295 C CG  . HIS A 1 155 ? -13.693 -15.331 0.262   1.00 31.08 ? 203 HIS A CG  1 
ATOM   1296 N ND1 . HIS A 1 155 ? -13.563 -16.368 1.159   1.00 33.87 ? 203 HIS A ND1 1 
ATOM   1297 C CD2 . HIS A 1 155 ? -14.568 -15.753 -0.681  1.00 30.32 ? 203 HIS A CD2 1 
ATOM   1298 C CE1 . HIS A 1 155 ? -14.324 -17.378 0.773   1.00 33.61 ? 203 HIS A CE1 1 
ATOM   1299 N NE2 . HIS A 1 155 ? -14.945 -17.029 -0.340  1.00 31.75 ? 203 HIS A NE2 1 
ATOM   1300 N N   . PRO A 1 156 ? -11.146 -15.585 -2.079  1.00 24.12 ? 204 PRO A N   1 
ATOM   1301 C CA  . PRO A 1 156 ? -11.057 -15.862 -3.516  1.00 24.01 ? 204 PRO A CA  1 
ATOM   1302 C C   . PRO A 1 156 ? -12.224 -15.410 -4.389  1.00 25.60 ? 204 PRO A C   1 
ATOM   1303 O O   . PRO A 1 156 ? -12.029 -15.130 -5.570  1.00 24.74 ? 204 PRO A O   1 
ATOM   1304 C CB  . PRO A 1 156 ? -10.838 -17.371 -3.564  1.00 24.46 ? 204 PRO A CB  1 
ATOM   1305 C CG  . PRO A 1 156 ? -11.554 -17.846 -2.337  1.00 24.18 ? 204 PRO A CG  1 
ATOM   1306 C CD  . PRO A 1 156 ? -11.127 -16.839 -1.309  1.00 23.20 ? 204 PRO A CD  1 
ATOM   1307 N N   . TYR A 1 157 ? -13.435 -15.345 -3.844  1.00 26.03 ? 205 TYR A N   1 
ATOM   1308 C CA  . TYR A 1 157 ? -14.532 -14.905 -4.683  1.00 26.21 ? 205 TYR A CA  1 
ATOM   1309 C C   . TYR A 1 157 ? -15.526 -13.908 -4.103  1.00 25.74 ? 205 TYR A C   1 
ATOM   1310 O O   . TYR A 1 157 ? -16.735 -14.029 -4.276  1.00 21.94 ? 205 TYR A O   1 
ATOM   1311 C CB  . TYR A 1 157 ? -15.253 -16.113 -5.311  1.00 29.50 ? 205 TYR A CB  1 
ATOM   1312 C CG  . TYR A 1 157 ? -15.698 -17.198 -4.362  1.00 31.04 ? 205 TYR A CG  1 
ATOM   1313 C CD1 . TYR A 1 157 ? -16.883 -17.077 -3.643  1.00 32.47 ? 205 TYR A CD1 1 
ATOM   1314 C CD2 . TYR A 1 157 ? -14.944 -18.359 -4.205  1.00 31.51 ? 205 TYR A CD2 1 
ATOM   1315 C CE1 . TYR A 1 157 ? -17.313 -18.091 -2.790  1.00 33.46 ? 205 TYR A CE1 1 
ATOM   1316 C CE2 . TYR A 1 157 ? -15.357 -19.378 -3.357  1.00 33.97 ? 205 TYR A CE2 1 
ATOM   1317 C CZ  . TYR A 1 157 ? -16.544 -19.241 -2.651  1.00 34.08 ? 205 TYR A CZ  1 
ATOM   1318 O OH  . TYR A 1 157 ? -16.960 -20.255 -1.819  1.00 35.18 ? 205 TYR A OH  1 
ATOM   1319 N N   . VAL A 1 158 ? -14.978 -12.917 -3.407  1.00 25.96 ? 206 VAL A N   1 
ATOM   1320 C CA  . VAL A 1 158 ? -15.748 -11.812 -2.861  1.00 26.73 ? 206 VAL A CA  1 
ATOM   1321 C C   . VAL A 1 158 ? -15.440 -10.723 -3.884  1.00 28.83 ? 206 VAL A C   1 
ATOM   1322 O O   . VAL A 1 158 ? -14.326 -10.669 -4.414  1.00 25.93 ? 206 VAL A O   1 
ATOM   1323 C CB  . VAL A 1 158 ? -15.225 -11.351 -1.487  1.00 25.55 ? 206 VAL A CB  1 
ATOM   1324 C CG1 . VAL A 1 158 ? -15.804 -9.990  -1.140  1.00 27.81 ? 206 VAL A CG1 1 
ATOM   1325 C CG2 . VAL A 1 158 ? -15.616 -12.343 -0.420  1.00 25.92 ? 206 VAL A CG2 1 
ATOM   1326 N N   . ASP A 1 159 ? -16.410 -9.876  -4.191  1.00 30.80 ? 207 ASP A N   1 
ATOM   1327 C CA  . ASP A 1 159 ? -16.149 -8.824  -5.164  1.00 34.84 ? 207 ASP A CA  1 
ATOM   1328 C C   . ASP A 1 159 ? -15.656 -7.547  -4.494  1.00 36.58 ? 207 ASP A C   1 
ATOM   1329 O O   . ASP A 1 159 ? -16.397 -6.909  -3.745  1.00 36.51 ? 207 ASP A O   1 
ATOM   1330 C CB  . ASP A 1 159 ? -17.402 -8.507  -5.978  1.00 35.67 ? 207 ASP A CB  1 
ATOM   1331 C CG  . ASP A 1 159 ? -17.128 -7.517  -7.105  1.00 37.27 ? 207 ASP A CG  1 
ATOM   1332 O OD1 . ASP A 1 159 ? -16.241 -6.654  -6.940  1.00 37.96 ? 207 ASP A OD1 1 
ATOM   1333 O OD2 . ASP A 1 159 ? -17.803 -7.602  -8.148  1.00 35.86 ? 207 ASP A OD2 1 
ATOM   1334 N N   . TYR A 1 160 ? -14.401 -7.183  -4.764  1.00 38.69 ? 208 TYR A N   1 
ATOM   1335 C CA  . TYR A 1 160 ? -13.818 -5.963  -4.206  1.00 41.05 ? 208 TYR A CA  1 
ATOM   1336 C C   . TYR A 1 160 ? -13.714 -4.940  -5.342  1.00 44.17 ? 208 TYR A C   1 
ATOM   1337 O O   . TYR A 1 160 ? -13.045 -5.186  -6.336  1.00 45.88 ? 208 TYR A O   1 
ATOM   1338 C CB  . TYR A 1 160 ? -12.413 -6.226  -3.637  1.00 37.74 ? 208 TYR A CB  1 
ATOM   1339 C CG  . TYR A 1 160 ? -12.321 -7.334  -2.612  1.00 35.09 ? 208 TYR A CG  1 
ATOM   1340 C CD1 . TYR A 1 160 ? -12.129 -8.664  -3.006  1.00 33.82 ? 208 TYR A CD1 1 
ATOM   1341 C CD2 . TYR A 1 160 ? -12.429 -7.059  -1.246  1.00 33.36 ? 208 TYR A CD2 1 
ATOM   1342 C CE1 . TYR A 1 160 ? -12.050 -9.683  -2.070  1.00 32.20 ? 208 TYR A CE1 1 
ATOM   1343 C CE2 . TYR A 1 160 ? -12.352 -8.080  -0.300  1.00 32.70 ? 208 TYR A CE2 1 
ATOM   1344 C CZ  . TYR A 1 160 ? -12.162 -9.391  -0.724  1.00 33.29 ? 208 TYR A CZ  1 
ATOM   1345 O OH  . TYR A 1 160 ? -12.079 -10.413 0.199   1.00 34.25 ? 208 TYR A OH  1 
ATOM   1346 N N   . GLY A 1 161 ? -14.384 -3.804  -5.209  1.00 48.49 ? 209 GLY A N   1 
ATOM   1347 C CA  . GLY A 1 161 ? -14.316 -2.802  -6.258  1.00 53.57 ? 209 GLY A CA  1 
ATOM   1348 C C   . GLY A 1 161 ? -14.634 -3.354  -7.636  1.00 57.43 ? 209 GLY A C   1 
ATOM   1349 O O   . GLY A 1 161 ? -15.787 -3.699  -7.906  1.00 58.40 ? 209 GLY A O   1 
ATOM   1350 N N   . ARG A 1 162 ? -13.623 -3.446  -8.503  1.00 60.53 ? 210 ARG A N   1 
ATOM   1351 C CA  . ARG A 1 162 ? -13.816 -3.946  -9.866  1.00 62.69 ? 210 ARG A CA  1 
ATOM   1352 C C   . ARG A 1 162 ? -12.546 -3.833  -10.714 1.00 63.10 ? 210 ARG A C   1 
ATOM   1353 O O   . ARG A 1 162 ? -12.105 -4.877  -11.243 1.00 63.06 ? 210 ARG A O   1 
ATOM   1354 C CB  . ARG A 1 162 ? -14.941 -3.163  -10.543 1.00 64.57 ? 210 ARG A CB  1 
ATOM   1355 C CG  . ARG A 1 162 ? -15.433 -3.737  -11.856 1.00 66.08 ? 210 ARG A CG  1 
ATOM   1356 C CD  . ARG A 1 162 ? -16.461 -2.816  -12.515 1.00 68.07 ? 210 ARG A CD  1 
ATOM   1357 N NE  . ARG A 1 162 ? -17.559 -2.443  -11.621 1.00 70.28 ? 210 ARG A NE  1 
ATOM   1358 C CZ  . ARG A 1 162 ? -17.498 -1.486  -10.695 1.00 71.18 ? 210 ARG A CZ  1 
ATOM   1359 N NH1 . ARG A 1 162 ? -16.386 -0.782  -10.520 1.00 71.68 ? 210 ARG A NH1 1 
ATOM   1360 N NH2 . ARG A 1 162 ? -18.563 -1.225  -9.945  1.00 71.55 ? 210 ARG A NH2 1 
ATOM   1361 O OXT . ARG A 1 162 ? -12.014 -2.706  -10.850 1.00 63.59 ? 210 ARG A OXT 1 
ATOM   1362 N N   . LYS B 2 8   ? 4.823   2.429   6.342   1.00 64.95 ? 308 LYS B N   1 
ATOM   1363 C CA  . LYS B 2 8   ? 3.441   2.883   6.654   1.00 63.93 ? 308 LYS B CA  1 
ATOM   1364 C C   . LYS B 2 8   ? 3.487   3.747   7.915   1.00 65.14 ? 308 LYS B C   1 
ATOM   1365 O O   . LYS B 2 8   ? 2.470   3.957   8.576   1.00 65.21 ? 308 LYS B O   1 
ATOM   1366 C CB  . LYS B 2 8   ? 2.530   1.663   6.864   1.00 62.05 ? 308 LYS B CB  1 
ATOM   1367 C CG  . LYS B 2 8   ? 1.050   1.988   6.990   1.00 60.15 ? 308 LYS B CG  1 
ATOM   1368 C CD  . LYS B 2 8   ? 0.213   1.275   5.933   1.00 58.56 ? 308 LYS B CD  1 
ATOM   1369 C CE  . LYS B 2 8   ? 0.280   1.940   4.578   1.00 54.85 ? 308 LYS B CE  1 
ATOM   1370 N NZ  . LYS B 2 8   ? 1.682   2.128   4.155   1.00 58.27 ? 308 LYS B NZ  1 
ATOM   1371 N N   . GLY B 2 9   ? 4.681   4.249   8.230   1.00 66.08 ? 309 GLY B N   1 
ATOM   1372 C CA  . GLY B 2 9   ? 4.873   5.080   9.408   1.00 67.46 ? 309 GLY B CA  1 
ATOM   1373 C C   . GLY B 2 9   ? 3.855   6.188   9.572   1.00 68.90 ? 309 GLY B C   1 
ATOM   1374 O O   . GLY B 2 9   ? 3.838   7.128   8.777   1.00 68.46 ? 309 GLY B O   1 
ATOM   1375 N N   . LEU B 2 10  ? 3.027   6.101   10.613  1.00 70.52 ? 310 LEU B N   1 
ATOM   1376 C CA  . LEU B 2 10  ? 1.974   7.095   10.813  1.00 71.83 ? 310 LEU B CA  1 
ATOM   1377 C C   . LEU B 2 10  ? 1.836   7.744   12.184  1.00 72.54 ? 310 LEU B C   1 
ATOM   1378 O O   . LEU B 2 10  ? 1.746   7.065   13.211  1.00 73.53 ? 310 LEU B O   1 
ATOM   1379 C CB  . LEU B 2 10  ? 0.636   6.479   10.422  1.00 72.37 ? 310 LEU B CB  1 
ATOM   1380 C CG  . LEU B 2 10  ? -0.051  7.220   9.285   1.00 72.95 ? 310 LEU B CG  1 
ATOM   1381 C CD1 . LEU B 2 10  ? 0.944   7.552   8.196   1.00 73.16 ? 310 LEU B CD1 1 
ATOM   1382 C CD2 . LEU B 2 10  ? -1.182  6.373   8.764   1.00 73.24 ? 310 LEU B CD2 1 
ATOM   1383 N N   . GLY B 2 11  ? 1.799   9.073   12.176  1.00 72.49 ? 311 GLY B N   1 
ATOM   1384 C CA  . GLY B 2 11  ? 1.660   9.837   13.399  1.00 72.49 ? 311 GLY B CA  1 
ATOM   1385 C C   . GLY B 2 11  ? 0.460   10.751  13.250  1.00 73.30 ? 311 GLY B C   1 
ATOM   1386 O O   . GLY B 2 11  ? 0.589   11.908  12.854  1.00 73.65 ? 311 GLY B O   1 
ATOM   1387 N N   . LYS B 2 12  ? -0.714  10.217  13.570  1.00 73.47 ? 312 LYS B N   1 
ATOM   1388 C CA  . LYS B 2 12  ? -1.968  10.949  13.489  1.00 73.75 ? 312 LYS B CA  1 
ATOM   1389 C C   . LYS B 2 12  ? -2.078  11.775  12.205  1.00 74.35 ? 312 LYS B C   1 
ATOM   1390 O O   . LYS B 2 12  ? -1.505  11.424  11.177  1.00 74.91 ? 312 LYS B O   1 
ATOM   1391 C CB  . LYS B 2 12  ? -2.144  11.871  14.701  1.00 74.02 ? 312 LYS B CB  1 
ATOM   1392 C CG  . LYS B 2 12  ? -1.089  11.734  15.793  1.00 74.21 ? 312 LYS B CG  1 
ATOM   1393 C CD  . LYS B 2 12  ? 0.084   12.669  15.538  1.00 74.48 ? 312 LYS B CD  1 
ATOM   1394 C CE  . LYS B 2 12  ? 1.122   12.598  16.643  1.00 74.58 ? 312 LYS B CE  1 
ATOM   1395 N NZ  . LYS B 2 12  ? 1.701   11.234  16.797  1.00 73.58 ? 312 LYS B NZ  1 
ATOM   1396 N N   . GLY B 2 13  ? -2.830  12.872  12.260  1.00 74.78 ? 313 GLY B N   1 
ATOM   1397 C CA  . GLY B 2 13  ? -3.008  13.717  11.085  1.00 75.31 ? 313 GLY B CA  1 
ATOM   1398 C C   . GLY B 2 13  ? -3.681  12.984  9.936   1.00 75.82 ? 313 GLY B C   1 
ATOM   1399 O O   . GLY B 2 13  ? -4.723  12.349  10.111  1.00 75.54 ? 313 GLY B O   1 
ATOM   1400 N N   . GLY B 2 14  ? -3.087  13.091  8.753   1.00 76.54 ? 314 GLY B N   1 
ATOM   1401 C CA  . GLY B 2 14  ? -3.639  12.448  7.574   1.00 77.18 ? 314 GLY B CA  1 
ATOM   1402 C C   . GLY B 2 14  ? -5.085  12.809  7.290   1.00 77.90 ? 314 GLY B C   1 
ATOM   1403 O O   . GLY B 2 14  ? -5.914  11.923  7.034   1.00 78.19 ? 314 GLY B O   1 
ATOM   1404 N N   . ALA B 2 15  ? -5.386  14.106  7.333   1.00 78.05 ? 315 ALA B N   1 
ATOM   1405 C CA  . ALA B 2 15  ? -6.737  14.604  7.078   1.00 77.93 ? 315 ALA B CA  1 
ATOM   1406 C C   . ALA B 2 15  ? -7.763  13.775  7.882   1.00 78.11 ? 315 ALA B C   1 
ATOM   1407 O O   . ALA B 2 15  ? -8.707  13.245  7.263   1.00 78.04 ? 315 ALA B O   1 
ATOM   1408 C CB  . ALA B 2 15  ? -7.051  14.556  5.596   1.00 77.46 ? 315 ALA B CB  1 
HETATM 1409 N N1A . COA C 3 .   ? -8.905  6.331   11.113  1.00 72.85 ? 401 COA A N1A 1 
HETATM 1410 C C2A . COA C 3 .   ? -10.202 6.696   10.754  1.00 72.68 ? 401 COA A C2A 1 
HETATM 1411 N N3A . COA C 3 .   ? -10.551 7.390   9.634   1.00 71.95 ? 401 COA A N3A 1 
HETATM 1412 C C4A . COA C 3 .   ? -9.492  7.729   8.858   1.00 71.52 ? 401 COA A C4A 1 
HETATM 1413 C C5A . COA C 3 .   ? -8.126  7.442   9.092   1.00 72.34 ? 401 COA A C5A 1 
HETATM 1414 C C6A . COA C 3 .   ? -7.831  6.677   10.320  1.00 73.30 ? 401 COA A C6A 1 
HETATM 1415 N N6A . COA C 3 .   ? -6.640  6.355   10.614  1.00 74.17 ? 401 COA A N6A 1 
HETATM 1416 N N7A . COA C 3 .   ? -7.313  7.931   8.121   1.00 72.40 ? 401 COA A N7A 1 
HETATM 1417 C C8A . COA C 3 .   ? -8.147  8.533   7.247   1.00 71.17 ? 401 COA A C8A 1 
HETATM 1418 N N9A . COA C 3 .   ? -9.495  8.434   7.631   1.00 70.42 ? 401 COA A N9A 1 
HETATM 1419 C C1B . COA C 3 .   ? -10.760 8.482   6.600   1.00 29.94 ? 401 COA A C1B 1 
HETATM 1420 C C2B . COA C 3 .   ? -10.513 9.016   5.169   1.00 29.94 ? 401 COA A C2B 1 
HETATM 1421 O O2B . COA C 3 .   ? -9.885  10.272  5.128   1.00 29.94 ? 401 COA A O2B 1 
HETATM 1422 C C3B . COA C 3 .   ? -11.998 8.968   4.611   1.00 29.94 ? 401 COA A C3B 1 
HETATM 1423 O O3B . COA C 3 .   ? -12.885 10.038  5.162   1.00 29.94 ? 401 COA A O3B 1 
HETATM 1424 P P3B . COA C 3 .   ? -14.461 9.626   5.653   1.00 29.94 ? 401 COA A P3B 1 
HETATM 1425 O O7A . COA C 3 .   ? -14.937 9.150   4.273   1.00 71.43 ? 401 COA A O7A 1 
HETATM 1426 O O8A . COA C 3 .   ? -15.513 10.785  6.182   1.00 69.72 ? 401 COA A O8A 1 
HETATM 1427 O O9A . COA C 3 .   ? -14.231 8.553   6.763   1.00 69.78 ? 401 COA A O9A 1 
HETATM 1428 C C4B . COA C 3 .   ? -12.232 7.300   4.784   1.00 29.94 ? 401 COA A C4B 1 
HETATM 1429 O O4B . COA C 3 .   ? -11.302 7.080   6.101   1.00 29.94 ? 401 COA A O4B 1 
HETATM 1430 C C5B . COA C 3 .   ? -11.847 6.332   3.403   1.00 29.94 ? 401 COA A C5B 1 
HETATM 1431 O O5B . COA C 3 .   ? -11.479 7.525   2.634   1.00 29.94 ? 401 COA A O5B 1 
HETATM 1432 P P1A . COA C 3 .   ? -10.883 8.563   1.470   1.00 48.73 ? 401 COA A P1A 1 
HETATM 1433 O O1A . COA C 3 .   ? -11.494 9.916   1.640   1.00 47.95 ? 401 COA A O1A 1 
HETATM 1434 O O2A . COA C 3 .   ? -10.330 11.055  6.332   1.00 67.29 ? 401 COA A O2A 1 
HETATM 1435 O O3A . COA C 3 .   ? -12.936 10.495  5.442   1.00 68.18 ? 401 COA A O3A 1 
HETATM 1436 P P2A . COA C 3 .   ? -8.404  9.792   0.537   1.00 34.20 ? 401 COA A P2A 1 
HETATM 1437 O O4A . COA C 3 .   ? -11.280 7.660   6.142   1.00 66.70 ? 401 COA A O4A 1 
HETATM 1438 O O5A . COA C 3 .   ? -10.650 7.870   2.949   1.00 52.81 ? 401 COA A O5A 1 
HETATM 1439 O O6A . COA C 3 .   ? -7.063  8.887   0.835   1.00 34.83 ? 401 COA A O6A 1 
HETATM 1440 C CBP . COA C 3 .   ? -4.885  8.617   1.937   1.00 29.94 ? 401 COA A CBP 1 
HETATM 1441 C CCP . COA C 3 .   ? -5.686  8.771   0.539   1.00 29.94 ? 401 COA A CCP 1 
HETATM 1442 C CDP . COA C 3 .   ? -4.532  7.183   2.565   1.00 29.94 ? 401 COA A CDP 1 
HETATM 1443 C CEP . COA C 3 .   ? -6.304  8.174   2.324   1.00 29.94 ? 401 COA A CEP 1 
HETATM 1444 C CAP . COA C 3 .   ? -5.023  9.896   2.926   1.00 29.94 ? 401 COA A CAP 1 
HETATM 1445 O OAP . COA C 3 .   ? -4.688  11.092  3.690   1.00 29.94 ? 401 COA A OAP 1 
HETATM 1446 C C9P . COA C 3 .   ? -3.409  10.107  2.953   1.00 26.96 ? 401 COA A C9P 1 
HETATM 1447 O O9P . COA C 3 .   ? -2.535  10.181  1.926   1.00 25.88 ? 401 COA A O9P 1 
HETATM 1448 N N8P . COA C 3 .   ? -3.086  10.168  4.226   1.00 27.60 ? 401 COA A N8P 1 
HETATM 1449 C C7P . COA C 3 .   ? -1.729  10.335  4.759   1.00 28.68 ? 401 COA A C7P 1 
HETATM 1450 C C6P . COA C 3 .   ? -0.897  9.114   4.417   1.00 29.21 ? 401 COA A C6P 1 
HETATM 1451 C C5P . COA C 3 .   ? -1.254  7.976   5.313   1.00 29.70 ? 401 COA A C5P 1 
HETATM 1452 O O5P . COA C 3 .   ? -1.535  8.137   6.558   1.00 28.91 ? 401 COA A O5P 1 
HETATM 1453 N N4P . COA C 3 .   ? -1.245  6.825   4.680   1.00 30.68 ? 401 COA A N4P 1 
HETATM 1454 C C3P . COA C 3 .   ? -1.557  5.443   5.246   1.00 29.06 ? 401 COA A C3P 1 
HETATM 1455 C C2P . COA C 3 .   ? -0.367  5.035   6.094   1.00 31.31 ? 401 COA A C2P 1 
HETATM 1456 S S1P . COA C 3 .   ? 1.161   4.647   5.140   1.00 29.91 ? 401 COA A S1P 1 
HETATM 1457 O O   . HOH D 4 .   ? -9.695  11.551  -2.711  1.00 15.63 ? 501 HOH A O   1 
HETATM 1458 O O   . HOH D 4 .   ? 7.201   0.380   -6.386  1.00 19.62 ? 502 HOH A O   1 
HETATM 1459 O O   . HOH D 4 .   ? -13.356 9.887   -10.633 1.00 27.94 ? 503 HOH A O   1 
HETATM 1460 O O   . HOH D 4 .   ? 10.776  -0.953  -7.637  1.00 20.70 ? 504 HOH A O   1 
HETATM 1461 O O   . HOH D 4 .   ? 4.533   10.023  8.737   1.00 19.54 ? 505 HOH A O   1 
HETATM 1462 O O   . HOH D 4 .   ? 9.032   -10.736 -1.649  1.00 17.02 ? 506 HOH A O   1 
HETATM 1463 O O   . HOH D 4 .   ? 5.964   -7.253  -4.870  1.00 19.70 ? 507 HOH A O   1 
HETATM 1464 O O   . HOH D 4 .   ? 2.586   13.038  -11.760 1.00 31.84 ? 508 HOH A O   1 
HETATM 1465 O O   . HOH D 4 .   ? 9.103   -1.006  17.391  1.00 24.63 ? 509 HOH A O   1 
HETATM 1466 O O   . HOH D 4 .   ? 8.755   11.753  4.730   1.00 29.40 ? 510 HOH A O   1 
HETATM 1467 O O   . HOH D 4 .   ? 14.610  0.599   -19.528 1.00 19.95 ? 511 HOH A O   1 
HETATM 1468 O O   . HOH D 4 .   ? 3.389   -2.124  6.800   1.00 24.63 ? 512 HOH A O   1 
HETATM 1469 O O   . HOH D 4 .   ? -9.834  15.051  -8.917  1.00 29.06 ? 513 HOH A O   1 
HETATM 1470 O O   . HOH D 4 .   ? -14.153 8.981   -5.854  1.00 27.65 ? 514 HOH A O   1 
HETATM 1471 O O   . HOH D 4 .   ? -7.628  -15.283 -5.290  1.00 33.67 ? 515 HOH A O   1 
HETATM 1472 O O   . HOH D 4 .   ? -11.293 -1.037  0.980   1.00 23.89 ? 516 HOH A O   1 
HETATM 1473 O O   . HOH D 4 .   ? 1.493   -7.075  -9.415  1.00 28.15 ? 517 HOH A O   1 
HETATM 1474 O O   . HOH D 4 .   ? -9.576  -5.176  14.912  1.00 26.26 ? 518 HOH A O   1 
HETATM 1475 O O   . HOH D 4 .   ? 13.956  -2.348  -8.366  1.00 26.73 ? 519 HOH A O   1 
HETATM 1476 O O   . HOH D 4 .   ? 8.955   -15.188 -0.770  1.00 39.13 ? 520 HOH A O   1 
HETATM 1477 O O   . HOH D 4 .   ? 6.999   15.433  -11.916 1.00 33.90 ? 521 HOH A O   1 
HETATM 1478 O O   . HOH D 4 .   ? 3.861   0.463   -15.935 1.00 37.51 ? 522 HOH A O   1 
HETATM 1479 O O   . HOH D 4 .   ? 4.343   14.396  -6.799  1.00 27.51 ? 523 HOH A O   1 
HETATM 1480 O O   . HOH D 4 .   ? -8.369  -18.472 0.617   1.00 42.88 ? 524 HOH A O   1 
HETATM 1481 O O   . HOH D 4 .   ? 1.032   -5.766  16.364  1.00 37.48 ? 525 HOH A O   1 
HETATM 1482 O O   . HOH D 4 .   ? -12.719 -8.592  -6.611  1.00 26.48 ? 526 HOH A O   1 
HETATM 1483 O O   . HOH D 4 .   ? -10.063 -9.390  7.063   1.00 31.07 ? 527 HOH A O   1 
HETATM 1484 O O   . HOH D 4 .   ? -7.600  12.489  3.690   1.00 32.47 ? 528 HOH A O   1 
HETATM 1485 O O   . HOH D 4 .   ? 7.844   14.849  -8.037  1.00 32.27 ? 529 HOH A O   1 
HETATM 1486 O O   . HOH D 4 .   ? 8.328   -3.058  -11.338 1.00 28.28 ? 530 HOH A O   1 
HETATM 1487 O O   . HOH D 4 .   ? 16.222  0.489   -3.924  1.00 28.19 ? 531 HOH A O   1 
HETATM 1488 O O   . HOH D 4 .   ? 2.469   13.985  -9.116  1.00 28.59 ? 532 HOH A O   1 
HETATM 1489 O O   . HOH D 4 .   ? 13.650  10.979  -16.297 1.00 41.56 ? 533 HOH A O   1 
HETATM 1490 O O   . HOH D 4 .   ? 15.130  1.071   -12.024 1.00 41.21 ? 534 HOH A O   1 
HETATM 1491 O O   . HOH D 4 .   ? 4.315   -7.585  15.149  1.00 37.67 ? 535 HOH A O   1 
HETATM 1492 O O   . HOH D 4 .   ? -2.055  -2.170  -13.996 1.00 29.21 ? 536 HOH A O   1 
HETATM 1493 O O   . HOH D 4 .   ? -7.840  1.487   -14.009 1.00 40.18 ? 537 HOH A O   1 
HETATM 1494 O O   . HOH D 4 .   ? 3.689   4.021   -17.590 1.00 32.35 ? 538 HOH A O   1 
HETATM 1495 O O   . HOH D 4 .   ? 8.739   -2.261  -8.797  1.00 38.97 ? 539 HOH A O   1 
HETATM 1496 O O   . HOH D 4 .   ? 9.444   -12.118 11.583  1.00 39.34 ? 540 HOH A O   1 
HETATM 1497 O O   . HOH D 4 .   ? -1.171  -16.631 3.026   1.00 32.65 ? 541 HOH A O   1 
HETATM 1498 O O   . HOH D 4 .   ? 12.273  10.374  10.083  1.00 34.59 ? 542 HOH A O   1 
HETATM 1499 O O   . HOH D 4 .   ? -12.098 -10.061 3.539   1.00 30.40 ? 543 HOH A O   1 
HETATM 1500 O O   . HOH D 4 .   ? 4.386   -4.992  -11.525 1.00 33.25 ? 544 HOH A O   1 
HETATM 1501 O O   . HOH D 4 .   ? 15.024  1.051   -9.364  1.00 27.65 ? 545 HOH A O   1 
HETATM 1502 O O   . HOH D 4 .   ? -7.359  -14.560 -2.461  1.00 35.99 ? 546 HOH A O   1 
HETATM 1503 O O   . HOH D 4 .   ? 3.573   -5.660  16.936  1.00 40.40 ? 547 HOH A O   1 
# 
